data_3E9U
# 
_entry.id   3E9U 
# 
_audit_conform.dict_name       mmcif_pdbx.dic 
_audit_conform.dict_version    5.387 
_audit_conform.dict_location   http://mmcif.pdb.org/dictionaries/ascii/mmcif_pdbx.dic 
# 
loop_
_database_2.database_id 
_database_2.database_code 
_database_2.pdbx_database_accession 
_database_2.pdbx_DOI 
PDB   3E9U         pdb_00003e9u 10.2210/pdb3e9u/pdb 
RCSB  RCSB049056   ?            ?                   
WWPDB D_1000049056 ?            ?                   
# 
loop_
_pdbx_audit_revision_history.ordinal 
_pdbx_audit_revision_history.data_content_type 
_pdbx_audit_revision_history.major_revision 
_pdbx_audit_revision_history.minor_revision 
_pdbx_audit_revision_history.revision_date 
1 'Structure model' 1 0 2009-01-27 
2 'Structure model' 1 1 2011-07-13 
3 'Structure model' 1 2 2024-02-21 
# 
_pdbx_audit_revision_details.ordinal             1 
_pdbx_audit_revision_details.revision_ordinal    1 
_pdbx_audit_revision_details.data_content_type   'Structure model' 
_pdbx_audit_revision_details.provider            repository 
_pdbx_audit_revision_details.type                'Initial release' 
_pdbx_audit_revision_details.description         ? 
_pdbx_audit_revision_details.details             ? 
# 
loop_
_pdbx_audit_revision_group.ordinal 
_pdbx_audit_revision_group.revision_ordinal 
_pdbx_audit_revision_group.data_content_type 
_pdbx_audit_revision_group.group 
1 2 'Structure model' Advisory                    
2 2 'Structure model' 'Version format compliance' 
3 3 'Structure model' 'Data collection'           
4 3 'Structure model' 'Database references'       
# 
loop_
_pdbx_audit_revision_category.ordinal 
_pdbx_audit_revision_category.revision_ordinal 
_pdbx_audit_revision_category.data_content_type 
_pdbx_audit_revision_category.category 
1 3 'Structure model' chem_comp_atom     
2 3 'Structure model' chem_comp_bond     
3 3 'Structure model' database_2         
4 3 'Structure model' struct_ref_seq_dif 
# 
loop_
_pdbx_audit_revision_item.ordinal 
_pdbx_audit_revision_item.revision_ordinal 
_pdbx_audit_revision_item.data_content_type 
_pdbx_audit_revision_item.item 
1 3 'Structure model' '_database_2.pdbx_DOI'                
2 3 'Structure model' '_database_2.pdbx_database_accession' 
3 3 'Structure model' '_struct_ref_seq_dif.details'         
# 
_pdbx_database_status.status_code                     REL 
_pdbx_database_status.entry_id                        3E9U 
_pdbx_database_status.recvd_initial_deposition_date   2008-08-23 
_pdbx_database_status.deposit_site                    RCSB 
_pdbx_database_status.process_site                    RCSB 
_pdbx_database_status.status_code_sf                  REL 
_pdbx_database_status.status_code_mr                  ? 
_pdbx_database_status.SG_entry                        ? 
_pdbx_database_status.pdb_format_compatible           Y 
_pdbx_database_status.status_code_cs                  ? 
_pdbx_database_status.status_code_nmr_data            ? 
_pdbx_database_status.methods_development_category    ? 
# 
loop_
_pdbx_database_related.db_name 
_pdbx_database_related.db_id 
_pdbx_database_related.details 
_pdbx_database_related.content_type 
PDB 3E9T . unspecified 
PDB 3EAD . unspecified 
# 
loop_
_audit_author.name 
_audit_author.pdbx_ordinal 
'Wu, M.'    1 
'Zheng, L.' 2 
# 
_citation.id                        primary 
_citation.title                     
;Crystal structure of CBD2 from the Drosophila Na(+)/Ca(2+) exchanger: diversity of Ca(2+) regulation and its alternative splicing modification.
;
_citation.journal_abbrev            J.Mol.Biol. 
_citation.journal_volume            387 
_citation.page_first                104 
_citation.page_last                 112 
_citation.year                      2009 
_citation.journal_id_ASTM           JMOBAK 
_citation.country                   UK 
_citation.journal_id_ISSN           0022-2836 
_citation.journal_id_CSD            0070 
_citation.book_publisher            ? 
_citation.pdbx_database_id_PubMed   19361442 
_citation.pdbx_database_id_DOI      10.1016/j.jmb.2009.01.045 
# 
loop_
_citation_author.citation_id 
_citation_author.name 
_citation_author.ordinal 
_citation_author.identifier_ORCID 
primary 'Wu, M.'        1 ? 
primary 'Wang, M.'      2 ? 
primary 'Nix, J.'       3 ? 
primary 'Hryshko, L.V.' 4 ? 
primary 'Zheng, L.'     5 ? 
# 
loop_
_entity.id 
_entity.type 
_entity.src_method 
_entity.pdbx_description 
_entity.formula_weight 
_entity.pdbx_number_of_molecules 
_entity.pdbx_ec 
_entity.pdbx_mutation 
_entity.pdbx_fragment 
_entity.details 
1 polymer man 'Na/Ca exchange protein' 18360.662 1  ? ? 'Calx CBD2' ? 
2 water   nat water                    18.015    23 ? ? ?           ? 
# 
_entity_poly.entity_id                      1 
_entity_poly.type                           'polypeptide(L)' 
_entity_poly.nstd_linkage                   no 
_entity_poly.nstd_monomer                   no 
_entity_poly.pdbx_seq_one_letter_code       
;MGRGSEFGIFAFTDSVFEITESVGRFELKVMRYSGARGTVIVPYWTENDTATESKDYEGARGELVFENNESEKFIDLFIL
EESSYEKDVSFKVHIGEPRLAPDDGLAAKIKEVEKKPVQDLTELDRILLLSKPRNGELTTAYVRIRESQEFKATVDKLVA
KA
;
_entity_poly.pdbx_seq_one_letter_code_can   
;MGRGSEFGIFAFTDSVFEITESVGRFELKVMRYSGARGTVIVPYWTENDTATESKDYEGARGELVFENNESEKFIDLFIL
EESSYEKDVSFKVHIGEPRLAPDDGLAAKIKEVEKKPVQDLTELDRILLLSKPRNGELTTAYVRIRESQEFKATVDKLVA
KA
;
_entity_poly.pdbx_strand_id                 A 
_entity_poly.pdbx_target_identifier         ? 
# 
_pdbx_entity_nonpoly.entity_id   2 
_pdbx_entity_nonpoly.name        water 
_pdbx_entity_nonpoly.comp_id     HOH 
# 
loop_
_entity_poly_seq.entity_id 
_entity_poly_seq.num 
_entity_poly_seq.mon_id 
_entity_poly_seq.hetero 
1 1   MET n 
1 2   GLY n 
1 3   ARG n 
1 4   GLY n 
1 5   SER n 
1 6   GLU n 
1 7   PHE n 
1 8   GLY n 
1 9   ILE n 
1 10  PHE n 
1 11  ALA n 
1 12  PHE n 
1 13  THR n 
1 14  ASP n 
1 15  SER n 
1 16  VAL n 
1 17  PHE n 
1 18  GLU n 
1 19  ILE n 
1 20  THR n 
1 21  GLU n 
1 22  SER n 
1 23  VAL n 
1 24  GLY n 
1 25  ARG n 
1 26  PHE n 
1 27  GLU n 
1 28  LEU n 
1 29  LYS n 
1 30  VAL n 
1 31  MET n 
1 32  ARG n 
1 33  TYR n 
1 34  SER n 
1 35  GLY n 
1 36  ALA n 
1 37  ARG n 
1 38  GLY n 
1 39  THR n 
1 40  VAL n 
1 41  ILE n 
1 42  VAL n 
1 43  PRO n 
1 44  TYR n 
1 45  TRP n 
1 46  THR n 
1 47  GLU n 
1 48  ASN n 
1 49  ASP n 
1 50  THR n 
1 51  ALA n 
1 52  THR n 
1 53  GLU n 
1 54  SER n 
1 55  LYS n 
1 56  ASP n 
1 57  TYR n 
1 58  GLU n 
1 59  GLY n 
1 60  ALA n 
1 61  ARG n 
1 62  GLY n 
1 63  GLU n 
1 64  LEU n 
1 65  VAL n 
1 66  PHE n 
1 67  GLU n 
1 68  ASN n 
1 69  ASN n 
1 70  GLU n 
1 71  SER n 
1 72  GLU n 
1 73  LYS n 
1 74  PHE n 
1 75  ILE n 
1 76  ASP n 
1 77  LEU n 
1 78  PHE n 
1 79  ILE n 
1 80  LEU n 
1 81  GLU n 
1 82  GLU n 
1 83  SER n 
1 84  SER n 
1 85  TYR n 
1 86  GLU n 
1 87  LYS n 
1 88  ASP n 
1 89  VAL n 
1 90  SER n 
1 91  PHE n 
1 92  LYS n 
1 93  VAL n 
1 94  HIS n 
1 95  ILE n 
1 96  GLY n 
1 97  GLU n 
1 98  PRO n 
1 99  ARG n 
1 100 LEU n 
1 101 ALA n 
1 102 PRO n 
1 103 ASP n 
1 104 ASP n 
1 105 GLY n 
1 106 LEU n 
1 107 ALA n 
1 108 ALA n 
1 109 LYS n 
1 110 ILE n 
1 111 LYS n 
1 112 GLU n 
1 113 VAL n 
1 114 GLU n 
1 115 LYS n 
1 116 LYS n 
1 117 PRO n 
1 118 VAL n 
1 119 GLN n 
1 120 ASP n 
1 121 LEU n 
1 122 THR n 
1 123 GLU n 
1 124 LEU n 
1 125 ASP n 
1 126 ARG n 
1 127 ILE n 
1 128 LEU n 
1 129 LEU n 
1 130 LEU n 
1 131 SER n 
1 132 LYS n 
1 133 PRO n 
1 134 ARG n 
1 135 ASN n 
1 136 GLY n 
1 137 GLU n 
1 138 LEU n 
1 139 THR n 
1 140 THR n 
1 141 ALA n 
1 142 TYR n 
1 143 VAL n 
1 144 ARG n 
1 145 ILE n 
1 146 ARG n 
1 147 GLU n 
1 148 SER n 
1 149 GLN n 
1 150 GLU n 
1 151 PHE n 
1 152 LYS n 
1 153 ALA n 
1 154 THR n 
1 155 VAL n 
1 156 ASP n 
1 157 LYS n 
1 158 LEU n 
1 159 VAL n 
1 160 ALA n 
1 161 LYS n 
1 162 ALA n 
# 
_entity_src_gen.entity_id                          1 
_entity_src_gen.pdbx_src_id                        1 
_entity_src_gen.pdbx_alt_source_flag               sample 
_entity_src_gen.pdbx_seq_type                      ? 
_entity_src_gen.pdbx_beg_seq_num                   ? 
_entity_src_gen.pdbx_end_seq_num                   ? 
_entity_src_gen.gene_src_common_name               'Fruit fly' 
_entity_src_gen.gene_src_genus                     ? 
_entity_src_gen.pdbx_gene_src_gene                 'Calx, NCX, CG5685' 
_entity_src_gen.gene_src_species                   ? 
_entity_src_gen.gene_src_strain                    ? 
_entity_src_gen.gene_src_tissue                    ? 
_entity_src_gen.gene_src_tissue_fraction           ? 
_entity_src_gen.gene_src_details                   ? 
_entity_src_gen.pdbx_gene_src_fragment             ? 
_entity_src_gen.pdbx_gene_src_scientific_name      'Drosophila melanogaster' 
_entity_src_gen.pdbx_gene_src_ncbi_taxonomy_id     7227 
_entity_src_gen.pdbx_gene_src_variant              ? 
_entity_src_gen.pdbx_gene_src_cell_line            ? 
_entity_src_gen.pdbx_gene_src_atcc                 ? 
_entity_src_gen.pdbx_gene_src_organ                ? 
_entity_src_gen.pdbx_gene_src_organelle            ? 
_entity_src_gen.pdbx_gene_src_cell                 ? 
_entity_src_gen.pdbx_gene_src_cellular_location    ? 
_entity_src_gen.host_org_common_name               ? 
_entity_src_gen.pdbx_host_org_scientific_name      'Escherichia coli' 
_entity_src_gen.pdbx_host_org_ncbi_taxonomy_id     562 
_entity_src_gen.host_org_genus                     ? 
_entity_src_gen.pdbx_host_org_gene                 ? 
_entity_src_gen.pdbx_host_org_organ                ? 
_entity_src_gen.host_org_species                   ? 
_entity_src_gen.pdbx_host_org_tissue               ? 
_entity_src_gen.pdbx_host_org_tissue_fraction      ? 
_entity_src_gen.pdbx_host_org_strain               Bl-21 
_entity_src_gen.pdbx_host_org_variant              ? 
_entity_src_gen.pdbx_host_org_cell_line            ? 
_entity_src_gen.pdbx_host_org_atcc                 ? 
_entity_src_gen.pdbx_host_org_culture_collection   ? 
_entity_src_gen.pdbx_host_org_cell                 ? 
_entity_src_gen.pdbx_host_org_organelle            ? 
_entity_src_gen.pdbx_host_org_cellular_location    ? 
_entity_src_gen.pdbx_host_org_vector_type          plasmid 
_entity_src_gen.pdbx_host_org_vector               ? 
_entity_src_gen.host_org_details                   ? 
_entity_src_gen.expression_system_id               ? 
_entity_src_gen.plasmid_name                       pET28a 
_entity_src_gen.plasmid_details                    ? 
_entity_src_gen.pdbx_description                   ? 
# 
loop_
_chem_comp.id 
_chem_comp.type 
_chem_comp.mon_nstd_flag 
_chem_comp.name 
_chem_comp.pdbx_synonyms 
_chem_comp.formula 
_chem_comp.formula_weight 
ALA 'L-peptide linking' y ALANINE         ? 'C3 H7 N O2'     89.093  
ARG 'L-peptide linking' y ARGININE        ? 'C6 H15 N4 O2 1' 175.209 
ASN 'L-peptide linking' y ASPARAGINE      ? 'C4 H8 N2 O3'    132.118 
ASP 'L-peptide linking' y 'ASPARTIC ACID' ? 'C4 H7 N O4'     133.103 
GLN 'L-peptide linking' y GLUTAMINE       ? 'C5 H10 N2 O3'   146.144 
GLU 'L-peptide linking' y 'GLUTAMIC ACID' ? 'C5 H9 N O4'     147.129 
GLY 'peptide linking'   y GLYCINE         ? 'C2 H5 N O2'     75.067  
HIS 'L-peptide linking' y HISTIDINE       ? 'C6 H10 N3 O2 1' 156.162 
HOH non-polymer         . WATER           ? 'H2 O'           18.015  
ILE 'L-peptide linking' y ISOLEUCINE      ? 'C6 H13 N O2'    131.173 
LEU 'L-peptide linking' y LEUCINE         ? 'C6 H13 N O2'    131.173 
LYS 'L-peptide linking' y LYSINE          ? 'C6 H15 N2 O2 1' 147.195 
MET 'L-peptide linking' y METHIONINE      ? 'C5 H11 N O2 S'  149.211 
PHE 'L-peptide linking' y PHENYLALANINE   ? 'C9 H11 N O2'    165.189 
PRO 'L-peptide linking' y PROLINE         ? 'C5 H9 N O2'     115.130 
SER 'L-peptide linking' y SERINE          ? 'C3 H7 N O3'     105.093 
THR 'L-peptide linking' y THREONINE       ? 'C4 H9 N O3'     119.119 
TRP 'L-peptide linking' y TRYPTOPHAN      ? 'C11 H12 N2 O2'  204.225 
TYR 'L-peptide linking' y TYROSINE        ? 'C9 H11 N O3'    181.189 
VAL 'L-peptide linking' y VALINE          ? 'C5 H11 N O2'    117.146 
# 
loop_
_pdbx_poly_seq_scheme.asym_id 
_pdbx_poly_seq_scheme.entity_id 
_pdbx_poly_seq_scheme.seq_id 
_pdbx_poly_seq_scheme.mon_id 
_pdbx_poly_seq_scheme.ndb_seq_num 
_pdbx_poly_seq_scheme.pdb_seq_num 
_pdbx_poly_seq_scheme.auth_seq_num 
_pdbx_poly_seq_scheme.pdb_mon_id 
_pdbx_poly_seq_scheme.auth_mon_id 
_pdbx_poly_seq_scheme.pdb_strand_id 
_pdbx_poly_seq_scheme.pdb_ins_code 
_pdbx_poly_seq_scheme.hetero 
A 1 1   MET 1   548 548 MET MET A . n 
A 1 2   GLY 2   549 549 GLY GLY A . n 
A 1 3   ARG 3   550 550 ARG ARG A . n 
A 1 4   GLY 4   551 551 GLY GLY A . n 
A 1 5   SER 5   552 552 SER SER A . n 
A 1 6   GLU 6   553 553 GLU GLU A . n 
A 1 7   PHE 7   554 554 PHE PHE A . n 
A 1 8   GLY 8   555 555 GLY GLY A . n 
A 1 9   ILE 9   556 556 ILE ILE A . n 
A 1 10  PHE 10  557 557 PHE PHE A . n 
A 1 11  ALA 11  558 558 ALA ALA A . n 
A 1 12  PHE 12  559 559 PHE PHE A . n 
A 1 13  THR 13  560 560 THR THR A . n 
A 1 14  ASP 14  561 561 ASP ASP A . n 
A 1 15  SER 15  562 562 SER SER A . n 
A 1 16  VAL 16  563 563 VAL VAL A . n 
A 1 17  PHE 17  564 564 PHE PHE A . n 
A 1 18  GLU 18  565 565 GLU GLU A . n 
A 1 19  ILE 19  566 566 ILE ILE A . n 
A 1 20  THR 20  567 567 THR THR A . n 
A 1 21  GLU 21  568 568 GLU GLU A . n 
A 1 22  SER 22  569 569 SER SER A . n 
A 1 23  VAL 23  570 570 VAL VAL A . n 
A 1 24  GLY 24  571 571 GLY GLY A . n 
A 1 25  ARG 25  572 572 ARG ARG A . n 
A 1 26  PHE 26  573 573 PHE PHE A . n 
A 1 27  GLU 27  574 574 GLU GLU A . n 
A 1 28  LEU 28  575 575 LEU LEU A . n 
A 1 29  LYS 29  576 576 LYS LYS A . n 
A 1 30  VAL 30  577 577 VAL VAL A . n 
A 1 31  MET 31  578 578 MET MET A . n 
A 1 32  ARG 32  579 579 ARG ARG A . n 
A 1 33  TYR 33  580 580 TYR TYR A . n 
A 1 34  SER 34  581 581 SER SER A . n 
A 1 35  GLY 35  582 582 GLY GLY A . n 
A 1 36  ALA 36  583 583 ALA ALA A . n 
A 1 37  ARG 37  584 584 ARG ARG A . n 
A 1 38  GLY 38  585 585 GLY GLY A . n 
A 1 39  THR 39  586 586 THR THR A . n 
A 1 40  VAL 40  587 587 VAL VAL A . n 
A 1 41  ILE 41  588 588 ILE ILE A . n 
A 1 42  VAL 42  589 589 VAL VAL A . n 
A 1 43  PRO 43  590 590 PRO PRO A . n 
A 1 44  TYR 44  591 591 TYR TYR A . n 
A 1 45  TRP 45  592 592 TRP TRP A . n 
A 1 46  THR 46  593 593 THR THR A . n 
A 1 47  GLU 47  594 594 GLU GLU A . n 
A 1 48  ASN 48  595 595 ASN ASN A . n 
A 1 49  ASP 49  596 596 ASP ASP A . n 
A 1 50  THR 50  597 597 THR THR A . n 
A 1 51  ALA 51  598 598 ALA ALA A . n 
A 1 52  THR 52  599 599 THR THR A . n 
A 1 53  GLU 53  600 600 GLU GLU A . n 
A 1 54  SER 54  601 601 SER SER A . n 
A 1 55  LYS 55  602 602 LYS LYS A . n 
A 1 56  ASP 56  603 603 ASP ASP A . n 
A 1 57  TYR 57  604 604 TYR TYR A . n 
A 1 58  GLU 58  605 605 GLU GLU A . n 
A 1 59  GLY 59  606 606 GLY GLY A . n 
A 1 60  ALA 60  607 607 ALA ALA A . n 
A 1 61  ARG 61  608 608 ARG ARG A . n 
A 1 62  GLY 62  609 609 GLY GLY A . n 
A 1 63  GLU 63  610 610 GLU GLU A . n 
A 1 64  LEU 64  611 611 LEU LEU A . n 
A 1 65  VAL 65  612 612 VAL VAL A . n 
A 1 66  PHE 66  613 613 PHE PHE A . n 
A 1 67  GLU 67  614 614 GLU GLU A . n 
A 1 68  ASN 68  615 615 ASN ASN A . n 
A 1 69  ASN 69  616 616 ASN ASN A . n 
A 1 70  GLU 70  617 617 GLU GLU A . n 
A 1 71  SER 71  618 618 SER SER A . n 
A 1 72  GLU 72  619 619 GLU GLU A . n 
A 1 73  LYS 73  620 620 LYS LYS A . n 
A 1 74  PHE 74  621 621 PHE PHE A . n 
A 1 75  ILE 75  622 622 ILE ILE A . n 
A 1 76  ASP 76  623 623 ASP ASP A . n 
A 1 77  LEU 77  624 624 LEU LEU A . n 
A 1 78  PHE 78  625 625 PHE PHE A . n 
A 1 79  ILE 79  626 626 ILE ILE A . n 
A 1 80  LEU 80  627 627 LEU LEU A . n 
A 1 81  GLU 81  628 628 GLU GLU A . n 
A 1 82  GLU 82  629 629 GLU GLU A . n 
A 1 83  SER 83  630 630 SER SER A . n 
A 1 84  SER 84  631 631 SER SER A . n 
A 1 85  TYR 85  632 632 TYR TYR A . n 
A 1 86  GLU 86  633 633 GLU GLU A . n 
A 1 87  LYS 87  634 634 LYS LYS A . n 
A 1 88  ASP 88  635 635 ASP ASP A . n 
A 1 89  VAL 89  636 636 VAL VAL A . n 
A 1 90  SER 90  637 637 SER SER A . n 
A 1 91  PHE 91  638 638 PHE PHE A . n 
A 1 92  LYS 92  639 639 LYS LYS A . n 
A 1 93  VAL 93  640 640 VAL VAL A . n 
A 1 94  HIS 94  641 641 HIS HIS A . n 
A 1 95  ILE 95  642 642 ILE ILE A . n 
A 1 96  GLY 96  643 643 GLY GLY A . n 
A 1 97  GLU 97  644 644 GLU GLU A . n 
A 1 98  PRO 98  645 645 PRO PRO A . n 
A 1 99  ARG 99  646 646 ARG ARG A . n 
A 1 100 LEU 100 647 647 LEU LEU A . n 
A 1 101 ALA 101 648 648 ALA ALA A . n 
A 1 102 PRO 102 649 649 PRO PRO A . n 
A 1 103 ASP 103 650 650 ASP ASP A . n 
A 1 104 ASP 104 651 651 ASP ASP A . n 
A 1 105 GLY 105 652 652 GLY GLY A . n 
A 1 106 LEU 106 653 653 LEU LEU A . n 
A 1 107 ALA 107 654 654 ALA ALA A . n 
A 1 108 ALA 108 655 655 ALA ALA A . n 
A 1 109 LYS 109 656 656 LYS LYS A . n 
A 1 110 ILE 110 657 657 ILE ILE A . n 
A 1 111 LYS 111 658 658 LYS LYS A . n 
A 1 112 GLU 112 659 659 GLU GLU A . n 
A 1 113 VAL 113 660 660 VAL VAL A . n 
A 1 114 GLU 114 661 661 GLU GLU A . n 
A 1 115 LYS 115 662 662 LYS LYS A . n 
A 1 116 LYS 116 663 663 LYS LYS A . n 
A 1 117 PRO 117 664 664 PRO PRO A . n 
A 1 118 VAL 118 665 665 VAL VAL A . n 
A 1 119 GLN 119 666 666 GLN GLN A . n 
A 1 120 ASP 120 667 667 ASP ASP A . n 
A 1 121 LEU 121 668 668 LEU LEU A . n 
A 1 122 THR 122 669 669 THR THR A . n 
A 1 123 GLU 123 670 670 GLU GLU A . n 
A 1 124 LEU 124 671 671 LEU LEU A . n 
A 1 125 ASP 125 672 672 ASP ASP A . n 
A 1 126 ARG 126 673 673 ARG ARG A . n 
A 1 127 ILE 127 674 674 ILE ILE A . n 
A 1 128 LEU 128 675 675 LEU LEU A . n 
A 1 129 LEU 129 676 676 LEU LEU A . n 
A 1 130 LEU 130 677 677 LEU LEU A . n 
A 1 131 SER 131 678 678 SER SER A . n 
A 1 132 LYS 132 679 679 LYS LYS A . n 
A 1 133 PRO 133 680 680 PRO PRO A . n 
A 1 134 ARG 134 681 681 ARG ARG A . n 
A 1 135 ASN 135 682 682 ASN ASN A . n 
A 1 136 GLY 136 683 683 GLY GLY A . n 
A 1 137 GLU 137 684 684 GLU GLU A . n 
A 1 138 LEU 138 685 685 LEU LEU A . n 
A 1 139 THR 139 686 686 THR THR A . n 
A 1 140 THR 140 687 687 THR THR A . n 
A 1 141 ALA 141 688 688 ALA ALA A . n 
A 1 142 TYR 142 689 689 TYR TYR A . n 
A 1 143 VAL 143 690 690 VAL VAL A . n 
A 1 144 ARG 144 691 691 ARG ARG A . n 
A 1 145 ILE 145 692 692 ILE ILE A . n 
A 1 146 ARG 146 693 693 ARG ARG A . n 
A 1 147 GLU 147 694 694 GLU GLU A . n 
A 1 148 SER 148 695 695 SER SER A . n 
A 1 149 GLN 149 696 696 GLN GLN A . n 
A 1 150 GLU 150 697 697 GLU GLU A . n 
A 1 151 PHE 151 698 698 PHE PHE A . n 
A 1 152 LYS 152 699 699 LYS LYS A . n 
A 1 153 ALA 153 700 700 ALA ALA A . n 
A 1 154 THR 154 701 701 THR THR A . n 
A 1 155 VAL 155 702 702 VAL VAL A . n 
A 1 156 ASP 156 703 703 ASP ASP A . n 
A 1 157 LYS 157 704 704 LYS LYS A . n 
A 1 158 LEU 158 705 705 LEU LEU A . n 
A 1 159 VAL 159 706 706 VAL VAL A . n 
A 1 160 ALA 160 707 707 ALA ALA A . n 
A 1 161 LYS 161 708 708 LYS LYS A . n 
A 1 162 ALA 162 709 709 ALA ALA A . n 
# 
loop_
_pdbx_nonpoly_scheme.asym_id 
_pdbx_nonpoly_scheme.entity_id 
_pdbx_nonpoly_scheme.mon_id 
_pdbx_nonpoly_scheme.ndb_seq_num 
_pdbx_nonpoly_scheme.pdb_seq_num 
_pdbx_nonpoly_scheme.auth_seq_num 
_pdbx_nonpoly_scheme.pdb_mon_id 
_pdbx_nonpoly_scheme.auth_mon_id 
_pdbx_nonpoly_scheme.pdb_strand_id 
_pdbx_nonpoly_scheme.pdb_ins_code 
B 2 HOH 1  1  1  HOH HOH A . 
B 2 HOH 2  4  4  HOH HOH A . 
B 2 HOH 3  5  5  HOH HOH A . 
B 2 HOH 4  6  6  HOH HOH A . 
B 2 HOH 5  7  7  HOH HOH A . 
B 2 HOH 6  8  8  HOH HOH A . 
B 2 HOH 7  9  9  HOH HOH A . 
B 2 HOH 8  10 10 HOH HOH A . 
B 2 HOH 9  11 11 HOH HOH A . 
B 2 HOH 10 13 13 HOH HOH A . 
B 2 HOH 11 14 14 HOH HOH A . 
B 2 HOH 12 15 15 HOH HOH A . 
B 2 HOH 13 16 16 HOH HOH A . 
B 2 HOH 14 17 17 HOH HOH A . 
B 2 HOH 15 19 19 HOH HOH A . 
B 2 HOH 16 20 20 HOH HOH A . 
B 2 HOH 17 21 21 HOH HOH A . 
B 2 HOH 18 22 22 HOH HOH A . 
B 2 HOH 19 23 23 HOH HOH A . 
B 2 HOH 20 24 24 HOH HOH A . 
B 2 HOH 21 25 25 HOH HOH A . 
B 2 HOH 22 26 26 HOH HOH A . 
B 2 HOH 23 27 27 HOH HOH A . 
# 
_pdbx_unobs_or_zero_occ_atoms.id               1 
_pdbx_unobs_or_zero_occ_atoms.PDB_model_num    1 
_pdbx_unobs_or_zero_occ_atoms.polymer_flag     Y 
_pdbx_unobs_or_zero_occ_atoms.occupancy_flag   1 
_pdbx_unobs_or_zero_occ_atoms.auth_asym_id     A 
_pdbx_unobs_or_zero_occ_atoms.auth_comp_id     SER 
_pdbx_unobs_or_zero_occ_atoms.auth_seq_id      601 
_pdbx_unobs_or_zero_occ_atoms.PDB_ins_code     ? 
_pdbx_unobs_or_zero_occ_atoms.auth_atom_id     OG 
_pdbx_unobs_or_zero_occ_atoms.label_alt_id     ? 
_pdbx_unobs_or_zero_occ_atoms.label_asym_id    A 
_pdbx_unobs_or_zero_occ_atoms.label_comp_id    SER 
_pdbx_unobs_or_zero_occ_atoms.label_seq_id     54 
_pdbx_unobs_or_zero_occ_atoms.label_atom_id    OG 
# 
loop_
_software.name 
_software.classification 
_software.version 
_software.citation_id 
_software.pdbx_ordinal 
CrystalClear 'data collection' .        ? 1 
PHASER       phasing           .        ? 2 
REFMAC       refinement        5.2.0019 ? 3 
XDS          'data reduction'  .        ? 4 
XDS          'data scaling'    .        ? 5 
# 
_cell.entry_id           3E9U 
_cell.length_a           113.365 
_cell.length_b           113.365 
_cell.length_c           41.616 
_cell.angle_alpha        90.00 
_cell.angle_beta         90.00 
_cell.angle_gamma        120.00 
_cell.Z_PDB              6 
_cell.pdbx_unique_axis   ? 
_cell.length_a_esd       ? 
_cell.length_b_esd       ? 
_cell.length_c_esd       ? 
_cell.angle_alpha_esd    ? 
_cell.angle_beta_esd     ? 
_cell.angle_gamma_esd    ? 
# 
_symmetry.entry_id                         3E9U 
_symmetry.space_group_name_H-M             'P 61' 
_symmetry.pdbx_full_space_group_name_H-M   ? 
_symmetry.cell_setting                     ? 
_symmetry.Int_Tables_number                169 
_symmetry.space_group_name_Hall            ? 
# 
_exptl.entry_id          3E9U 
_exptl.method            'X-RAY DIFFRACTION' 
_exptl.crystals_number   1 
# 
_exptl_crystal.id                    1 
_exptl_crystal.density_meas          ? 
_exptl_crystal.density_Matthews      4.20 
_exptl_crystal.density_percent_sol   70.75 
_exptl_crystal.description           ? 
_exptl_crystal.F_000                 ? 
_exptl_crystal.preparation           ? 
# 
_exptl_crystal_grow.crystal_id      1 
_exptl_crystal_grow.method          EVAPORATION 
_exptl_crystal_grow.temp            ? 
_exptl_crystal_grow.temp_details    ? 
_exptl_crystal_grow.pH              8.0 
_exptl_crystal_grow.pdbx_pH_range   ? 
_exptl_crystal_grow.pdbx_details    '0.2 M potassium formate, 10 mM CaCl2, 20% Polyethylene glycol 3350, pH 8.0, EVAPORATION' 
# 
_diffrn.id                     1 
_diffrn.ambient_temp           100 
_diffrn.ambient_temp_details   ? 
_diffrn.crystal_id             1 
# 
_diffrn_detector.diffrn_id              1 
_diffrn_detector.detector               CCD 
_diffrn_detector.type                   NOIR-1 
_diffrn_detector.pdbx_collection_date   2008-04-08 
_diffrn_detector.details                ? 
# 
_diffrn_radiation.diffrn_id                        1 
_diffrn_radiation.wavelength_id                    1 
_diffrn_radiation.pdbx_monochromatic_or_laue_m_l   M 
_diffrn_radiation.monochromator                    ? 
_diffrn_radiation.pdbx_diffrn_protocol             'SINGLE WAVELENGTH' 
_diffrn_radiation.pdbx_scattering_type             x-ray 
# 
_diffrn_radiation_wavelength.id           1 
_diffrn_radiation_wavelength.wavelength   1.000 
_diffrn_radiation_wavelength.wt           1.0 
# 
_diffrn_source.diffrn_id                   1 
_diffrn_source.source                      SYNCHROTRON 
_diffrn_source.type                        'ALS BEAMLINE 4.2.2' 
_diffrn_source.pdbx_synchrotron_site       ALS 
_diffrn_source.pdbx_synchrotron_beamline   4.2.2 
_diffrn_source.pdbx_wavelength             ? 
_diffrn_source.pdbx_wavelength_list        1.000 
# 
_reflns.entry_id                     3E9U 
_reflns.observed_criterion_sigma_I   ? 
_reflns.observed_criterion_sigma_F   ? 
_reflns.d_resolution_low             38.32 
_reflns.d_resolution_high            2.5 
_reflns.number_obs                   10260 
_reflns.number_all                   ? 
_reflns.percent_possible_obs         99.8 
_reflns.pdbx_Rmerge_I_obs            0.098 
_reflns.pdbx_Rsym_value              ? 
_reflns.pdbx_netI_over_sigmaI        18.9 
_reflns.B_iso_Wilson_estimate        ? 
_reflns.pdbx_redundancy              5.1 
_reflns.R_free_details               ? 
_reflns.limit_h_max                  ? 
_reflns.limit_h_min                  ? 
_reflns.limit_k_max                  ? 
_reflns.limit_k_min                  ? 
_reflns.limit_l_max                  ? 
_reflns.limit_l_min                  ? 
_reflns.observed_criterion_F_max     ? 
_reflns.observed_criterion_F_min     ? 
_reflns.pdbx_chi_squared             ? 
_reflns.pdbx_scaling_rejects         ? 
_reflns.pdbx_ordinal                 1 
_reflns.pdbx_diffrn_id               1 
# 
_reflns_shell.d_res_high             2.5 
_reflns_shell.d_res_low              2.55 
_reflns_shell.percent_possible_all   99.9 
_reflns_shell.Rmerge_I_obs           ? 
_reflns_shell.pdbx_Rsym_value        ? 
_reflns_shell.meanI_over_sigI_obs    2.5 
_reflns_shell.pdbx_redundancy        5.1 
_reflns_shell.percent_possible_obs   ? 
_reflns_shell.number_unique_all      ? 
_reflns_shell.number_measured_all    ? 
_reflns_shell.number_measured_obs    ? 
_reflns_shell.number_unique_obs      ? 
_reflns_shell.pdbx_chi_squared       ? 
_reflns_shell.pdbx_ordinal           1 
_reflns_shell.pdbx_diffrn_id         1 
# 
_refine.pdbx_refine_id                           'X-RAY DIFFRACTION' 
_refine.entry_id                                 3E9U 
_refine.ls_number_reflns_obs                     10260 
_refine.ls_number_reflns_all                     ? 
_refine.pdbx_ls_sigma_I                          ? 
_refine.pdbx_ls_sigma_F                          . 
_refine.pdbx_data_cutoff_high_absF               ? 
_refine.pdbx_data_cutoff_low_absF                ? 
_refine.pdbx_data_cutoff_high_rms_absF           ? 
_refine.ls_d_res_low                             38.2 
_refine.ls_d_res_high                            2.50 
_refine.ls_percent_reflns_obs                    100.00 
_refine.ls_R_factor_obs                          0.25798 
_refine.ls_R_factor_all                          ? 
_refine.ls_R_factor_R_work                       0.25703 
_refine.ls_R_factor_R_free                       0.27548 
_refine.ls_R_factor_R_free_error                 ? 
_refine.ls_R_factor_R_free_error_details         ? 
_refine.ls_percent_reflns_R_free                 5.0 
_refine.ls_number_reflns_R_free                  540 
_refine.ls_number_parameters                     ? 
_refine.ls_number_restraints                     ? 
_refine.occupancy_min                            ? 
_refine.occupancy_max                            ? 
_refine.correlation_coeff_Fo_to_Fc               0.919 
_refine.correlation_coeff_Fo_to_Fc_free          0.911 
_refine.B_iso_mean                               48.735 
_refine.aniso_B[1][1]                            -1.08 
_refine.aniso_B[2][2]                            -1.08 
_refine.aniso_B[3][3]                            1.63 
_refine.aniso_B[1][2]                            -0.54 
_refine.aniso_B[1][3]                            0.00 
_refine.aniso_B[2][3]                            0.00 
_refine.solvent_model_details                    MASK 
_refine.solvent_model_param_ksol                 ? 
_refine.solvent_model_param_bsol                 ? 
_refine.pdbx_solvent_vdw_probe_radii             1.20 
_refine.pdbx_solvent_ion_probe_radii             0.80 
_refine.pdbx_solvent_shrinkage_radii             0.80 
_refine.pdbx_ls_cross_valid_method               THROUGHOUT 
_refine.details                                  'HYDROGENS HAVE BEEN ADDED IN THE RIDING POSITIONS' 
_refine.pdbx_starting_model                      ? 
_refine.pdbx_method_to_determine_struct          'MOLECULAR REPLACEMENT' 
_refine.pdbx_isotropic_thermal_model             ? 
_refine.pdbx_stereochemistry_target_values       'MAXIMUM LIKELIHOOD' 
_refine.pdbx_stereochem_target_val_spec_case     ? 
_refine.pdbx_R_Free_selection_details            RANDOM 
_refine.pdbx_overall_ESU_R                       0.335 
_refine.pdbx_overall_ESU_R_Free                  0.251 
_refine.overall_SU_ML                            0.232 
_refine.pdbx_overall_phase_error                 ? 
_refine.overall_SU_B                             21.949 
_refine.ls_redundancy_reflns_obs                 ? 
_refine.B_iso_min                                ? 
_refine.B_iso_max                                ? 
_refine.overall_SU_R_Cruickshank_DPI             ? 
_refine.overall_SU_R_free                        ? 
_refine.ls_wR_factor_R_free                      ? 
_refine.ls_wR_factor_R_work                      ? 
_refine.overall_FOM_free_R_set                   ? 
_refine.overall_FOM_work_R_set                   ? 
_refine.pdbx_TLS_residual_ADP_flag               'LIKELY RESIDUAL' 
_refine.pdbx_diffrn_id                           1 
_refine.pdbx_overall_SU_R_free_Cruickshank_DPI   ? 
_refine.pdbx_overall_SU_R_Blow_DPI               ? 
_refine.pdbx_overall_SU_R_free_Blow_DPI          ? 
# 
_refine_hist.pdbx_refine_id                   'X-RAY DIFFRACTION' 
_refine_hist.cycle_id                         LAST 
_refine_hist.pdbx_number_atoms_protein        1292 
_refine_hist.pdbx_number_atoms_nucleic_acid   0 
_refine_hist.pdbx_number_atoms_ligand         0 
_refine_hist.number_atoms_solvent             23 
_refine_hist.number_atoms_total               1315 
_refine_hist.d_res_high                       2.50 
_refine_hist.d_res_low                        38.2 
# 
loop_
_refine_ls_restr.type 
_refine_ls_restr.dev_ideal 
_refine_ls_restr.dev_ideal_target 
_refine_ls_restr.weight 
_refine_ls_restr.number 
_refine_ls_restr.pdbx_refine_id 
_refine_ls_restr.pdbx_restraint_function 
r_bond_refined_d             0.008  0.022  ? 1314 'X-RAY DIFFRACTION' ? 
r_bond_other_d               ?      ?      ? ?    'X-RAY DIFFRACTION' ? 
r_angle_refined_deg          1.761  1.974  ? 1769 'X-RAY DIFFRACTION' ? 
r_angle_other_deg            ?      ?      ? ?    'X-RAY DIFFRACTION' ? 
r_dihedral_angle_1_deg       8.750  5.000  ? 161  'X-RAY DIFFRACTION' ? 
r_dihedral_angle_2_deg       30.272 24.219 ? 64   'X-RAY DIFFRACTION' ? 
r_dihedral_angle_3_deg       21.296 15.000 ? 242  'X-RAY DIFFRACTION' ? 
r_dihedral_angle_4_deg       19.087 15.000 ? 10   'X-RAY DIFFRACTION' ? 
r_chiral_restr               0.165  0.200  ? 196  'X-RAY DIFFRACTION' ? 
r_gen_planes_refined         0.003  0.020  ? 988  'X-RAY DIFFRACTION' ? 
r_gen_planes_other           ?      ?      ? ?    'X-RAY DIFFRACTION' ? 
r_nbd_refined                0.231  0.200  ? 578  'X-RAY DIFFRACTION' ? 
r_nbd_other                  ?      ?      ? ?    'X-RAY DIFFRACTION' ? 
r_nbtor_refined              0.313  0.200  ? 857  'X-RAY DIFFRACTION' ? 
r_nbtor_other                ?      ?      ? ?    'X-RAY DIFFRACTION' ? 
r_xyhbond_nbd_refined        0.143  0.200  ? 54   'X-RAY DIFFRACTION' ? 
r_xyhbond_nbd_other          ?      ?      ? ?    'X-RAY DIFFRACTION' ? 
r_metal_ion_refined          ?      ?      ? ?    'X-RAY DIFFRACTION' ? 
r_metal_ion_other            ?      ?      ? ?    'X-RAY DIFFRACTION' ? 
r_symmetry_vdw_refined       0.190  0.200  ? 43   'X-RAY DIFFRACTION' ? 
r_symmetry_vdw_other         ?      ?      ? ?    'X-RAY DIFFRACTION' ? 
r_symmetry_hbond_refined     0.166  0.200  ? 5    'X-RAY DIFFRACTION' ? 
r_symmetry_hbond_other       ?      ?      ? ?    'X-RAY DIFFRACTION' ? 
r_symmetry_metal_ion_refined ?      ?      ? ?    'X-RAY DIFFRACTION' ? 
r_symmetry_metal_ion_other   ?      ?      ? ?    'X-RAY DIFFRACTION' ? 
r_mcbond_it                  0.409  1.500  ? 827  'X-RAY DIFFRACTION' ? 
r_mcbond_other               ?      ?      ? ?    'X-RAY DIFFRACTION' ? 
r_mcangle_it                 0.720  2.000  ? 1295 'X-RAY DIFFRACTION' ? 
r_scbond_it                  0.721  3.000  ? 543  'X-RAY DIFFRACTION' ? 
r_scangle_it                 1.261  4.500  ? 474  'X-RAY DIFFRACTION' ? 
r_rigid_bond_restr           ?      ?      ? ?    'X-RAY DIFFRACTION' ? 
r_sphericity_free            ?      ?      ? ?    'X-RAY DIFFRACTION' ? 
r_sphericity_bonded          ?      ?      ? ?    'X-RAY DIFFRACTION' ? 
# 
_refine_ls_shell.pdbx_refine_id                   'X-RAY DIFFRACTION' 
_refine_ls_shell.pdbx_total_number_of_bins_used   20 
_refine_ls_shell.d_res_high                       2.500 
_refine_ls_shell.d_res_low                        2.565 
_refine_ls_shell.number_reflns_R_work             755 
_refine_ls_shell.R_factor_R_work                  0.359 
_refine_ls_shell.percent_reflns_obs               100.00 
_refine_ls_shell.R_factor_R_free                  0.468 
_refine_ls_shell.R_factor_R_free_error            ? 
_refine_ls_shell.percent_reflns_R_free            ? 
_refine_ls_shell.number_reflns_R_free             39 
_refine_ls_shell.number_reflns_all                ? 
_refine_ls_shell.R_factor_all                     ? 
_refine_ls_shell.redundancy_reflns_obs            ? 
_refine_ls_shell.number_reflns_obs                ? 
# 
_struct.entry_id                  3E9U 
_struct.title                     'Crystal structure of Calx CBD2 domain' 
_struct.pdbx_model_details        ? 
_struct.pdbx_CASP_flag            ? 
_struct.pdbx_model_type_details   ? 
# 
_struct_keywords.entry_id        3E9U 
_struct_keywords.pdbx_keywords   'MEMBRANE PROTEIN' 
_struct_keywords.text            'CBD2, Calx, Membrane, Transmembrane, MEMBRANE PROTEIN' 
# 
loop_
_struct_asym.id 
_struct_asym.pdbx_blank_PDB_chainid_flag 
_struct_asym.pdbx_modified 
_struct_asym.entity_id 
_struct_asym.details 
A N N 1 ? 
B N N 2 ? 
# 
_struct_ref.id                         1 
_struct_ref.db_name                    UNP 
_struct_ref.db_code                    Q24413_DROME 
_struct_ref.pdbx_db_accession          Q24413 
_struct_ref.entity_id                  1 
_struct_ref.pdbx_seq_one_letter_code   
;GIFAFTDSVFEITESVGRFELKVMRYSGARGTVIVPYWTENDTATESKDYEGARGELVFENNESEKFIDLFILEESSYEK
DVSFKVHIGEPRLAPDDGLAAKIKEVEKKPVQDLTELDRILLLSKPRNGELTTAYVRIRESQEFKATVDKLVAKA
;
_struct_ref.pdbx_align_begin           555 
_struct_ref.pdbx_db_isoform            ? 
# 
_struct_ref_seq.align_id                      1 
_struct_ref_seq.ref_id                        1 
_struct_ref_seq.pdbx_PDB_id_code              3E9U 
_struct_ref_seq.pdbx_strand_id                A 
_struct_ref_seq.seq_align_beg                 8 
_struct_ref_seq.pdbx_seq_align_beg_ins_code   ? 
_struct_ref_seq.seq_align_end                 162 
_struct_ref_seq.pdbx_seq_align_end_ins_code   ? 
_struct_ref_seq.pdbx_db_accession             Q24413 
_struct_ref_seq.db_align_beg                  555 
_struct_ref_seq.pdbx_db_align_beg_ins_code    ? 
_struct_ref_seq.db_align_end                  709 
_struct_ref_seq.pdbx_db_align_end_ins_code    ? 
_struct_ref_seq.pdbx_auth_seq_align_beg       555 
_struct_ref_seq.pdbx_auth_seq_align_end       709 
# 
loop_
_struct_ref_seq_dif.align_id 
_struct_ref_seq_dif.pdbx_pdb_id_code 
_struct_ref_seq_dif.mon_id 
_struct_ref_seq_dif.pdbx_pdb_strand_id 
_struct_ref_seq_dif.seq_num 
_struct_ref_seq_dif.pdbx_pdb_ins_code 
_struct_ref_seq_dif.pdbx_seq_db_name 
_struct_ref_seq_dif.pdbx_seq_db_accession_code 
_struct_ref_seq_dif.db_mon_id 
_struct_ref_seq_dif.pdbx_seq_db_seq_num 
_struct_ref_seq_dif.details 
_struct_ref_seq_dif.pdbx_auth_seq_num 
_struct_ref_seq_dif.pdbx_ordinal 
1 3E9U MET A 1 ? UNP Q24413 ? ? 'expression tag' 548 1 
1 3E9U GLY A 2 ? UNP Q24413 ? ? 'expression tag' 549 2 
1 3E9U ARG A 3 ? UNP Q24413 ? ? 'expression tag' 550 3 
1 3E9U GLY A 4 ? UNP Q24413 ? ? 'expression tag' 551 4 
1 3E9U SER A 5 ? UNP Q24413 ? ? 'expression tag' 552 5 
1 3E9U GLU A 6 ? UNP Q24413 ? ? 'expression tag' 553 6 
1 3E9U PHE A 7 ? UNP Q24413 ? ? 'expression tag' 554 7 
# 
_pdbx_struct_assembly.id                   1 
_pdbx_struct_assembly.details              author_and_software_defined_assembly 
_pdbx_struct_assembly.method_details       PISA 
_pdbx_struct_assembly.oligomeric_details   monomeric 
_pdbx_struct_assembly.oligomeric_count     1 
# 
_pdbx_struct_assembly_gen.assembly_id       1 
_pdbx_struct_assembly_gen.oper_expression   1 
_pdbx_struct_assembly_gen.asym_id_list      A,B 
# 
_pdbx_struct_oper_list.id                   1 
_pdbx_struct_oper_list.type                 'identity operation' 
_pdbx_struct_oper_list.name                 1_555 
_pdbx_struct_oper_list.symmetry_operation   x,y,z 
_pdbx_struct_oper_list.matrix[1][1]         1.0000000000 
_pdbx_struct_oper_list.matrix[1][2]         0.0000000000 
_pdbx_struct_oper_list.matrix[1][3]         0.0000000000 
_pdbx_struct_oper_list.vector[1]            0.0000000000 
_pdbx_struct_oper_list.matrix[2][1]         0.0000000000 
_pdbx_struct_oper_list.matrix[2][2]         1.0000000000 
_pdbx_struct_oper_list.matrix[2][3]         0.0000000000 
_pdbx_struct_oper_list.vector[2]            0.0000000000 
_pdbx_struct_oper_list.matrix[3][1]         0.0000000000 
_pdbx_struct_oper_list.matrix[3][2]         0.0000000000 
_pdbx_struct_oper_list.matrix[3][3]         1.0000000000 
_pdbx_struct_oper_list.vector[3]            0.0000000000 
# 
_struct_biol.id        1 
_struct_biol.details   ? 
# 
loop_
_struct_conf.conf_type_id 
_struct_conf.id 
_struct_conf.pdbx_PDB_helix_id 
_struct_conf.beg_label_comp_id 
_struct_conf.beg_label_asym_id 
_struct_conf.beg_label_seq_id 
_struct_conf.pdbx_beg_PDB_ins_code 
_struct_conf.end_label_comp_id 
_struct_conf.end_label_asym_id 
_struct_conf.end_label_seq_id 
_struct_conf.pdbx_end_PDB_ins_code 
_struct_conf.beg_auth_comp_id 
_struct_conf.beg_auth_asym_id 
_struct_conf.beg_auth_seq_id 
_struct_conf.end_auth_comp_id 
_struct_conf.end_auth_asym_id 
_struct_conf.end_auth_seq_id 
_struct_conf.pdbx_PDB_helix_class 
_struct_conf.details 
_struct_conf.pdbx_PDB_helix_length 
HELX_P HELX_P1 1 LEU A 106 ? GLU A 114 ? LEU A 653 GLU A 661 1 ? 9  
HELX_P HELX_P2 2 LYS A 115 ? LYS A 116 ? LYS A 662 LYS A 663 5 ? 2  
HELX_P HELX_P3 3 PRO A 117 ? LEU A 121 ? PRO A 664 LEU A 668 5 ? 5  
HELX_P HELX_P4 4 THR A 122 ? LYS A 132 ? THR A 669 LYS A 679 1 ? 11 
HELX_P HELX_P5 5 PHE A 151 ? LYS A 161 ? PHE A 698 LYS A 708 1 ? 11 
# 
_struct_conf_type.id          HELX_P 
_struct_conf_type.criteria    ? 
_struct_conf_type.reference   ? 
# 
loop_
_struct_mon_prot_cis.pdbx_id 
_struct_mon_prot_cis.label_comp_id 
_struct_mon_prot_cis.label_seq_id 
_struct_mon_prot_cis.label_asym_id 
_struct_mon_prot_cis.label_alt_id 
_struct_mon_prot_cis.pdbx_PDB_ins_code 
_struct_mon_prot_cis.auth_comp_id 
_struct_mon_prot_cis.auth_seq_id 
_struct_mon_prot_cis.auth_asym_id 
_struct_mon_prot_cis.pdbx_label_comp_id_2 
_struct_mon_prot_cis.pdbx_label_seq_id_2 
_struct_mon_prot_cis.pdbx_label_asym_id_2 
_struct_mon_prot_cis.pdbx_PDB_ins_code_2 
_struct_mon_prot_cis.pdbx_auth_comp_id_2 
_struct_mon_prot_cis.pdbx_auth_seq_id_2 
_struct_mon_prot_cis.pdbx_auth_asym_id_2 
_struct_mon_prot_cis.pdbx_PDB_model_num 
_struct_mon_prot_cis.pdbx_omega_angle 
1 MET 1   A . ? MET 548 A GLY 2   A ? GLY 549 A 1 -1.14 
2 PHE 7   A . ? PHE 554 A GLY 8   A ? GLY 555 A 1 -5.52 
3 LEU 77  A . ? LEU 624 A PHE 78  A ? PHE 625 A 1 -9.31 
4 ALA 108 A . ? ALA 655 A LYS 109 A ? LYS 656 A 1 21.40 
# 
loop_
_struct_sheet.id 
_struct_sheet.type 
_struct_sheet.number_strands 
_struct_sheet.details 
A ? 4 ? 
B ? 5 ? 
C ? 5 ? 
# 
loop_
_struct_sheet_order.sheet_id 
_struct_sheet_order.range_id_1 
_struct_sheet_order.range_id_2 
_struct_sheet_order.offset 
_struct_sheet_order.sense 
A 1 2 ? anti-parallel 
A 2 3 ? anti-parallel 
A 3 4 ? parallel      
B 1 2 ? parallel      
B 2 3 ? anti-parallel 
B 3 4 ? anti-parallel 
B 4 5 ? anti-parallel 
C 1 2 ? parallel      
C 2 3 ? anti-parallel 
C 3 4 ? anti-parallel 
C 4 5 ? anti-parallel 
# 
loop_
_struct_sheet_range.sheet_id 
_struct_sheet_range.id 
_struct_sheet_range.beg_label_comp_id 
_struct_sheet_range.beg_label_asym_id 
_struct_sheet_range.beg_label_seq_id 
_struct_sheet_range.pdbx_beg_PDB_ins_code 
_struct_sheet_range.end_label_comp_id 
_struct_sheet_range.end_label_asym_id 
_struct_sheet_range.end_label_seq_id 
_struct_sheet_range.pdbx_end_PDB_ins_code 
_struct_sheet_range.beg_auth_comp_id 
_struct_sheet_range.beg_auth_asym_id 
_struct_sheet_range.beg_auth_seq_id 
_struct_sheet_range.end_auth_comp_id 
_struct_sheet_range.end_auth_asym_id 
_struct_sheet_range.end_auth_seq_id 
A 1 GLU A 72  ? ILE A 75  ? GLU A 619 ILE A 622 
A 2 LEU A 28  ? TYR A 33  ? LEU A 575 TYR A 580 
A 3 ILE A 9   ? PHE A 12  ? ILE A 556 PHE A 559 
A 4 ARG A 134 ? ASN A 135 ? ARG A 681 ASN A 682 
B 1 VAL A 16  ? GLU A 18  ? VAL A 563 GLU A 565 
B 2 THR A 140 ? ARG A 146 ? THR A 687 ARG A 693 
B 3 ASP A 88  ? ILE A 95  ? ASP A 635 ILE A 642 
B 4 VAL A 40  ? GLU A 47  ? VAL A 587 GLU A 594 
B 5 ARG A 61  ? PHE A 66  ? ARG A 608 PHE A 613 
C 1 VAL A 16  ? GLU A 18  ? VAL A 563 GLU A 565 
C 2 THR A 140 ? ARG A 146 ? THR A 687 ARG A 693 
C 3 ASP A 88  ? ILE A 95  ? ASP A 635 ILE A 642 
C 4 VAL A 40  ? GLU A 47  ? VAL A 587 GLU A 594 
C 5 ARG A 99  ? LEU A 100 ? ARG A 646 LEU A 647 
# 
loop_
_pdbx_struct_sheet_hbond.sheet_id 
_pdbx_struct_sheet_hbond.range_id_1 
_pdbx_struct_sheet_hbond.range_id_2 
_pdbx_struct_sheet_hbond.range_1_label_atom_id 
_pdbx_struct_sheet_hbond.range_1_label_comp_id 
_pdbx_struct_sheet_hbond.range_1_label_asym_id 
_pdbx_struct_sheet_hbond.range_1_label_seq_id 
_pdbx_struct_sheet_hbond.range_1_PDB_ins_code 
_pdbx_struct_sheet_hbond.range_1_auth_atom_id 
_pdbx_struct_sheet_hbond.range_1_auth_comp_id 
_pdbx_struct_sheet_hbond.range_1_auth_asym_id 
_pdbx_struct_sheet_hbond.range_1_auth_seq_id 
_pdbx_struct_sheet_hbond.range_2_label_atom_id 
_pdbx_struct_sheet_hbond.range_2_label_comp_id 
_pdbx_struct_sheet_hbond.range_2_label_asym_id 
_pdbx_struct_sheet_hbond.range_2_label_seq_id 
_pdbx_struct_sheet_hbond.range_2_PDB_ins_code 
_pdbx_struct_sheet_hbond.range_2_auth_atom_id 
_pdbx_struct_sheet_hbond.range_2_auth_comp_id 
_pdbx_struct_sheet_hbond.range_2_auth_asym_id 
_pdbx_struct_sheet_hbond.range_2_auth_seq_id 
A 1 2 O LYS A 73  ? O LYS A 620 N VAL A 30  ? N VAL A 577 
A 2 3 O TYR A 33  ? O TYR A 580 N ILE A 9   ? N ILE A 556 
A 3 4 N PHE A 10  ? N PHE A 557 O ARG A 134 ? O ARG A 681 
B 1 2 N PHE A 17  ? N PHE A 564 O ARG A 144 ? O ARG A 691 
B 2 3 O ILE A 145 ? O ILE A 692 N VAL A 89  ? N VAL A 636 
B 3 4 O LYS A 92  ? O LYS A 639 N GLU A 47  ? N GLU A 594 
B 4 5 N VAL A 42  ? N VAL A 589 O LEU A 64  ? O LEU A 611 
C 1 2 N PHE A 17  ? N PHE A 564 O ARG A 144 ? O ARG A 691 
C 2 3 O ILE A 145 ? O ILE A 692 N VAL A 89  ? N VAL A 636 
C 3 4 O LYS A 92  ? O LYS A 639 N GLU A 47  ? N GLU A 594 
C 4 5 N ILE A 41  ? N ILE A 588 O ARG A 99  ? O ARG A 646 
# 
loop_
_pdbx_validate_torsion.id 
_pdbx_validate_torsion.PDB_model_num 
_pdbx_validate_torsion.auth_comp_id 
_pdbx_validate_torsion.auth_asym_id 
_pdbx_validate_torsion.auth_seq_id 
_pdbx_validate_torsion.PDB_ins_code 
_pdbx_validate_torsion.label_alt_id 
_pdbx_validate_torsion.phi 
_pdbx_validate_torsion.psi 
1 1 THR A 567 ? ? 70.30   93.50   
2 1 SER A 581 ? ? 58.08   84.58   
3 1 ASP A 596 ? ? -126.79 -99.15  
4 1 GLU A 614 ? ? -77.65  -165.91 
5 1 SER A 630 ? ? 36.82   52.11   
6 1 GLU A 697 ? ? -148.85 23.94   
7 1 ALA A 700 ? ? -29.82  -55.14  
# 
loop_
_pdbx_validate_peptide_omega.id 
_pdbx_validate_peptide_omega.PDB_model_num 
_pdbx_validate_peptide_omega.auth_comp_id_1 
_pdbx_validate_peptide_omega.auth_asym_id_1 
_pdbx_validate_peptide_omega.auth_seq_id_1 
_pdbx_validate_peptide_omega.PDB_ins_code_1 
_pdbx_validate_peptide_omega.label_alt_id_1 
_pdbx_validate_peptide_omega.auth_comp_id_2 
_pdbx_validate_peptide_omega.auth_asym_id_2 
_pdbx_validate_peptide_omega.auth_seq_id_2 
_pdbx_validate_peptide_omega.PDB_ins_code_2 
_pdbx_validate_peptide_omega.label_alt_id_2 
_pdbx_validate_peptide_omega.omega 
1 1 ILE A 566 ? ? THR A 567 ? ? 35.51  
2 1 GLU A 697 ? ? PHE A 698 ? ? 131.65 
3 1 LYS A 699 ? ? ALA A 700 ? ? 132.33 
# 
_pdbx_refine_tls.pdbx_refine_id   'X-RAY DIFFRACTION' 
_pdbx_refine_tls.id               1 
_pdbx_refine_tls.details          ? 
_pdbx_refine_tls.method           refined 
_pdbx_refine_tls.origin_x         -0.1381 
_pdbx_refine_tls.origin_y         -0.2066 
_pdbx_refine_tls.origin_z         0.0954 
_pdbx_refine_tls.T[1][1]          0.0349 
_pdbx_refine_tls.T[2][2]          -0.0088 
_pdbx_refine_tls.T[3][3]          0.0893 
_pdbx_refine_tls.T[1][2]          0.0109 
_pdbx_refine_tls.T[1][3]          0.0306 
_pdbx_refine_tls.T[2][3]          0.0794 
_pdbx_refine_tls.L[1][1]          2.4474 
_pdbx_refine_tls.L[2][2]          1.2915 
_pdbx_refine_tls.L[3][3]          3.7240 
_pdbx_refine_tls.L[1][2]          1.6778 
_pdbx_refine_tls.L[1][3]          -2.6078 
_pdbx_refine_tls.L[2][3]          -1.9756 
_pdbx_refine_tls.S[1][1]          0.0458 
_pdbx_refine_tls.S[1][2]          0.2037 
_pdbx_refine_tls.S[1][3]          0.1664 
_pdbx_refine_tls.S[2][1]          0.0505 
_pdbx_refine_tls.S[2][2]          0.1257 
_pdbx_refine_tls.S[2][3]          0.2081 
_pdbx_refine_tls.S[3][1]          -0.2447 
_pdbx_refine_tls.S[3][2]          -0.3091 
_pdbx_refine_tls.S[3][3]          -0.1716 
# 
loop_
_pdbx_refine_tls_group.pdbx_refine_id 
_pdbx_refine_tls_group.id 
_pdbx_refine_tls_group.refine_tls_id 
_pdbx_refine_tls_group.beg_auth_asym_id 
_pdbx_refine_tls_group.beg_auth_seq_id 
_pdbx_refine_tls_group.beg_label_asym_id 
_pdbx_refine_tls_group.beg_label_seq_id 
_pdbx_refine_tls_group.end_auth_asym_id 
_pdbx_refine_tls_group.end_auth_seq_id 
_pdbx_refine_tls_group.end_label_asym_id 
_pdbx_refine_tls_group.end_label_seq_id 
_pdbx_refine_tls_group.selection 
_pdbx_refine_tls_group.selection_details 
'X-RAY DIFFRACTION' 1 1 A 549 ? ? A 554 ? ? ? ? 
'X-RAY DIFFRACTION' 2 1 A 555 ? ? A 646 ? ? ? ? 
'X-RAY DIFFRACTION' 3 1 A 647 ? ? A 680 ? ? ? ? 
'X-RAY DIFFRACTION' 4 1 A 681 ? ? A 694 ? ? ? ? 
'X-RAY DIFFRACTION' 5 1 A 695 ? ? A 709 ? ? ? ? 
# 
loop_
_chem_comp_atom.comp_id 
_chem_comp_atom.atom_id 
_chem_comp_atom.type_symbol 
_chem_comp_atom.pdbx_aromatic_flag 
_chem_comp_atom.pdbx_stereo_config 
_chem_comp_atom.pdbx_ordinal 
ALA N    N N N 1   
ALA CA   C N S 2   
ALA C    C N N 3   
ALA O    O N N 4   
ALA CB   C N N 5   
ALA OXT  O N N 6   
ALA H    H N N 7   
ALA H2   H N N 8   
ALA HA   H N N 9   
ALA HB1  H N N 10  
ALA HB2  H N N 11  
ALA HB3  H N N 12  
ALA HXT  H N N 13  
ARG N    N N N 14  
ARG CA   C N S 15  
ARG C    C N N 16  
ARG O    O N N 17  
ARG CB   C N N 18  
ARG CG   C N N 19  
ARG CD   C N N 20  
ARG NE   N N N 21  
ARG CZ   C N N 22  
ARG NH1  N N N 23  
ARG NH2  N N N 24  
ARG OXT  O N N 25  
ARG H    H N N 26  
ARG H2   H N N 27  
ARG HA   H N N 28  
ARG HB2  H N N 29  
ARG HB3  H N N 30  
ARG HG2  H N N 31  
ARG HG3  H N N 32  
ARG HD2  H N N 33  
ARG HD3  H N N 34  
ARG HE   H N N 35  
ARG HH11 H N N 36  
ARG HH12 H N N 37  
ARG HH21 H N N 38  
ARG HH22 H N N 39  
ARG HXT  H N N 40  
ASN N    N N N 41  
ASN CA   C N S 42  
ASN C    C N N 43  
ASN O    O N N 44  
ASN CB   C N N 45  
ASN CG   C N N 46  
ASN OD1  O N N 47  
ASN ND2  N N N 48  
ASN OXT  O N N 49  
ASN H    H N N 50  
ASN H2   H N N 51  
ASN HA   H N N 52  
ASN HB2  H N N 53  
ASN HB3  H N N 54  
ASN HD21 H N N 55  
ASN HD22 H N N 56  
ASN HXT  H N N 57  
ASP N    N N N 58  
ASP CA   C N S 59  
ASP C    C N N 60  
ASP O    O N N 61  
ASP CB   C N N 62  
ASP CG   C N N 63  
ASP OD1  O N N 64  
ASP OD2  O N N 65  
ASP OXT  O N N 66  
ASP H    H N N 67  
ASP H2   H N N 68  
ASP HA   H N N 69  
ASP HB2  H N N 70  
ASP HB3  H N N 71  
ASP HD2  H N N 72  
ASP HXT  H N N 73  
GLN N    N N N 74  
GLN CA   C N S 75  
GLN C    C N N 76  
GLN O    O N N 77  
GLN CB   C N N 78  
GLN CG   C N N 79  
GLN CD   C N N 80  
GLN OE1  O N N 81  
GLN NE2  N N N 82  
GLN OXT  O N N 83  
GLN H    H N N 84  
GLN H2   H N N 85  
GLN HA   H N N 86  
GLN HB2  H N N 87  
GLN HB3  H N N 88  
GLN HG2  H N N 89  
GLN HG3  H N N 90  
GLN HE21 H N N 91  
GLN HE22 H N N 92  
GLN HXT  H N N 93  
GLU N    N N N 94  
GLU CA   C N S 95  
GLU C    C N N 96  
GLU O    O N N 97  
GLU CB   C N N 98  
GLU CG   C N N 99  
GLU CD   C N N 100 
GLU OE1  O N N 101 
GLU OE2  O N N 102 
GLU OXT  O N N 103 
GLU H    H N N 104 
GLU H2   H N N 105 
GLU HA   H N N 106 
GLU HB2  H N N 107 
GLU HB3  H N N 108 
GLU HG2  H N N 109 
GLU HG3  H N N 110 
GLU HE2  H N N 111 
GLU HXT  H N N 112 
GLY N    N N N 113 
GLY CA   C N N 114 
GLY C    C N N 115 
GLY O    O N N 116 
GLY OXT  O N N 117 
GLY H    H N N 118 
GLY H2   H N N 119 
GLY HA2  H N N 120 
GLY HA3  H N N 121 
GLY HXT  H N N 122 
HIS N    N N N 123 
HIS CA   C N S 124 
HIS C    C N N 125 
HIS O    O N N 126 
HIS CB   C N N 127 
HIS CG   C Y N 128 
HIS ND1  N Y N 129 
HIS CD2  C Y N 130 
HIS CE1  C Y N 131 
HIS NE2  N Y N 132 
HIS OXT  O N N 133 
HIS H    H N N 134 
HIS H2   H N N 135 
HIS HA   H N N 136 
HIS HB2  H N N 137 
HIS HB3  H N N 138 
HIS HD1  H N N 139 
HIS HD2  H N N 140 
HIS HE1  H N N 141 
HIS HE2  H N N 142 
HIS HXT  H N N 143 
HOH O    O N N 144 
HOH H1   H N N 145 
HOH H2   H N N 146 
ILE N    N N N 147 
ILE CA   C N S 148 
ILE C    C N N 149 
ILE O    O N N 150 
ILE CB   C N S 151 
ILE CG1  C N N 152 
ILE CG2  C N N 153 
ILE CD1  C N N 154 
ILE OXT  O N N 155 
ILE H    H N N 156 
ILE H2   H N N 157 
ILE HA   H N N 158 
ILE HB   H N N 159 
ILE HG12 H N N 160 
ILE HG13 H N N 161 
ILE HG21 H N N 162 
ILE HG22 H N N 163 
ILE HG23 H N N 164 
ILE HD11 H N N 165 
ILE HD12 H N N 166 
ILE HD13 H N N 167 
ILE HXT  H N N 168 
LEU N    N N N 169 
LEU CA   C N S 170 
LEU C    C N N 171 
LEU O    O N N 172 
LEU CB   C N N 173 
LEU CG   C N N 174 
LEU CD1  C N N 175 
LEU CD2  C N N 176 
LEU OXT  O N N 177 
LEU H    H N N 178 
LEU H2   H N N 179 
LEU HA   H N N 180 
LEU HB2  H N N 181 
LEU HB3  H N N 182 
LEU HG   H N N 183 
LEU HD11 H N N 184 
LEU HD12 H N N 185 
LEU HD13 H N N 186 
LEU HD21 H N N 187 
LEU HD22 H N N 188 
LEU HD23 H N N 189 
LEU HXT  H N N 190 
LYS N    N N N 191 
LYS CA   C N S 192 
LYS C    C N N 193 
LYS O    O N N 194 
LYS CB   C N N 195 
LYS CG   C N N 196 
LYS CD   C N N 197 
LYS CE   C N N 198 
LYS NZ   N N N 199 
LYS OXT  O N N 200 
LYS H    H N N 201 
LYS H2   H N N 202 
LYS HA   H N N 203 
LYS HB2  H N N 204 
LYS HB3  H N N 205 
LYS HG2  H N N 206 
LYS HG3  H N N 207 
LYS HD2  H N N 208 
LYS HD3  H N N 209 
LYS HE2  H N N 210 
LYS HE3  H N N 211 
LYS HZ1  H N N 212 
LYS HZ2  H N N 213 
LYS HZ3  H N N 214 
LYS HXT  H N N 215 
MET N    N N N 216 
MET CA   C N S 217 
MET C    C N N 218 
MET O    O N N 219 
MET CB   C N N 220 
MET CG   C N N 221 
MET SD   S N N 222 
MET CE   C N N 223 
MET OXT  O N N 224 
MET H    H N N 225 
MET H2   H N N 226 
MET HA   H N N 227 
MET HB2  H N N 228 
MET HB3  H N N 229 
MET HG2  H N N 230 
MET HG3  H N N 231 
MET HE1  H N N 232 
MET HE2  H N N 233 
MET HE3  H N N 234 
MET HXT  H N N 235 
PHE N    N N N 236 
PHE CA   C N S 237 
PHE C    C N N 238 
PHE O    O N N 239 
PHE CB   C N N 240 
PHE CG   C Y N 241 
PHE CD1  C Y N 242 
PHE CD2  C Y N 243 
PHE CE1  C Y N 244 
PHE CE2  C Y N 245 
PHE CZ   C Y N 246 
PHE OXT  O N N 247 
PHE H    H N N 248 
PHE H2   H N N 249 
PHE HA   H N N 250 
PHE HB2  H N N 251 
PHE HB3  H N N 252 
PHE HD1  H N N 253 
PHE HD2  H N N 254 
PHE HE1  H N N 255 
PHE HE2  H N N 256 
PHE HZ   H N N 257 
PHE HXT  H N N 258 
PRO N    N N N 259 
PRO CA   C N S 260 
PRO C    C N N 261 
PRO O    O N N 262 
PRO CB   C N N 263 
PRO CG   C N N 264 
PRO CD   C N N 265 
PRO OXT  O N N 266 
PRO H    H N N 267 
PRO HA   H N N 268 
PRO HB2  H N N 269 
PRO HB3  H N N 270 
PRO HG2  H N N 271 
PRO HG3  H N N 272 
PRO HD2  H N N 273 
PRO HD3  H N N 274 
PRO HXT  H N N 275 
SER N    N N N 276 
SER CA   C N S 277 
SER C    C N N 278 
SER O    O N N 279 
SER CB   C N N 280 
SER OG   O N N 281 
SER OXT  O N N 282 
SER H    H N N 283 
SER H2   H N N 284 
SER HA   H N N 285 
SER HB2  H N N 286 
SER HB3  H N N 287 
SER HG   H N N 288 
SER HXT  H N N 289 
THR N    N N N 290 
THR CA   C N S 291 
THR C    C N N 292 
THR O    O N N 293 
THR CB   C N R 294 
THR OG1  O N N 295 
THR CG2  C N N 296 
THR OXT  O N N 297 
THR H    H N N 298 
THR H2   H N N 299 
THR HA   H N N 300 
THR HB   H N N 301 
THR HG1  H N N 302 
THR HG21 H N N 303 
THR HG22 H N N 304 
THR HG23 H N N 305 
THR HXT  H N N 306 
TRP N    N N N 307 
TRP CA   C N S 308 
TRP C    C N N 309 
TRP O    O N N 310 
TRP CB   C N N 311 
TRP CG   C Y N 312 
TRP CD1  C Y N 313 
TRP CD2  C Y N 314 
TRP NE1  N Y N 315 
TRP CE2  C Y N 316 
TRP CE3  C Y N 317 
TRP CZ2  C Y N 318 
TRP CZ3  C Y N 319 
TRP CH2  C Y N 320 
TRP OXT  O N N 321 
TRP H    H N N 322 
TRP H2   H N N 323 
TRP HA   H N N 324 
TRP HB2  H N N 325 
TRP HB3  H N N 326 
TRP HD1  H N N 327 
TRP HE1  H N N 328 
TRP HE3  H N N 329 
TRP HZ2  H N N 330 
TRP HZ3  H N N 331 
TRP HH2  H N N 332 
TRP HXT  H N N 333 
TYR N    N N N 334 
TYR CA   C N S 335 
TYR C    C N N 336 
TYR O    O N N 337 
TYR CB   C N N 338 
TYR CG   C Y N 339 
TYR CD1  C Y N 340 
TYR CD2  C Y N 341 
TYR CE1  C Y N 342 
TYR CE2  C Y N 343 
TYR CZ   C Y N 344 
TYR OH   O N N 345 
TYR OXT  O N N 346 
TYR H    H N N 347 
TYR H2   H N N 348 
TYR HA   H N N 349 
TYR HB2  H N N 350 
TYR HB3  H N N 351 
TYR HD1  H N N 352 
TYR HD2  H N N 353 
TYR HE1  H N N 354 
TYR HE2  H N N 355 
TYR HH   H N N 356 
TYR HXT  H N N 357 
VAL N    N N N 358 
VAL CA   C N S 359 
VAL C    C N N 360 
VAL O    O N N 361 
VAL CB   C N N 362 
VAL CG1  C N N 363 
VAL CG2  C N N 364 
VAL OXT  O N N 365 
VAL H    H N N 366 
VAL H2   H N N 367 
VAL HA   H N N 368 
VAL HB   H N N 369 
VAL HG11 H N N 370 
VAL HG12 H N N 371 
VAL HG13 H N N 372 
VAL HG21 H N N 373 
VAL HG22 H N N 374 
VAL HG23 H N N 375 
VAL HXT  H N N 376 
# 
loop_
_chem_comp_bond.comp_id 
_chem_comp_bond.atom_id_1 
_chem_comp_bond.atom_id_2 
_chem_comp_bond.value_order 
_chem_comp_bond.pdbx_aromatic_flag 
_chem_comp_bond.pdbx_stereo_config 
_chem_comp_bond.pdbx_ordinal 
ALA N   CA   sing N N 1   
ALA N   H    sing N N 2   
ALA N   H2   sing N N 3   
ALA CA  C    sing N N 4   
ALA CA  CB   sing N N 5   
ALA CA  HA   sing N N 6   
ALA C   O    doub N N 7   
ALA C   OXT  sing N N 8   
ALA CB  HB1  sing N N 9   
ALA CB  HB2  sing N N 10  
ALA CB  HB3  sing N N 11  
ALA OXT HXT  sing N N 12  
ARG N   CA   sing N N 13  
ARG N   H    sing N N 14  
ARG N   H2   sing N N 15  
ARG CA  C    sing N N 16  
ARG CA  CB   sing N N 17  
ARG CA  HA   sing N N 18  
ARG C   O    doub N N 19  
ARG C   OXT  sing N N 20  
ARG CB  CG   sing N N 21  
ARG CB  HB2  sing N N 22  
ARG CB  HB3  sing N N 23  
ARG CG  CD   sing N N 24  
ARG CG  HG2  sing N N 25  
ARG CG  HG3  sing N N 26  
ARG CD  NE   sing N N 27  
ARG CD  HD2  sing N N 28  
ARG CD  HD3  sing N N 29  
ARG NE  CZ   sing N N 30  
ARG NE  HE   sing N N 31  
ARG CZ  NH1  sing N N 32  
ARG CZ  NH2  doub N N 33  
ARG NH1 HH11 sing N N 34  
ARG NH1 HH12 sing N N 35  
ARG NH2 HH21 sing N N 36  
ARG NH2 HH22 sing N N 37  
ARG OXT HXT  sing N N 38  
ASN N   CA   sing N N 39  
ASN N   H    sing N N 40  
ASN N   H2   sing N N 41  
ASN CA  C    sing N N 42  
ASN CA  CB   sing N N 43  
ASN CA  HA   sing N N 44  
ASN C   O    doub N N 45  
ASN C   OXT  sing N N 46  
ASN CB  CG   sing N N 47  
ASN CB  HB2  sing N N 48  
ASN CB  HB3  sing N N 49  
ASN CG  OD1  doub N N 50  
ASN CG  ND2  sing N N 51  
ASN ND2 HD21 sing N N 52  
ASN ND2 HD22 sing N N 53  
ASN OXT HXT  sing N N 54  
ASP N   CA   sing N N 55  
ASP N   H    sing N N 56  
ASP N   H2   sing N N 57  
ASP CA  C    sing N N 58  
ASP CA  CB   sing N N 59  
ASP CA  HA   sing N N 60  
ASP C   O    doub N N 61  
ASP C   OXT  sing N N 62  
ASP CB  CG   sing N N 63  
ASP CB  HB2  sing N N 64  
ASP CB  HB3  sing N N 65  
ASP CG  OD1  doub N N 66  
ASP CG  OD2  sing N N 67  
ASP OD2 HD2  sing N N 68  
ASP OXT HXT  sing N N 69  
GLN N   CA   sing N N 70  
GLN N   H    sing N N 71  
GLN N   H2   sing N N 72  
GLN CA  C    sing N N 73  
GLN CA  CB   sing N N 74  
GLN CA  HA   sing N N 75  
GLN C   O    doub N N 76  
GLN C   OXT  sing N N 77  
GLN CB  CG   sing N N 78  
GLN CB  HB2  sing N N 79  
GLN CB  HB3  sing N N 80  
GLN CG  CD   sing N N 81  
GLN CG  HG2  sing N N 82  
GLN CG  HG3  sing N N 83  
GLN CD  OE1  doub N N 84  
GLN CD  NE2  sing N N 85  
GLN NE2 HE21 sing N N 86  
GLN NE2 HE22 sing N N 87  
GLN OXT HXT  sing N N 88  
GLU N   CA   sing N N 89  
GLU N   H    sing N N 90  
GLU N   H2   sing N N 91  
GLU CA  C    sing N N 92  
GLU CA  CB   sing N N 93  
GLU CA  HA   sing N N 94  
GLU C   O    doub N N 95  
GLU C   OXT  sing N N 96  
GLU CB  CG   sing N N 97  
GLU CB  HB2  sing N N 98  
GLU CB  HB3  sing N N 99  
GLU CG  CD   sing N N 100 
GLU CG  HG2  sing N N 101 
GLU CG  HG3  sing N N 102 
GLU CD  OE1  doub N N 103 
GLU CD  OE2  sing N N 104 
GLU OE2 HE2  sing N N 105 
GLU OXT HXT  sing N N 106 
GLY N   CA   sing N N 107 
GLY N   H    sing N N 108 
GLY N   H2   sing N N 109 
GLY CA  C    sing N N 110 
GLY CA  HA2  sing N N 111 
GLY CA  HA3  sing N N 112 
GLY C   O    doub N N 113 
GLY C   OXT  sing N N 114 
GLY OXT HXT  sing N N 115 
HIS N   CA   sing N N 116 
HIS N   H    sing N N 117 
HIS N   H2   sing N N 118 
HIS CA  C    sing N N 119 
HIS CA  CB   sing N N 120 
HIS CA  HA   sing N N 121 
HIS C   O    doub N N 122 
HIS C   OXT  sing N N 123 
HIS CB  CG   sing N N 124 
HIS CB  HB2  sing N N 125 
HIS CB  HB3  sing N N 126 
HIS CG  ND1  sing Y N 127 
HIS CG  CD2  doub Y N 128 
HIS ND1 CE1  doub Y N 129 
HIS ND1 HD1  sing N N 130 
HIS CD2 NE2  sing Y N 131 
HIS CD2 HD2  sing N N 132 
HIS CE1 NE2  sing Y N 133 
HIS CE1 HE1  sing N N 134 
HIS NE2 HE2  sing N N 135 
HIS OXT HXT  sing N N 136 
HOH O   H1   sing N N 137 
HOH O   H2   sing N N 138 
ILE N   CA   sing N N 139 
ILE N   H    sing N N 140 
ILE N   H2   sing N N 141 
ILE CA  C    sing N N 142 
ILE CA  CB   sing N N 143 
ILE CA  HA   sing N N 144 
ILE C   O    doub N N 145 
ILE C   OXT  sing N N 146 
ILE CB  CG1  sing N N 147 
ILE CB  CG2  sing N N 148 
ILE CB  HB   sing N N 149 
ILE CG1 CD1  sing N N 150 
ILE CG1 HG12 sing N N 151 
ILE CG1 HG13 sing N N 152 
ILE CG2 HG21 sing N N 153 
ILE CG2 HG22 sing N N 154 
ILE CG2 HG23 sing N N 155 
ILE CD1 HD11 sing N N 156 
ILE CD1 HD12 sing N N 157 
ILE CD1 HD13 sing N N 158 
ILE OXT HXT  sing N N 159 
LEU N   CA   sing N N 160 
LEU N   H    sing N N 161 
LEU N   H2   sing N N 162 
LEU CA  C    sing N N 163 
LEU CA  CB   sing N N 164 
LEU CA  HA   sing N N 165 
LEU C   O    doub N N 166 
LEU C   OXT  sing N N 167 
LEU CB  CG   sing N N 168 
LEU CB  HB2  sing N N 169 
LEU CB  HB3  sing N N 170 
LEU CG  CD1  sing N N 171 
LEU CG  CD2  sing N N 172 
LEU CG  HG   sing N N 173 
LEU CD1 HD11 sing N N 174 
LEU CD1 HD12 sing N N 175 
LEU CD1 HD13 sing N N 176 
LEU CD2 HD21 sing N N 177 
LEU CD2 HD22 sing N N 178 
LEU CD2 HD23 sing N N 179 
LEU OXT HXT  sing N N 180 
LYS N   CA   sing N N 181 
LYS N   H    sing N N 182 
LYS N   H2   sing N N 183 
LYS CA  C    sing N N 184 
LYS CA  CB   sing N N 185 
LYS CA  HA   sing N N 186 
LYS C   O    doub N N 187 
LYS C   OXT  sing N N 188 
LYS CB  CG   sing N N 189 
LYS CB  HB2  sing N N 190 
LYS CB  HB3  sing N N 191 
LYS CG  CD   sing N N 192 
LYS CG  HG2  sing N N 193 
LYS CG  HG3  sing N N 194 
LYS CD  CE   sing N N 195 
LYS CD  HD2  sing N N 196 
LYS CD  HD3  sing N N 197 
LYS CE  NZ   sing N N 198 
LYS CE  HE2  sing N N 199 
LYS CE  HE3  sing N N 200 
LYS NZ  HZ1  sing N N 201 
LYS NZ  HZ2  sing N N 202 
LYS NZ  HZ3  sing N N 203 
LYS OXT HXT  sing N N 204 
MET N   CA   sing N N 205 
MET N   H    sing N N 206 
MET N   H2   sing N N 207 
MET CA  C    sing N N 208 
MET CA  CB   sing N N 209 
MET CA  HA   sing N N 210 
MET C   O    doub N N 211 
MET C   OXT  sing N N 212 
MET CB  CG   sing N N 213 
MET CB  HB2  sing N N 214 
MET CB  HB3  sing N N 215 
MET CG  SD   sing N N 216 
MET CG  HG2  sing N N 217 
MET CG  HG3  sing N N 218 
MET SD  CE   sing N N 219 
MET CE  HE1  sing N N 220 
MET CE  HE2  sing N N 221 
MET CE  HE3  sing N N 222 
MET OXT HXT  sing N N 223 
PHE N   CA   sing N N 224 
PHE N   H    sing N N 225 
PHE N   H2   sing N N 226 
PHE CA  C    sing N N 227 
PHE CA  CB   sing N N 228 
PHE CA  HA   sing N N 229 
PHE C   O    doub N N 230 
PHE C   OXT  sing N N 231 
PHE CB  CG   sing N N 232 
PHE CB  HB2  sing N N 233 
PHE CB  HB3  sing N N 234 
PHE CG  CD1  doub Y N 235 
PHE CG  CD2  sing Y N 236 
PHE CD1 CE1  sing Y N 237 
PHE CD1 HD1  sing N N 238 
PHE CD2 CE2  doub Y N 239 
PHE CD2 HD2  sing N N 240 
PHE CE1 CZ   doub Y N 241 
PHE CE1 HE1  sing N N 242 
PHE CE2 CZ   sing Y N 243 
PHE CE2 HE2  sing N N 244 
PHE CZ  HZ   sing N N 245 
PHE OXT HXT  sing N N 246 
PRO N   CA   sing N N 247 
PRO N   CD   sing N N 248 
PRO N   H    sing N N 249 
PRO CA  C    sing N N 250 
PRO CA  CB   sing N N 251 
PRO CA  HA   sing N N 252 
PRO C   O    doub N N 253 
PRO C   OXT  sing N N 254 
PRO CB  CG   sing N N 255 
PRO CB  HB2  sing N N 256 
PRO CB  HB3  sing N N 257 
PRO CG  CD   sing N N 258 
PRO CG  HG2  sing N N 259 
PRO CG  HG3  sing N N 260 
PRO CD  HD2  sing N N 261 
PRO CD  HD3  sing N N 262 
PRO OXT HXT  sing N N 263 
SER N   CA   sing N N 264 
SER N   H    sing N N 265 
SER N   H2   sing N N 266 
SER CA  C    sing N N 267 
SER CA  CB   sing N N 268 
SER CA  HA   sing N N 269 
SER C   O    doub N N 270 
SER C   OXT  sing N N 271 
SER CB  OG   sing N N 272 
SER CB  HB2  sing N N 273 
SER CB  HB3  sing N N 274 
SER OG  HG   sing N N 275 
SER OXT HXT  sing N N 276 
THR N   CA   sing N N 277 
THR N   H    sing N N 278 
THR N   H2   sing N N 279 
THR CA  C    sing N N 280 
THR CA  CB   sing N N 281 
THR CA  HA   sing N N 282 
THR C   O    doub N N 283 
THR C   OXT  sing N N 284 
THR CB  OG1  sing N N 285 
THR CB  CG2  sing N N 286 
THR CB  HB   sing N N 287 
THR OG1 HG1  sing N N 288 
THR CG2 HG21 sing N N 289 
THR CG2 HG22 sing N N 290 
THR CG2 HG23 sing N N 291 
THR OXT HXT  sing N N 292 
TRP N   CA   sing N N 293 
TRP N   H    sing N N 294 
TRP N   H2   sing N N 295 
TRP CA  C    sing N N 296 
TRP CA  CB   sing N N 297 
TRP CA  HA   sing N N 298 
TRP C   O    doub N N 299 
TRP C   OXT  sing N N 300 
TRP CB  CG   sing N N 301 
TRP CB  HB2  sing N N 302 
TRP CB  HB3  sing N N 303 
TRP CG  CD1  doub Y N 304 
TRP CG  CD2  sing Y N 305 
TRP CD1 NE1  sing Y N 306 
TRP CD1 HD1  sing N N 307 
TRP CD2 CE2  doub Y N 308 
TRP CD2 CE3  sing Y N 309 
TRP NE1 CE2  sing Y N 310 
TRP NE1 HE1  sing N N 311 
TRP CE2 CZ2  sing Y N 312 
TRP CE3 CZ3  doub Y N 313 
TRP CE3 HE3  sing N N 314 
TRP CZ2 CH2  doub Y N 315 
TRP CZ2 HZ2  sing N N 316 
TRP CZ3 CH2  sing Y N 317 
TRP CZ3 HZ3  sing N N 318 
TRP CH2 HH2  sing N N 319 
TRP OXT HXT  sing N N 320 
TYR N   CA   sing N N 321 
TYR N   H    sing N N 322 
TYR N   H2   sing N N 323 
TYR CA  C    sing N N 324 
TYR CA  CB   sing N N 325 
TYR CA  HA   sing N N 326 
TYR C   O    doub N N 327 
TYR C   OXT  sing N N 328 
TYR CB  CG   sing N N 329 
TYR CB  HB2  sing N N 330 
TYR CB  HB3  sing N N 331 
TYR CG  CD1  doub Y N 332 
TYR CG  CD2  sing Y N 333 
TYR CD1 CE1  sing Y N 334 
TYR CD1 HD1  sing N N 335 
TYR CD2 CE2  doub Y N 336 
TYR CD2 HD2  sing N N 337 
TYR CE1 CZ   doub Y N 338 
TYR CE1 HE1  sing N N 339 
TYR CE2 CZ   sing Y N 340 
TYR CE2 HE2  sing N N 341 
TYR CZ  OH   sing N N 342 
TYR OH  HH   sing N N 343 
TYR OXT HXT  sing N N 344 
VAL N   CA   sing N N 345 
VAL N   H    sing N N 346 
VAL N   H2   sing N N 347 
VAL CA  C    sing N N 348 
VAL CA  CB   sing N N 349 
VAL CA  HA   sing N N 350 
VAL C   O    doub N N 351 
VAL C   OXT  sing N N 352 
VAL CB  CG1  sing N N 353 
VAL CB  CG2  sing N N 354 
VAL CB  HB   sing N N 355 
VAL CG1 HG11 sing N N 356 
VAL CG1 HG12 sing N N 357 
VAL CG1 HG13 sing N N 358 
VAL CG2 HG21 sing N N 359 
VAL CG2 HG22 sing N N 360 
VAL CG2 HG23 sing N N 361 
VAL OXT HXT  sing N N 362 
# 
_atom_sites.entry_id                    3E9U 
_atom_sites.fract_transf_matrix[1][1]   -0.00431706 
_atom_sites.fract_transf_matrix[1][2]   -0.00872527 
_atom_sites.fract_transf_matrix[1][3]   0.00299688 
_atom_sites.fract_transf_matrix[2][1]   -0.00987205 
_atom_sites.fract_transf_matrix[2][2]   -0.00169633 
_atom_sites.fract_transf_matrix[2][3]   -0.00184924 
_atom_sites.fract_transf_matrix[3][1]   0.00567460 
_atom_sites.fract_transf_matrix[3][2]   -0.01004707 
_atom_sites.fract_transf_matrix[3][3]   -0.02107719 
_atom_sites.fract_transf_vector[1]      0.037944 
_atom_sites.fract_transf_vector[2]      -0.388719 
_atom_sites.fract_transf_vector[3]      -0.030075 
# 
loop_
_atom_type.symbol 
C 
N 
O 
S 
# 
loop_
_atom_site.group_PDB 
_atom_site.id 
_atom_site.type_symbol 
_atom_site.label_atom_id 
_atom_site.label_alt_id 
_atom_site.label_comp_id 
_atom_site.label_asym_id 
_atom_site.label_entity_id 
_atom_site.label_seq_id 
_atom_site.pdbx_PDB_ins_code 
_atom_site.Cartn_x 
_atom_site.Cartn_y 
_atom_site.Cartn_z 
_atom_site.occupancy 
_atom_site.B_iso_or_equiv 
_atom_site.pdbx_formal_charge 
_atom_site.auth_seq_id 
_atom_site.auth_comp_id 
_atom_site.auth_asym_id 
_atom_site.auth_atom_id 
_atom_site.pdbx_PDB_model_num 
ATOM   1    N N   . MET A 1 1   ? 18.670  1.170   -7.843  1.00 73.21 ? 548 MET A N   1 
ATOM   2    C CA  . MET A 1 1   ? 19.090  2.414   -7.124  1.00 73.48 ? 548 MET A CA  1 
ATOM   3    C C   . MET A 1 1   ? 18.604  3.693   -7.852  1.00 72.85 ? 548 MET A C   1 
ATOM   4    O O   . MET A 1 1   ? 17.826  3.583   -8.803  1.00 72.83 ? 548 MET A O   1 
ATOM   5    C CB  . MET A 1 1   ? 20.607  2.402   -6.886  1.00 73.52 ? 548 MET A CB  1 
ATOM   6    C CG  . MET A 1 1   ? 21.048  1.383   -5.835  1.00 74.11 ? 548 MET A CG  1 
ATOM   7    S SD  . MET A 1 1   ? 22.351  1.970   -4.721  1.00 74.64 ? 548 MET A SD  1 
ATOM   8    C CE  . MET A 1 1   ? 23.750  2.110   -5.823  1.00 74.40 ? 548 MET A CE  1 
ATOM   9    N N   . GLY A 1 2   ? 19.004  4.897   -7.413  1.00 72.37 ? 549 GLY A N   1 
ATOM   10   C CA  . GLY A 1 2   ? 19.876  5.141   -6.248  1.00 71.57 ? 549 GLY A CA  1 
ATOM   11   C C   . GLY A 1 2   ? 19.135  5.240   -4.923  1.00 71.04 ? 549 GLY A C   1 
ATOM   12   O O   . GLY A 1 2   ? 17.940  4.930   -4.847  1.00 71.25 ? 549 GLY A O   1 
ATOM   13   N N   . ARG A 1 3   ? 19.839  5.670   -3.874  1.00 70.17 ? 550 ARG A N   1 
ATOM   14   C CA  . ARG A 1 3   ? 19.256  5.729   -2.526  1.00 69.31 ? 550 ARG A CA  1 
ATOM   15   C C   . ARG A 1 3   ? 18.163  6.802   -2.420  1.00 68.58 ? 550 ARG A C   1 
ATOM   16   O O   . ARG A 1 3   ? 17.293  6.728   -1.548  1.00 68.61 ? 550 ARG A O   1 
ATOM   17   C CB  . ARG A 1 3   ? 20.348  5.931   -1.462  1.00 69.36 ? 550 ARG A CB  1 
ATOM   18   C CG  . ARG A 1 3   ? 19.953  5.504   -0.048  1.00 69.34 ? 550 ARG A CG  1 
ATOM   19   C CD  . ARG A 1 3   ? 21.174  5.344   0.858   1.00 69.51 ? 550 ARG A CD  1 
ATOM   20   N NE  . ARG A 1 3   ? 20.820  4.822   2.182   1.00 70.08 ? 550 ARG A NE  1 
ATOM   21   C CZ  . ARG A 1 3   ? 20.955  5.489   3.330   1.00 70.32 ? 550 ARG A CZ  1 
ATOM   22   N NH1 . ARG A 1 3   ? 20.601  4.918   4.474   1.00 70.14 ? 550 ARG A NH1 1 
ATOM   23   N NH2 . ARG A 1 3   ? 21.448  6.723   3.345   1.00 70.52 ? 550 ARG A NH2 1 
ATOM   24   N N   . GLY A 1 4   ? 18.212  7.784   -3.320  1.00 67.64 ? 551 GLY A N   1 
ATOM   25   C CA  . GLY A 1 4   ? 17.221  8.856   -3.363  1.00 66.40 ? 551 GLY A CA  1 
ATOM   26   C C   . GLY A 1 4   ? 16.522  8.997   -4.705  1.00 65.54 ? 551 GLY A C   1 
ATOM   27   O O   . GLY A 1 4   ? 16.844  8.295   -5.666  1.00 65.63 ? 551 GLY A O   1 
ATOM   28   N N   . SER A 1 5   ? 15.550  9.906   -4.749  1.00 64.47 ? 552 SER A N   1 
ATOM   29   C CA  . SER A 1 5   ? 14.813  10.266  -5.961  1.00 63.34 ? 552 SER A CA  1 
ATOM   30   C C   . SER A 1 5   ? 14.166  11.631  -5.731  1.00 62.74 ? 552 SER A C   1 
ATOM   31   O O   . SER A 1 5   ? 14.077  12.093  -4.591  1.00 62.60 ? 552 SER A O   1 
ATOM   32   C CB  . SER A 1 5   ? 13.746  9.215   -6.290  1.00 63.36 ? 552 SER A CB  1 
ATOM   33   O OG  . SER A 1 5   ? 12.942  9.605   -7.392  1.00 62.79 ? 552 SER A OG  1 
ATOM   34   N N   . GLU A 1 6   ? 13.721  12.279  -6.803  1.00 61.80 ? 553 GLU A N   1 
ATOM   35   C CA  . GLU A 1 6   ? 13.084  13.588  -6.681  1.00 61.02 ? 553 GLU A CA  1 
ATOM   36   C C   . GLU A 1 6   ? 11.562  13.480  -6.785  1.00 60.26 ? 553 GLU A C   1 
ATOM   37   O O   . GLU A 1 6   ? 10.842  14.427  -6.446  1.00 60.29 ? 553 GLU A O   1 
ATOM   38   C CB  . GLU A 1 6   ? 13.630  14.550  -7.743  1.00 61.16 ? 553 GLU A CB  1 
ATOM   39   C CG  . GLU A 1 6   ? 13.555  16.031  -7.382  1.00 61.16 ? 553 GLU A CG  1 
ATOM   40   C CD  . GLU A 1 6   ? 14.127  16.935  -8.472  1.00 61.17 ? 553 GLU A CD  1 
ATOM   41   O OE1 . GLU A 1 6   ? 13.870  18.158  -8.415  1.00 61.09 ? 553 GLU A OE1 1 
ATOM   42   O OE2 . GLU A 1 6   ? 14.828  16.428  -9.384  1.00 60.79 ? 553 GLU A OE2 1 
ATOM   43   N N   . PHE A 1 7   ? 11.077  12.315  -7.217  1.00 59.12 ? 554 PHE A N   1 
ATOM   44   C CA  . PHE A 1 7   ? 9.654   12.156  -7.554  1.00 57.87 ? 554 PHE A CA  1 
ATOM   45   C C   . PHE A 1 7   ? 8.637   11.554  -6.536  1.00 56.81 ? 554 PHE A C   1 
ATOM   46   O O   . PHE A 1 7   ? 7.474   11.941  -6.599  1.00 56.74 ? 554 PHE A O   1 
ATOM   47   C CB  . PHE A 1 7   ? 9.486   11.564  -8.969  1.00 57.97 ? 554 PHE A CB  1 
ATOM   48   C CG  . PHE A 1 7   ? 9.899   12.513  -10.077 1.00 57.74 ? 554 PHE A CG  1 
ATOM   49   C CD1 . PHE A 1 7   ? 9.196   13.700  -10.302 1.00 57.82 ? 554 PHE A CD1 1 
ATOM   50   C CD2 . PHE A 1 7   ? 10.989  12.223  -10.894 1.00 57.77 ? 554 PHE A CD2 1 
ATOM   51   C CE1 . PHE A 1 7   ? 9.574   14.586  -11.320 1.00 57.39 ? 554 PHE A CE1 1 
ATOM   52   C CE2 . PHE A 1 7   ? 11.376  13.102  -11.915 1.00 57.77 ? 554 PHE A CE2 1 
ATOM   53   C CZ  . PHE A 1 7   ? 10.664  14.285  -12.127 1.00 57.58 ? 554 PHE A CZ  1 
ATOM   54   N N   . GLY A 1 8   ? 8.988   10.643  -5.618  1.00 55.59 ? 555 GLY A N   1 
ATOM   55   C CA  . GLY A 1 8   ? 10.279  9.981   -5.462  1.00 54.02 ? 555 GLY A CA  1 
ATOM   56   C C   . GLY A 1 8   ? 10.128  8.494   -5.130  1.00 52.85 ? 555 GLY A C   1 
ATOM   57   O O   . GLY A 1 8   ? 9.991   7.675   -6.037  1.00 52.87 ? 555 GLY A O   1 
ATOM   58   N N   . ILE A 1 9   ? 10.149  8.142   -3.841  1.00 51.57 ? 556 ILE A N   1 
ATOM   59   C CA  . ILE A 1 9   ? 10.185  6.724   -3.412  1.00 50.41 ? 556 ILE A CA  1 
ATOM   60   C C   . ILE A 1 9   ? 8.990   6.297   -2.533  1.00 49.64 ? 556 ILE A C   1 
ATOM   61   O O   . ILE A 1 9   ? 8.801   6.817   -1.429  1.00 49.53 ? 556 ILE A O   1 
ATOM   62   C CB  . ILE A 1 9   ? 11.530  6.368   -2.708  1.00 50.53 ? 556 ILE A CB  1 
ATOM   63   C CG1 . ILE A 1 9   ? 12.719  6.684   -3.623  1.00 50.49 ? 556 ILE A CG1 1 
ATOM   64   C CG2 . ILE A 1 9   ? 11.560  4.893   -2.294  1.00 50.14 ? 556 ILE A CG2 1 
ATOM   65   C CD1 . ILE A 1 9   ? 14.031  6.855   -2.896  1.00 51.22 ? 556 ILE A CD1 1 
ATOM   66   N N   . PHE A 1 10  ? 8.216   5.326   -3.024  1.00 48.52 ? 557 PHE A N   1 
ATOM   67   C CA  . PHE A 1 10  ? 6.916   4.967   -2.448  1.00 47.54 ? 557 PHE A CA  1 
ATOM   68   C C   . PHE A 1 10  ? 6.899   3.606   -1.756  1.00 47.17 ? 557 PHE A C   1 
ATOM   69   O O   . PHE A 1 10  ? 7.298   2.593   -2.345  1.00 47.14 ? 557 PHE A O   1 
ATOM   70   C CB  . PHE A 1 10  ? 5.841   4.989   -3.533  1.00 47.41 ? 557 PHE A CB  1 
ATOM   71   C CG  . PHE A 1 10  ? 5.685   6.323   -4.209  1.00 47.33 ? 557 PHE A CG  1 
ATOM   72   C CD1 . PHE A 1 10  ? 4.746   7.242   -3.748  1.00 46.93 ? 557 PHE A CD1 1 
ATOM   73   C CD2 . PHE A 1 10  ? 6.474   6.660   -5.307  1.00 46.60 ? 557 PHE A CD2 1 
ATOM   74   C CE1 . PHE A 1 10  ? 4.593   8.476   -4.367  1.00 47.12 ? 557 PHE A CE1 1 
ATOM   75   C CE2 . PHE A 1 10  ? 6.333   7.893   -5.928  1.00 46.89 ? 557 PHE A CE2 1 
ATOM   76   C CZ  . PHE A 1 10  ? 5.391   8.806   -5.458  1.00 47.04 ? 557 PHE A CZ  1 
ATOM   77   N N   . ALA A 1 11  ? 6.406   3.584   -0.515  1.00 46.38 ? 558 ALA A N   1 
ATOM   78   C CA  . ALA A 1 11  ? 6.336   2.357   0.291   1.00 45.47 ? 558 ALA A CA  1 
ATOM   79   C C   . ALA A 1 11  ? 5.351   2.481   1.458   1.00 44.78 ? 558 ALA A C   1 
ATOM   80   O O   . ALA A 1 11  ? 4.982   3.594   1.850   1.00 44.41 ? 558 ALA A O   1 
ATOM   81   C CB  . ALA A 1 11  ? 7.727   1.989   0.814   1.00 45.35 ? 558 ALA A CB  1 
ATOM   82   N N   . PHE A 1 12  ? 4.930   1.337   2.003   1.00 43.95 ? 559 PHE A N   1 
ATOM   83   C CA  . PHE A 1 12  ? 4.178   1.307   3.258   1.00 43.22 ? 559 PHE A CA  1 
ATOM   84   C C   . PHE A 1 12  ? 5.128   1.652   4.407   1.00 43.21 ? 559 PHE A C   1 
ATOM   85   O O   . PHE A 1 12  ? 6.345   1.541   4.270   1.00 42.97 ? 559 PHE A O   1 
ATOM   86   C CB  . PHE A 1 12  ? 3.556   -0.076  3.514   1.00 42.66 ? 559 PHE A CB  1 
ATOM   87   C CG  . PHE A 1 12  ? 2.502   -0.480  2.517   1.00 41.59 ? 559 PHE A CG  1 
ATOM   88   C CD1 . PHE A 1 12  ? 1.274   0.176   2.467   1.00 40.74 ? 559 PHE A CD1 1 
ATOM   89   C CD2 . PHE A 1 12  ? 2.722   -1.550  1.656   1.00 41.05 ? 559 PHE A CD2 1 
ATOM   90   C CE1 . PHE A 1 12  ? 0.297   -0.204  1.548   1.00 39.59 ? 559 PHE A CE1 1 
ATOM   91   C CE2 . PHE A 1 12  ? 1.756   -1.939  0.738   1.00 40.47 ? 559 PHE A CE2 1 
ATOM   92   C CZ  . PHE A 1 12  ? 0.538   -1.264  0.684   1.00 40.74 ? 559 PHE A CZ  1 
ATOM   93   N N   . THR A 1 13  ? 4.559   2.052   5.538   1.00 43.40 ? 560 THR A N   1 
ATOM   94   C CA  . THR A 1 13  ? 5.326   2.405   6.738   1.00 43.43 ? 560 THR A CA  1 
ATOM   95   C C   . THR A 1 13  ? 6.049   1.196   7.339   1.00 43.34 ? 560 THR A C   1 
ATOM   96   O O   . THR A 1 13  ? 7.175   1.319   7.818   1.00 43.57 ? 560 THR A O   1 
ATOM   97   C CB  . THR A 1 13  ? 4.423   3.145   7.754   1.00 43.56 ? 560 THR A CB  1 
ATOM   98   O OG1 . THR A 1 13  ? 4.575   4.555   7.552   1.00 43.69 ? 560 THR A OG1 1 
ATOM   99   C CG2 . THR A 1 13  ? 4.747   2.792   9.211   1.00 43.83 ? 560 THR A CG2 1 
ATOM   100  N N   . ASP A 1 14  ? 5.387   0.042   7.333   1.00 43.03 ? 561 ASP A N   1 
ATOM   101  C CA  . ASP A 1 14  ? 6.074   -1.251  7.437   1.00 42.64 ? 561 ASP A CA  1 
ATOM   102  C C   . ASP A 1 14  ? 5.268   -2.393  6.845   1.00 41.87 ? 561 ASP A C   1 
ATOM   103  O O   . ASP A 1 14  ? 4.255   -2.172  6.187   1.00 41.92 ? 561 ASP A O   1 
ATOM   104  C CB  . ASP A 1 14  ? 6.589   -1.581  8.851   1.00 43.10 ? 561 ASP A CB  1 
ATOM   105  C CG  . ASP A 1 14  ? 5.528   -1.472  9.911   1.00 44.18 ? 561 ASP A CG  1 
ATOM   106  O OD1 . ASP A 1 14  ? 5.744   -2.052  10.997  1.00 45.05 ? 561 ASP A OD1 1 
ATOM   107  O OD2 . ASP A 1 14  ? 4.497   -0.805  9.675   1.00 46.10 ? 561 ASP A OD2 1 
ATOM   108  N N   . SER A 1 15  ? 5.743   -3.611  7.059   1.00 41.07 ? 562 SER A N   1 
ATOM   109  C CA  . SER A 1 15  ? 5.177   -4.782  6.416   1.00 40.12 ? 562 SER A CA  1 
ATOM   110  C C   . SER A 1 15  ? 3.998   -5.327  7.199   1.00 39.85 ? 562 SER A C   1 
ATOM   111  O O   . SER A 1 15  ? 3.190   -6.084  6.663   1.00 39.61 ? 562 SER A O   1 
ATOM   112  C CB  . SER A 1 15  ? 6.252   -5.860  6.295   1.00 40.04 ? 562 SER A CB  1 
ATOM   113  O OG  . SER A 1 15  ? 6.804   -6.154  7.565   1.00 39.14 ? 562 SER A OG  1 
ATOM   114  N N   . VAL A 1 16  ? 3.895   -4.913  8.458   1.00 39.56 ? 563 VAL A N   1 
ATOM   115  C CA  . VAL A 1 16  ? 3.120   -5.658  9.432   1.00 39.52 ? 563 VAL A CA  1 
ATOM   116  C C   . VAL A 1 16  ? 2.122   -4.798  10.255  1.00 39.81 ? 563 VAL A C   1 
ATOM   117  O O   . VAL A 1 16  ? 2.506   -3.816  10.889  1.00 40.05 ? 563 VAL A O   1 
ATOM   118  C CB  . VAL A 1 16  ? 4.100   -6.538  10.273  1.00 39.44 ? 563 VAL A CB  1 
ATOM   119  C CG1 . VAL A 1 16  ? 4.472   -5.905  11.619  1.00 38.76 ? 563 VAL A CG1 1 
ATOM   120  C CG2 . VAL A 1 16  ? 3.550   -7.910  10.435  1.00 38.87 ? 563 VAL A CG2 1 
ATOM   121  N N   . PHE A 1 17  ? 0.840   -5.162  10.208  1.00 39.99 ? 564 PHE A N   1 
ATOM   122  C CA  . PHE A 1 17  ? -0.231  -4.409  10.881  1.00 40.37 ? 564 PHE A CA  1 
ATOM   123  C C   . PHE A 1 17  ? -1.247  -5.329  11.575  1.00 40.60 ? 564 PHE A C   1 
ATOM   124  O O   . PHE A 1 17  ? -1.445  -6.463  11.145  1.00 40.18 ? 564 PHE A O   1 
ATOM   125  C CB  . PHE A 1 17  ? -0.966  -3.507  9.877   1.00 40.42 ? 564 PHE A CB  1 
ATOM   126  C CG  . PHE A 1 17  ? -0.071  -2.536  9.167   1.00 40.61 ? 564 PHE A CG  1 
ATOM   127  C CD1 . PHE A 1 17  ? 0.166   -1.273  9.698   1.00 41.11 ? 564 PHE A CD1 1 
ATOM   128  C CD2 . PHE A 1 17  ? 0.540   -2.884  7.966   1.00 40.61 ? 564 PHE A CD2 1 
ATOM   129  C CE1 . PHE A 1 17  ? 1.004   -0.368  9.049   1.00 40.44 ? 564 PHE A CE1 1 
ATOM   130  C CE2 . PHE A 1 17  ? 1.382   -1.991  7.315   1.00 41.09 ? 564 PHE A CE2 1 
ATOM   131  C CZ  . PHE A 1 17  ? 1.610   -0.729  7.858   1.00 40.58 ? 564 PHE A CZ  1 
ATOM   132  N N   . GLU A 1 18  ? -1.893  -4.825  12.630  1.00 41.25 ? 565 GLU A N   1 
ATOM   133  C CA  . GLU A 1 18  ? -2.853  -5.607  13.426  1.00 42.23 ? 565 GLU A CA  1 
ATOM   134  C C   . GLU A 1 18  ? -4.073  -4.822  13.967  1.00 42.91 ? 565 GLU A C   1 
ATOM   135  O O   . GLU A 1 18  ? -3.918  -3.891  14.759  1.00 42.65 ? 565 GLU A O   1 
ATOM   136  C CB  . GLU A 1 18  ? -2.125  -6.308  14.583  1.00 42.04 ? 565 GLU A CB  1 
ATOM   137  C CG  . GLU A 1 18  ? -2.964  -7.372  15.300  1.00 42.44 ? 565 GLU A CG  1 
ATOM   138  C CD  . GLU A 1 18  ? -2.210  -8.095  16.407  1.00 42.45 ? 565 GLU A CD  1 
ATOM   139  O OE1 . GLU A 1 18  ? -2.677  -8.078  17.559  1.00 44.11 ? 565 GLU A OE1 1 
ATOM   140  O OE2 . GLU A 1 18  ? -1.150  -8.688  16.140  1.00 43.45 ? 565 GLU A OE2 1 
ATOM   141  N N   . ILE A 1 19  ? -5.269  -5.209  13.510  1.00 44.13 ? 566 ILE A N   1 
ATOM   142  C CA  . ILE A 1 19  ? -6.586  -4.840  14.108  1.00 45.56 ? 566 ILE A CA  1 
ATOM   143  C C   . ILE A 1 19  ? -7.259  -6.215  14.370  1.00 46.37 ? 566 ILE A C   1 
ATOM   144  O O   . ILE A 1 19  ? -6.732  -7.182  13.840  1.00 47.10 ? 566 ILE A O   1 
ATOM   145  C CB  . ILE A 1 19  ? -7.387  -3.892  13.174  1.00 45.56 ? 566 ILE A CB  1 
ATOM   146  C CG1 . ILE A 1 19  ? -7.758  -4.573  11.849  1.00 45.51 ? 566 ILE A CG1 1 
ATOM   147  C CG2 . ILE A 1 19  ? -6.600  -2.597  12.935  1.00 45.22 ? 566 ILE A CG2 1 
ATOM   148  C CD1 . ILE A 1 19  ? -6.841  -4.267  10.712  1.00 46.66 ? 566 ILE A CD1 1 
ATOM   149  N N   . THR A 1 20  ? -8.355  -6.438  15.111  1.00 47.25 ? 567 THR A N   1 
ATOM   150  C CA  . THR A 1 20  ? -9.624  -5.705  15.374  1.00 47.76 ? 567 THR A CA  1 
ATOM   151  C C   . THR A 1 20  ? -10.651 -5.606  14.237  1.00 47.91 ? 567 THR A C   1 
ATOM   152  O O   . THR A 1 20  ? -10.613 -4.710  13.395  1.00 47.72 ? 567 THR A O   1 
ATOM   153  C CB  . THR A 1 20  ? -9.552  -4.508  16.348  1.00 47.86 ? 567 THR A CB  1 
ATOM   154  O OG1 . THR A 1 20  ? -9.221  -5.011  17.646  1.00 47.93 ? 567 THR A OG1 1 
ATOM   155  C CG2 . THR A 1 20  ? -10.919 -3.843  16.469  1.00 47.99 ? 567 THR A CG2 1 
ATOM   156  N N   . GLU A 1 21  ? -11.577 -6.567  14.262  1.00 48.13 ? 568 GLU A N   1 
ATOM   157  C CA  . GLU A 1 21  ? -12.693 -6.650  13.315  1.00 48.49 ? 568 GLU A CA  1 
ATOM   158  C C   . GLU A 1 21  ? -13.783 -5.614  13.613  1.00 48.58 ? 568 GLU A C   1 
ATOM   159  O O   . GLU A 1 21  ? -14.777 -5.527  12.896  1.00 48.74 ? 568 GLU A O   1 
ATOM   160  C CB  . GLU A 1 21  ? -13.289 -8.068  13.306  1.00 48.37 ? 568 GLU A CB  1 
ATOM   161  C CG  . GLU A 1 21  ? -13.971 -8.484  14.626  1.00 48.81 ? 568 GLU A CG  1 
ATOM   162  C CD  . GLU A 1 21  ? -14.692 -9.833  14.554  1.00 48.61 ? 568 GLU A CD  1 
ATOM   163  O OE1 . GLU A 1 21  ? -15.017 -10.289 13.431  1.00 48.18 ? 568 GLU A OE1 1 
ATOM   164  O OE2 . GLU A 1 21  ? -14.932 -10.433 15.632  1.00 47.85 ? 568 GLU A OE2 1 
ATOM   165  N N   . SER A 1 22  ? -13.587 -4.840  14.676  1.00 48.80 ? 569 SER A N   1 
ATOM   166  C CA  . SER A 1 22  ? -14.538 -3.814  15.091  1.00 48.99 ? 569 SER A CA  1 
ATOM   167  C C   . SER A 1 22  ? -14.142 -2.414  14.613  1.00 49.01 ? 569 SER A C   1 
ATOM   168  O O   . SER A 1 22  ? -14.856 -1.444  14.865  1.00 49.08 ? 569 SER A O   1 
ATOM   169  C CB  . SER A 1 22  ? -14.670 -3.819  16.615  1.00 49.11 ? 569 SER A CB  1 
ATOM   170  O OG  . SER A 1 22  ? -15.241 -5.031  17.076  1.00 49.50 ? 569 SER A OG  1 
ATOM   171  N N   . VAL A 1 23  ? -13.015 -2.318  13.910  1.00 49.02 ? 570 VAL A N   1 
ATOM   172  C CA  . VAL A 1 23  ? -12.412 -1.027  13.573  1.00 48.95 ? 570 VAL A CA  1 
ATOM   173  C C   . VAL A 1 23  ? -13.139 -0.288  12.433  1.00 48.99 ? 570 VAL A C   1 
ATOM   174  O O   . VAL A 1 23  ? -12.972 0.922   12.264  1.00 48.85 ? 570 VAL A O   1 
ATOM   175  C CB  . VAL A 1 23  ? -10.890 -1.183  13.281  1.00 48.94 ? 570 VAL A CB  1 
ATOM   176  C CG1 . VAL A 1 23  ? -10.643 -1.653  11.844  1.00 48.64 ? 570 VAL A CG1 1 
ATOM   177  C CG2 . VAL A 1 23  ? -10.139 0.109   13.584  1.00 49.04 ? 570 VAL A CG2 1 
ATOM   178  N N   . GLY A 1 24  ? -13.946 -1.021  11.669  1.00 49.02 ? 571 GLY A N   1 
ATOM   179  C CA  . GLY A 1 24  ? -14.707 -0.444  10.566  1.00 49.02 ? 571 GLY A CA  1 
ATOM   180  C C   . GLY A 1 24  ? -13.828 -0.141  9.371   1.00 49.11 ? 571 GLY A C   1 
ATOM   181  O O   . GLY A 1 24  ? -13.580 -1.009  8.535   1.00 49.17 ? 571 GLY A O   1 
ATOM   182  N N   . ARG A 1 25  ? -13.357 1.097   9.294   1.00 49.18 ? 572 ARG A N   1 
ATOM   183  C CA  . ARG A 1 25  ? -12.512 1.529   8.190   1.00 49.39 ? 572 ARG A CA  1 
ATOM   184  C C   . ARG A 1 25  ? -11.071 1.725   8.647   1.00 49.33 ? 572 ARG A C   1 
ATOM   185  O O   . ARG A 1 25  ? -10.800 2.510   9.563   1.00 49.39 ? 572 ARG A O   1 
ATOM   186  C CB  . ARG A 1 25  ? -13.040 2.826   7.582   1.00 49.49 ? 572 ARG A CB  1 
ATOM   187  C CG  . ARG A 1 25  ? -12.231 3.301   6.386   1.00 49.97 ? 572 ARG A CG  1 
ATOM   188  C CD  . ARG A 1 25  ? -11.956 4.781   6.483   1.00 50.72 ? 572 ARG A CD  1 
ATOM   189  N NE  . ARG A 1 25  ? -13.149 5.588   6.264   1.00 51.40 ? 572 ARG A NE  1 
ATOM   190  C CZ  . ARG A 1 25  ? -13.262 6.864   6.616   1.00 52.37 ? 572 ARG A CZ  1 
ATOM   191  N NH1 . ARG A 1 25  ? -12.254 7.486   7.220   1.00 51.92 ? 572 ARG A NH1 1 
ATOM   192  N NH2 . ARG A 1 25  ? -14.392 7.520   6.372   1.00 53.18 ? 572 ARG A NH2 1 
ATOM   193  N N   . PHE A 1 26  ? -10.155 1.017   7.995   1.00 49.11 ? 573 PHE A N   1 
ATOM   194  C CA  . PHE A 1 26  ? -8.743  1.107   8.328   1.00 48.83 ? 573 PHE A CA  1 
ATOM   195  C C   . PHE A 1 26  ? -7.988  1.874   7.250   1.00 48.66 ? 573 PHE A C   1 
ATOM   196  O O   . PHE A 1 26  ? -8.011  1.498   6.073   1.00 48.64 ? 573 PHE A O   1 
ATOM   197  C CB  . PHE A 1 26  ? -8.159  -0.295  8.536   1.00 48.87 ? 573 PHE A CB  1 
ATOM   198  C CG  . PHE A 1 26  ? -6.697  -0.308  8.902   1.00 48.91 ? 573 PHE A CG  1 
ATOM   199  C CD1 . PHE A 1 26  ? -5.782  -0.998  8.110   1.00 48.50 ? 573 PHE A CD1 1 
ATOM   200  C CD2 . PHE A 1 26  ? -6.238  0.354   10.037  1.00 48.66 ? 573 PHE A CD2 1 
ATOM   201  C CE1 . PHE A 1 26  ? -4.435  -1.023  8.432   1.00 47.75 ? 573 PHE A CE1 1 
ATOM   202  C CE2 . PHE A 1 26  ? -4.888  0.337   10.368  1.00 48.45 ? 573 PHE A CE2 1 
ATOM   203  C CZ  . PHE A 1 26  ? -3.986  -0.354  9.559   1.00 48.49 ? 573 PHE A CZ  1 
ATOM   204  N N   . GLU A 1 27  ? -7.349  2.968   7.669   1.00 48.47 ? 574 GLU A N   1 
ATOM   205  C CA  . GLU A 1 27  ? -6.546  3.811   6.790   1.00 48.17 ? 574 GLU A CA  1 
ATOM   206  C C   . GLU A 1 27  ? -5.124  3.270   6.776   1.00 47.76 ? 574 GLU A C   1 
ATOM   207  O O   . GLU A 1 27  ? -4.439  3.283   7.796   1.00 47.81 ? 574 GLU A O   1 
ATOM   208  C CB  . GLU A 1 27  ? -6.516  5.266   7.283   1.00 48.29 ? 574 GLU A CB  1 
ATOM   209  C CG  . GLU A 1 27  ? -7.822  5.809   7.868   1.00 49.09 ? 574 GLU A CG  1 
ATOM   210  C CD  . GLU A 1 27  ? -8.507  6.849   6.991   1.00 49.84 ? 574 GLU A CD  1 
ATOM   211  O OE1 . GLU A 1 27  ? -9.749  6.905   7.023   1.00 51.15 ? 574 GLU A OE1 1 
ATOM   212  O OE2 . GLU A 1 27  ? -7.823  7.623   6.289   1.00 50.08 ? 574 GLU A OE2 1 
ATOM   213  N N   . LEU A 1 28  ? -4.682  2.787   5.626   1.00 47.34 ? 575 LEU A N   1 
ATOM   214  C CA  . LEU A 1 28  ? -3.312  2.315   5.485   1.00 47.09 ? 575 LEU A CA  1 
ATOM   215  C C   . LEU A 1 28  ? -2.472  3.322   4.693   1.00 47.14 ? 575 LEU A C   1 
ATOM   216  O O   . LEU A 1 28  ? -2.729  3.567   3.512   1.00 46.96 ? 575 LEU A O   1 
ATOM   217  C CB  . LEU A 1 28  ? -3.301  0.932   4.831   1.00 47.07 ? 575 LEU A CB  1 
ATOM   218  C CG  . LEU A 1 28  ? -1.996  0.246   4.430   1.00 46.54 ? 575 LEU A CG  1 
ATOM   219  C CD1 . LEU A 1 28  ? -1.109  -0.021  5.622   1.00 46.22 ? 575 LEU A CD1 1 
ATOM   220  C CD2 . LEU A 1 28  ? -2.333  -1.043  3.735   1.00 46.76 ? 575 LEU A CD2 1 
ATOM   221  N N   . LYS A 1 29  ? -1.472  3.896   5.357   1.00 47.23 ? 576 LYS A N   1 
ATOM   222  C CA  . LYS A 1 29  ? -0.631  4.933   4.763   1.00 47.39 ? 576 LYS A CA  1 
ATOM   223  C C   . LYS A 1 29  ? 0.343   4.380   3.725   1.00 47.49 ? 576 LYS A C   1 
ATOM   224  O O   . LYS A 1 29  ? 1.010   3.374   3.960   1.00 47.65 ? 576 LYS A O   1 
ATOM   225  C CB  . LYS A 1 29  ? 0.143   5.683   5.853   1.00 47.41 ? 576 LYS A CB  1 
ATOM   226  C CG  . LYS A 1 29  ? 0.829   6.980   5.387   1.00 47.62 ? 576 LYS A CG  1 
ATOM   227  C CD  . LYS A 1 29  ? 1.690   7.588   6.491   1.00 47.60 ? 576 LYS A CD  1 
ATOM   228  C CE  . LYS A 1 29  ? 0.841   8.203   7.596   1.00 48.61 ? 576 LYS A CE  1 
ATOM   229  N NZ  . LYS A 1 29  ? 1.630   8.511   8.821   1.00 48.76 ? 576 LYS A NZ  1 
ATOM   230  N N   . VAL A 1 30  ? 0.391   5.045   2.574   1.00 47.65 ? 577 VAL A N   1 
ATOM   231  C CA  . VAL A 1 30  ? 1.427   4.830   1.573   1.00 47.66 ? 577 VAL A CA  1 
ATOM   232  C C   . VAL A 1 30  ? 2.308   6.073   1.577   1.00 48.10 ? 577 VAL A C   1 
ATOM   233  O O   . VAL A 1 30  ? 1.863   7.163   1.210   1.00 47.98 ? 577 VAL A O   1 
ATOM   234  C CB  . VAL A 1 30  ? 0.837   4.599   0.164   1.00 47.63 ? 577 VAL A CB  1 
ATOM   235  C CG1 . VAL A 1 30  ? 1.940   4.607   -0.901  1.00 46.61 ? 577 VAL A CG1 1 
ATOM   236  C CG2 . VAL A 1 30  ? 0.060   3.293   0.125   1.00 47.31 ? 577 VAL A CG2 1 
ATOM   237  N N   . MET A 1 31  ? 3.554   5.903   2.008   1.00 48.51 ? 578 MET A N   1 
ATOM   238  C CA  . MET A 1 31  ? 4.465   7.024   2.170   1.00 49.07 ? 578 MET A CA  1 
ATOM   239  C C   . MET A 1 31  ? 5.222   7.342   0.877   1.00 49.11 ? 578 MET A C   1 
ATOM   240  O O   . MET A 1 31  ? 5.592   6.443   0.115   1.00 48.99 ? 578 MET A O   1 
ATOM   241  C CB  . MET A 1 31  ? 5.445   6.749   3.314   1.00 49.29 ? 578 MET A CB  1 
ATOM   242  C CG  . MET A 1 31  ? 6.120   7.996   3.881   1.00 50.53 ? 578 MET A CG  1 
ATOM   243  S SD  . MET A 1 31  ? 5.166   8.771   5.201   1.00 53.90 ? 578 MET A SD  1 
ATOM   244  C CE  . MET A 1 31  ? 5.659   7.779   6.618   1.00 53.25 ? 578 MET A CE  1 
ATOM   245  N N   . ARG A 1 32  ? 5.426   8.636   0.643   1.00 49.33 ? 579 ARG A N   1 
ATOM   246  C CA  . ARG A 1 32  ? 6.278   9.127   -0.432  1.00 49.45 ? 579 ARG A CA  1 
ATOM   247  C C   . ARG A 1 32  ? 7.555   9.664   0.208   1.00 49.57 ? 579 ARG A C   1 
ATOM   248  O O   . ARG A 1 32  ? 7.529   10.693  0.887   1.00 49.42 ? 579 ARG A O   1 
ATOM   249  C CB  . ARG A 1 32  ? 5.556   10.235  -1.205  1.00 49.55 ? 579 ARG A CB  1 
ATOM   250  C CG  . ARG A 1 32  ? 6.312   10.821  -2.399  1.00 49.31 ? 579 ARG A CG  1 
ATOM   251  C CD  . ARG A 1 32  ? 5.553   12.029  -2.922  1.00 48.71 ? 579 ARG A CD  1 
ATOM   252  N NE  . ARG A 1 32  ? 5.792   12.315  -4.337  1.00 48.00 ? 579 ARG A NE  1 
ATOM   253  C CZ  . ARG A 1 32  ? 5.043   13.138  -5.065  1.00 47.00 ? 579 ARG A CZ  1 
ATOM   254  N NH1 . ARG A 1 32  ? 4.011   13.759  -4.516  1.00 47.15 ? 579 ARG A NH1 1 
ATOM   255  N NH2 . ARG A 1 32  ? 5.323   13.346  -6.344  1.00 46.57 ? 579 ARG A NH2 1 
ATOM   256  N N   . TYR A 1 33  ? 8.657   8.946   0.023   1.00 49.81 ? 580 TYR A N   1 
ATOM   257  C CA  . TYR A 1 33  ? 9.929   9.341   0.615   1.00 50.25 ? 580 TYR A CA  1 
ATOM   258  C C   . TYR A 1 33  ? 10.765  10.094  -0.404  1.00 50.71 ? 580 TYR A C   1 
ATOM   259  O O   . TYR A 1 33  ? 10.665  9.835   -1.612  1.00 50.79 ? 580 TYR A O   1 
ATOM   260  C CB  . TYR A 1 33  ? 10.723  8.124   1.110   1.00 50.08 ? 580 TYR A CB  1 
ATOM   261  C CG  . TYR A 1 33  ? 10.072  7.323   2.216   1.00 50.13 ? 580 TYR A CG  1 
ATOM   262  C CD1 . TYR A 1 33  ? 10.177  7.718   3.553   1.00 50.10 ? 580 TYR A CD1 1 
ATOM   263  C CD2 . TYR A 1 33  ? 9.376   6.147   1.928   1.00 50.25 ? 580 TYR A CD2 1 
ATOM   264  C CE1 . TYR A 1 33  ? 9.586   6.966   4.577   1.00 49.99 ? 580 TYR A CE1 1 
ATOM   265  C CE2 . TYR A 1 33  ? 8.781   5.393   2.936   1.00 49.83 ? 580 TYR A CE2 1 
ATOM   266  C CZ  . TYR A 1 33  ? 8.890   5.804   4.257   1.00 50.12 ? 580 TYR A CZ  1 
ATOM   267  O OH  . TYR A 1 33  ? 8.292   5.052   5.249   1.00 49.82 ? 580 TYR A OH  1 
ATOM   268  N N   . SER A 1 34  ? 11.577  11.027  0.098   1.00 51.10 ? 581 SER A N   1 
ATOM   269  C CA  . SER A 1 34  ? 12.624  11.687  -0.681  1.00 51.54 ? 581 SER A CA  1 
ATOM   270  C C   . SER A 1 34  ? 12.114  12.411  -1.924  1.00 51.94 ? 581 SER A C   1 
ATOM   271  O O   . SER A 1 34  ? 12.129  11.864  -3.025  1.00 52.44 ? 581 SER A O   1 
ATOM   272  C CB  . SER A 1 34  ? 13.725  10.681  -1.054  1.00 51.37 ? 581 SER A CB  1 
ATOM   273  O OG  . SER A 1 34  ? 14.609  11.210  -2.027  1.00 51.27 ? 581 SER A OG  1 
ATOM   274  N N   . GLY A 1 35  ? 11.662  13.644  -1.747  1.00 52.28 ? 582 GLY A N   1 
ATOM   275  C CA  . GLY A 1 35  ? 11.291  14.475  -2.889  1.00 52.69 ? 582 GLY A CA  1 
ATOM   276  C C   . GLY A 1 35  ? 9.873   14.239  -3.358  1.00 52.89 ? 582 GLY A C   1 
ATOM   277  O O   . GLY A 1 35  ? 9.572   13.213  -3.979  1.00 52.84 ? 582 GLY A O   1 
ATOM   278  N N   . ALA A 1 36  ? 9.007   15.205  -3.059  1.00 53.06 ? 583 ALA A N   1 
ATOM   279  C CA  . ALA A 1 36  ? 7.588   15.130  -3.398  1.00 53.15 ? 583 ALA A CA  1 
ATOM   280  C C   . ALA A 1 36  ? 7.255   15.787  -4.746  1.00 53.19 ? 583 ALA A C   1 
ATOM   281  O O   . ALA A 1 36  ? 6.098   16.113  -5.006  1.00 53.17 ? 583 ALA A O   1 
ATOM   282  C CB  . ALA A 1 36  ? 6.748   15.748  -2.278  1.00 53.15 ? 583 ALA A CB  1 
ATOM   283  N N   . ARG A 1 37  ? 8.259   15.956  -5.606  1.00 53.11 ? 584 ARG A N   1 
ATOM   284  C CA  . ARG A 1 37  ? 8.086   16.697  -6.858  1.00 53.19 ? 584 ARG A CA  1 
ATOM   285  C C   . ARG A 1 37  ? 7.220   15.961  -7.887  1.00 52.79 ? 584 ARG A C   1 
ATOM   286  O O   . ARG A 1 37  ? 7.358   14.754  -8.082  1.00 52.76 ? 584 ARG A O   1 
ATOM   287  C CB  . ARG A 1 37  ? 9.455   17.074  -7.447  1.00 53.43 ? 584 ARG A CB  1 
ATOM   288  C CG  . ARG A 1 37  ? 9.440   18.166  -8.524  1.00 54.74 ? 584 ARG A CG  1 
ATOM   289  C CD  . ARG A 1 37  ? 8.642   19.424  -8.121  1.00 57.16 ? 584 ARG A CD  1 
ATOM   290  N NE  . ARG A 1 37  ? 9.257   20.213  -7.045  1.00 58.36 ? 584 ARG A NE  1 
ATOM   291  C CZ  . ARG A 1 37  ? 8.743   20.372  -5.823  1.00 58.58 ? 584 ARG A CZ  1 
ATOM   292  N NH1 . ARG A 1 37  ? 7.591   19.799  -5.487  1.00 58.32 ? 584 ARG A NH1 1 
ATOM   293  N NH2 . ARG A 1 37  ? 9.386   21.117  -4.930  1.00 58.47 ? 584 ARG A NH2 1 
ATOM   294  N N   . GLY A 1 38  ? 6.316   16.702  -8.524  1.00 52.39 ? 585 GLY A N   1 
ATOM   295  C CA  . GLY A 1 38  ? 5.460   16.170  -9.584  1.00 51.78 ? 585 GLY A CA  1 
ATOM   296  C C   . GLY A 1 38  ? 4.222   15.465  -9.069  1.00 51.41 ? 585 GLY A C   1 
ATOM   297  O O   . GLY A 1 38  ? 3.990   15.400  -7.859  1.00 51.50 ? 585 GLY A O   1 
ATOM   298  N N   . THR A 1 39  ? 3.420   14.941  -9.992  1.00 50.95 ? 586 THR A N   1 
ATOM   299  C CA  . THR A 1 39  ? 2.242   14.153  -9.632  1.00 50.59 ? 586 THR A CA  1 
ATOM   300  C C   . THR A 1 39  ? 2.430   12.705  -10.089 1.00 50.22 ? 586 THR A C   1 
ATOM   301  O O   . THR A 1 39  ? 2.624   12.441  -11.278 1.00 50.21 ? 586 THR A O   1 
ATOM   302  C CB  . THR A 1 39  ? 0.924   14.751  -10.198 1.00 50.65 ? 586 THR A CB  1 
ATOM   303  O OG1 . THR A 1 39  ? 0.889   14.589  -11.618 1.00 51.15 ? 586 THR A OG1 1 
ATOM   304  C CG2 . THR A 1 39  ? 0.799   16.240  -9.860  1.00 50.45 ? 586 THR A CG2 1 
ATOM   305  N N   . VAL A 1 40  ? 2.388   11.777  -9.133  1.00 49.79 ? 587 VAL A N   1 
ATOM   306  C CA  . VAL A 1 40  ? 2.695   10.365  -9.393  1.00 49.20 ? 587 VAL A CA  1 
ATOM   307  C C   . VAL A 1 40  ? 1.517   9.455   -9.052  1.00 48.78 ? 587 VAL A C   1 
ATOM   308  O O   . VAL A 1 40  ? 0.965   9.533   -7.954  1.00 48.79 ? 587 VAL A O   1 
ATOM   309  C CB  . VAL A 1 40  ? 3.946   9.889   -8.602  1.00 49.12 ? 587 VAL A CB  1 
ATOM   310  C CG1 . VAL A 1 40  ? 4.258   8.422   -8.897  1.00 48.89 ? 587 VAL A CG1 1 
ATOM   311  C CG2 . VAL A 1 40  ? 5.155   10.753  -8.928  1.00 49.12 ? 587 VAL A CG2 1 
ATOM   312  N N   . ILE A 1 41  ? 1.153   8.597   -10.005 1.00 48.24 ? 588 ILE A N   1 
ATOM   313  C CA  . ILE A 1 41  ? 0.114   7.582   -9.816  1.00 47.66 ? 588 ILE A CA  1 
ATOM   314  C C   . ILE A 1 41  ? 0.723   6.290   -9.259  1.00 47.32 ? 588 ILE A C   1 
ATOM   315  O O   . ILE A 1 41  ? 1.721   5.790   -9.784  1.00 47.18 ? 588 ILE A O   1 
ATOM   316  C CB  . ILE A 1 41  ? -0.664  7.297   -11.141 1.00 47.72 ? 588 ILE A CB  1 
ATOM   317  C CG1 . ILE A 1 41  ? -1.596  8.463   -11.498 1.00 47.41 ? 588 ILE A CG1 1 
ATOM   318  C CG2 . ILE A 1 41  ? -1.485  6.012   -11.043 1.00 47.47 ? 588 ILE A CG2 1 
ATOM   319  C CD1 . ILE A 1 41  ? -0.991  9.500   -12.412 1.00 46.74 ? 588 ILE A CD1 1 
ATOM   320  N N   . VAL A 1 42  ? 0.117   5.767   -8.192  1.00 46.78 ? 589 VAL A N   1 
ATOM   321  C CA  . VAL A 1 42  ? 0.556   4.516   -7.572  1.00 46.38 ? 589 VAL A CA  1 
ATOM   322  C C   . VAL A 1 42  ? -0.598  3.509   -7.557  1.00 46.33 ? 589 VAL A C   1 
ATOM   323  O O   . VAL A 1 42  ? -1.614  3.751   -6.902  1.00 46.48 ? 589 VAL A O   1 
ATOM   324  C CB  . VAL A 1 42  ? 1.073   4.746   -6.126  1.00 46.24 ? 589 VAL A CB  1 
ATOM   325  C CG1 . VAL A 1 42  ? 1.584   3.447   -5.526  1.00 45.83 ? 589 VAL A CG1 1 
ATOM   326  C CG2 . VAL A 1 42  ? 2.171   5.806   -6.101  1.00 46.05 ? 589 VAL A CG2 1 
ATOM   327  N N   . PRO A 1 43  ? -0.457  2.381   -8.286  1.00 46.28 ? 590 PRO A N   1 
ATOM   328  C CA  . PRO A 1 43  ? -1.514  1.362   -8.274  1.00 46.13 ? 590 PRO A CA  1 
ATOM   329  C C   . PRO A 1 43  ? -1.503  0.564   -6.980  1.00 46.21 ? 590 PRO A C   1 
ATOM   330  O O   . PRO A 1 43  ? -0.442  0.364   -6.382  1.00 46.31 ? 590 PRO A O   1 
ATOM   331  C CB  . PRO A 1 43  ? -1.146  0.442   -9.448  1.00 45.95 ? 590 PRO A CB  1 
ATOM   332  C CG  . PRO A 1 43  ? -0.005  1.098   -10.153 1.00 46.08 ? 590 PRO A CG  1 
ATOM   333  C CD  . PRO A 1 43  ? 0.660   1.984   -9.156  1.00 46.22 ? 590 PRO A CD  1 
ATOM   334  N N   . TYR A 1 44  ? -2.677  0.120   -6.542  1.00 46.28 ? 591 TYR A N   1 
ATOM   335  C CA  . TYR A 1 44  ? -2.766  -0.765  -5.389  1.00 46.30 ? 591 TYR A CA  1 
ATOM   336  C C   . TYR A 1 44  ? -3.844  -1.814  -5.581  1.00 46.23 ? 591 TYR A C   1 
ATOM   337  O O   . TYR A 1 44  ? -4.815  -1.582  -6.303  1.00 46.24 ? 591 TYR A O   1 
ATOM   338  C CB  . TYR A 1 44  ? -2.993  0.024   -4.091  1.00 46.36 ? 591 TYR A CB  1 
ATOM   339  C CG  . TYR A 1 44  ? -4.344  0.690   -3.976  1.00 46.54 ? 591 TYR A CG  1 
ATOM   340  C CD1 . TYR A 1 44  ? -4.530  2.005   -4.396  1.00 46.62 ? 591 TYR A CD1 1 
ATOM   341  C CD2 . TYR A 1 44  ? -5.437  0.008   -3.434  1.00 46.80 ? 591 TYR A CD2 1 
ATOM   342  C CE1 . TYR A 1 44  ? -5.770  2.627   -4.286  1.00 47.16 ? 591 TYR A CE1 1 
ATOM   343  C CE2 . TYR A 1 44  ? -6.684  0.617   -3.325  1.00 47.05 ? 591 TYR A CE2 1 
ATOM   344  C CZ  . TYR A 1 44  ? -6.845  1.928   -3.752  1.00 47.02 ? 591 TYR A CZ  1 
ATOM   345  O OH  . TYR A 1 44  ? -8.073  2.543   -3.643  1.00 46.60 ? 591 TYR A OH  1 
ATOM   346  N N   . TRP A 1 45  ? -3.657  -2.965  -4.935  1.00 46.22 ? 592 TRP A N   1 
ATOM   347  C CA  . TRP A 1 45  ? -4.657  -4.031  -4.925  1.00 46.17 ? 592 TRP A CA  1 
ATOM   348  C C   . TRP A 1 45  ? -4.557  -4.932  -3.699  1.00 46.07 ? 592 TRP A C   1 
ATOM   349  O O   . TRP A 1 45  ? -3.488  -5.115  -3.116  1.00 46.00 ? 592 TRP A O   1 
ATOM   350  C CB  . TRP A 1 45  ? -4.617  -4.862  -6.218  1.00 46.27 ? 592 TRP A CB  1 
ATOM   351  C CG  . TRP A 1 45  ? -3.398  -5.721  -6.386  1.00 46.46 ? 592 TRP A CG  1 
ATOM   352  C CD1 . TRP A 1 45  ? -3.276  -7.049  -6.075  1.00 46.54 ? 592 TRP A CD1 1 
ATOM   353  C CD2 . TRP A 1 45  ? -2.131  -5.319  -6.921  1.00 46.43 ? 592 TRP A CD2 1 
ATOM   354  N NE1 . TRP A 1 45  ? -2.011  -7.494  -6.378  1.00 46.81 ? 592 TRP A NE1 1 
ATOM   355  C CE2 . TRP A 1 45  ? -1.289  -6.453  -6.899  1.00 46.44 ? 592 TRP A CE2 1 
ATOM   356  C CE3 . TRP A 1 45  ? -1.625  -4.108  -7.411  1.00 46.62 ? 592 TRP A CE3 1 
ATOM   357  C CZ2 . TRP A 1 45  ? 0.031   -6.413  -7.347  1.00 46.45 ? 592 TRP A CZ2 1 
ATOM   358  C CZ3 . TRP A 1 45  ? -0.314  -4.070  -7.861  1.00 46.70 ? 592 TRP A CZ3 1 
ATOM   359  C CH2 . TRP A 1 45  ? 0.500   -5.217  -7.826  1.00 46.50 ? 592 TRP A CH2 1 
ATOM   360  N N   . THR A 1 46  ? -5.697  -5.495  -3.335  1.00 46.12 ? 593 THR A N   1 
ATOM   361  C CA  . THR A 1 46  ? -5.842  -6.333  -2.164  1.00 46.26 ? 593 THR A CA  1 
ATOM   362  C C   . THR A 1 46  ? -5.703  -7.806  -2.585  1.00 46.17 ? 593 THR A C   1 
ATOM   363  O O   . THR A 1 46  ? -5.883  -8.136  -3.761  1.00 46.20 ? 593 THR A O   1 
ATOM   364  C CB  . THR A 1 46  ? -7.219  -6.033  -1.506  1.00 46.35 ? 593 THR A CB  1 
ATOM   365  O OG1 . THR A 1 46  ? -7.053  -5.756  -0.110  1.00 46.98 ? 593 THR A OG1 1 
ATOM   366  C CG2 . THR A 1 46  ? -8.240  -7.159  -1.732  1.00 46.41 ? 593 THR A CG2 1 
ATOM   367  N N   . GLU A 1 47  ? -5.362  -8.683  -1.643  1.00 46.12 ? 594 GLU A N   1 
ATOM   368  C CA  . GLU A 1 47  ? -5.292  -10.122 -1.921  1.00 46.20 ? 594 GLU A CA  1 
ATOM   369  C C   . GLU A 1 47  ? -5.510  -10.968 -0.667  1.00 46.18 ? 594 GLU A C   1 
ATOM   370  O O   . GLU A 1 47  ? -4.959  -10.666 0.396   1.00 46.40 ? 594 GLU A O   1 
ATOM   371  C CB  . GLU A 1 47  ? -3.954  -10.491 -2.566  1.00 46.13 ? 594 GLU A CB  1 
ATOM   372  C CG  . GLU A 1 47  ? -3.749  -11.994 -2.745  1.00 46.28 ? 594 GLU A CG  1 
ATOM   373  C CD  . GLU A 1 47  ? -2.376  -12.363 -3.276  1.00 46.46 ? 594 GLU A CD  1 
ATOM   374  O OE1 . GLU A 1 47  ? -1.448  -11.525 -3.238  1.00 46.89 ? 594 GLU A OE1 1 
ATOM   375  O OE2 . GLU A 1 47  ? -2.225  -13.511 -3.733  1.00 47.74 ? 594 GLU A OE2 1 
ATOM   376  N N   . ASN A 1 48  ? -6.306  -12.027 -0.807  1.00 46.02 ? 595 ASN A N   1 
ATOM   377  C CA  . ASN A 1 48  ? -6.552  -12.989 0.274   1.00 45.94 ? 595 ASN A CA  1 
ATOM   378  C C   . ASN A 1 48  ? -5.297  -13.690 0.769   1.00 45.74 ? 595 ASN A C   1 
ATOM   379  O O   . ASN A 1 48  ? -4.392  -13.976 -0.007  1.00 45.82 ? 595 ASN A O   1 
ATOM   380  C CB  . ASN A 1 48  ? -7.534  -14.078 -0.187  1.00 45.84 ? 595 ASN A CB  1 
ATOM   381  C CG  . ASN A 1 48  ? -8.955  -13.577 -0.335  1.00 45.62 ? 595 ASN A CG  1 
ATOM   382  O OD1 . ASN A 1 48  ? -9.792  -14.251 -0.929  1.00 46.40 ? 595 ASN A OD1 1 
ATOM   383  N ND2 . ASN A 1 48  ? -9.238  -12.404 0.204   1.00 45.38 ? 595 ASN A ND2 1 
ATOM   384  N N   . ASP A 1 49  ? -5.252  -13.957 2.068   1.00 45.66 ? 596 ASP A N   1 
ATOM   385  C CA  . ASP A 1 49  ? -4.391  -14.997 2.608   1.00 45.77 ? 596 ASP A CA  1 
ATOM   386  C C   . ASP A 1 49  ? -5.274  -15.924 3.457   1.00 46.04 ? 596 ASP A C   1 
ATOM   387  O O   . ASP A 1 49  ? -5.965  -16.780 2.908   1.00 46.06 ? 596 ASP A O   1 
ATOM   388  C CB  . ASP A 1 49  ? -3.227  -14.414 3.407   1.00 45.64 ? 596 ASP A CB  1 
ATOM   389  C CG  . ASP A 1 49  ? -2.139  -15.432 3.680   1.00 45.54 ? 596 ASP A CG  1 
ATOM   390  O OD1 . ASP A 1 49  ? -2.159  -16.516 3.059   1.00 46.18 ? 596 ASP A OD1 1 
ATOM   391  O OD2 . ASP A 1 49  ? -1.255  -15.154 4.513   1.00 45.18 ? 596 ASP A OD2 1 
ATOM   392  N N   . THR A 1 50  ? -5.269  -15.740 4.776   1.00 46.35 ? 597 THR A N   1 
ATOM   393  C CA  . THR A 1 50  ? -6.213  -16.429 5.659   1.00 46.60 ? 597 THR A CA  1 
ATOM   394  C C   . THR A 1 50  ? -7.528  -15.649 5.724   1.00 46.81 ? 597 THR A C   1 
ATOM   395  O O   . THR A 1 50  ? -8.602  -16.245 5.792   1.00 46.96 ? 597 THR A O   1 
ATOM   396  C CB  . THR A 1 50  ? -5.647  -16.640 7.082   1.00 46.40 ? 597 THR A CB  1 
ATOM   397  O OG1 . THR A 1 50  ? -4.325  -17.168 6.994   1.00 46.60 ? 597 THR A OG1 1 
ATOM   398  C CG2 . THR A 1 50  ? -6.488  -17.646 7.852   1.00 47.28 ? 597 THR A CG2 1 
ATOM   399  N N   . ALA A 1 51  ? -7.441  -14.321 5.713   1.00 47.03 ? 598 ALA A N   1 
ATOM   400  C CA  . ALA A 1 51  ? -8.630  -13.476 5.624   1.00 47.30 ? 598 ALA A CA  1 
ATOM   401  C C   . ALA A 1 51  ? -9.167  -13.508 4.205   1.00 47.48 ? 598 ALA A C   1 
ATOM   402  O O   . ALA A 1 51  ? -8.409  -13.411 3.238   1.00 47.44 ? 598 ALA A O   1 
ATOM   403  C CB  . ALA A 1 51  ? -8.318  -12.046 6.035   1.00 47.40 ? 598 ALA A CB  1 
ATOM   404  N N   . THR A 1 52  ? -10.481 -13.640 4.093   1.00 47.93 ? 599 THR A N   1 
ATOM   405  C CA  . THR A 1 52  ? -11.133 -13.815 2.801   1.00 48.27 ? 599 THR A CA  1 
ATOM   406  C C   . THR A 1 52  ? -12.036 -12.629 2.458   1.00 48.46 ? 599 THR A C   1 
ATOM   407  O O   . THR A 1 52  ? -12.716 -12.075 3.322   1.00 48.44 ? 599 THR A O   1 
ATOM   408  C CB  . THR A 1 52  ? -11.877 -15.178 2.720   1.00 48.27 ? 599 THR A CB  1 
ATOM   409  O OG1 . THR A 1 52  ? -12.727 -15.205 1.570   1.00 48.55 ? 599 THR A OG1 1 
ATOM   410  C CG2 . THR A 1 52  ? -12.712 -15.436 3.974   1.00 48.52 ? 599 THR A CG2 1 
ATOM   411  N N   . GLU A 1 53  ? -12.029 -12.263 1.182   1.00 48.99 ? 600 GLU A N   1 
ATOM   412  C CA  . GLU A 1 53  ? -12.615 -11.016 0.681   1.00 49.51 ? 600 GLU A CA  1 
ATOM   413  C C   . GLU A 1 53  ? -14.137 -10.840 0.852   1.00 49.80 ? 600 GLU A C   1 
ATOM   414  O O   . GLU A 1 53  ? -14.614 -9.724  1.059   1.00 50.05 ? 600 GLU A O   1 
ATOM   415  C CB  . GLU A 1 53  ? -12.231 -10.836 -0.787  1.00 49.46 ? 600 GLU A CB  1 
ATOM   416  C CG  . GLU A 1 53  ? -12.653 -9.514  -1.386  1.00 49.98 ? 600 GLU A CG  1 
ATOM   417  C CD  . GLU A 1 53  ? -12.249 -9.385  -2.833  1.00 50.97 ? 600 GLU A CD  1 
ATOM   418  O OE1 . GLU A 1 53  ? -13.123 -9.021  -3.650  1.00 51.26 ? 600 GLU A OE1 1 
ATOM   419  O OE2 . GLU A 1 53  ? -11.067 -9.652  -3.156  1.00 51.40 ? 600 GLU A OE2 1 
ATOM   420  N N   . SER A 1 54  ? -14.906 -11.916 0.749   1.00 49.95 ? 601 SER A N   1 
ATOM   421  C CA  . SER A 1 54  ? -16.353 -11.792 0.933   1.00 50.19 ? 601 SER A CA  1 
ATOM   422  C C   . SER A 1 54  ? -16.744 -11.665 2.411   1.00 50.30 ? 601 SER A C   1 
ATOM   423  O O   . SER A 1 54  ? -17.819 -11.150 2.723   1.00 50.44 ? 601 SER A O   1 
ATOM   424  C CB  . SER A 1 54  ? -17.085 -12.964 0.275   1.00 50.14 ? 601 SER A CB  1 
ATOM   425  N N   . LYS A 1 55  ? -15.861 -12.112 3.308   1.00 50.31 ? 602 LYS A N   1 
ATOM   426  C CA  . LYS A 1 55  ? -16.200 -12.291 4.728   1.00 50.22 ? 602 LYS A CA  1 
ATOM   427  C C   . LYS A 1 55  ? -15.456 -11.384 5.716   1.00 50.05 ? 602 LYS A C   1 
ATOM   428  O O   . LYS A 1 55  ? -16.085 -10.714 6.538   1.00 50.13 ? 602 LYS A O   1 
ATOM   429  C CB  . LYS A 1 55  ? -16.021 -13.761 5.134   1.00 50.11 ? 602 LYS A CB  1 
ATOM   430  C CG  . LYS A 1 55  ? -16.383 -14.043 6.590   1.00 50.69 ? 602 LYS A CG  1 
ATOM   431  C CD  . LYS A 1 55  ? -16.264 -15.509 6.965   1.00 50.72 ? 602 LYS A CD  1 
ATOM   432  C CE  . LYS A 1 55  ? -14.844 -15.881 7.344   1.00 51.64 ? 602 LYS A CE  1 
ATOM   433  N NZ  . LYS A 1 55  ? -14.849 -17.101 8.190   1.00 52.20 ? 602 LYS A NZ  1 
ATOM   434  N N   . ASP A 1 56  ? -14.126 -11.380 5.650   1.00 49.89 ? 603 ASP A N   1 
ATOM   435  C CA  . ASP A 1 56  ? -13.296 -10.700 6.658   1.00 49.73 ? 603 ASP A CA  1 
ATOM   436  C C   . ASP A 1 56  ? -13.059 -9.214  6.388   1.00 49.53 ? 603 ASP A C   1 
ATOM   437  O O   . ASP A 1 56  ? -13.011 -8.410  7.317   1.00 49.57 ? 603 ASP A O   1 
ATOM   438  C CB  . ASP A 1 56  ? -11.957 -11.422 6.829   1.00 49.64 ? 603 ASP A CB  1 
ATOM   439  C CG  . ASP A 1 56  ? -12.113 -12.794 7.448   1.00 49.49 ? 603 ASP A CG  1 
ATOM   440  O OD1 . ASP A 1 56  ? -12.533 -12.871 8.624   1.00 48.63 ? 603 ASP A OD1 1 
ATOM   441  O OD2 . ASP A 1 56  ? -11.810 -13.794 6.760   1.00 49.67 ? 603 ASP A OD2 1 
ATOM   442  N N   . TYR A 1 57  ? -12.904 -8.867  5.116   1.00 49.32 ? 604 TYR A N   1 
ATOM   443  C CA  . TYR A 1 57  ? -12.646 -7.492  4.693   1.00 49.22 ? 604 TYR A CA  1 
ATOM   444  C C   . TYR A 1 57  ? -13.237 -7.303  3.307   1.00 49.41 ? 604 TYR A C   1 
ATOM   445  O O   . TYR A 1 57  ? -13.457 -8.277  2.596   1.00 49.46 ? 604 TYR A O   1 
ATOM   446  C CB  . TYR A 1 57  ? -11.136 -7.231  4.641   1.00 48.76 ? 604 TYR A CB  1 
ATOM   447  C CG  . TYR A 1 57  ? -10.434 -7.983  3.529   1.00 48.17 ? 604 TYR A CG  1 
ATOM   448  C CD1 . TYR A 1 57  ? -10.128 -9.344  3.659   1.00 47.51 ? 604 TYR A CD1 1 
ATOM   449  C CD2 . TYR A 1 57  ? -10.091 -7.344  2.339   1.00 47.33 ? 604 TYR A CD2 1 
ATOM   450  C CE1 . TYR A 1 57  ? -9.493  -10.041 2.636   1.00 47.16 ? 604 TYR A CE1 1 
ATOM   451  C CE2 . TYR A 1 57  ? -9.456  -8.035  1.312   1.00 47.35 ? 604 TYR A CE2 1 
ATOM   452  C CZ  . TYR A 1 57  ? -9.158  -9.379  1.468   1.00 47.48 ? 604 TYR A CZ  1 
ATOM   453  O OH  . TYR A 1 57  ? -8.527  -10.060 0.453   1.00 47.77 ? 604 TYR A OH  1 
ATOM   454  N N   . GLU A 1 58  ? -13.479 -6.058  2.912   1.00 49.72 ? 605 GLU A N   1 
ATOM   455  C CA  . GLU A 1 58  ? -13.908 -5.778  1.543   1.00 50.22 ? 605 GLU A CA  1 
ATOM   456  C C   . GLU A 1 58  ? -12.696 -5.533  0.644   1.00 50.37 ? 605 GLU A C   1 
ATOM   457  O O   . GLU A 1 58  ? -11.725 -4.896  1.060   1.00 50.40 ? 605 GLU A O   1 
ATOM   458  C CB  . GLU A 1 58  ? -14.881 -4.599  1.501   1.00 50.18 ? 605 GLU A CB  1 
ATOM   459  C CG  . GLU A 1 58  ? -16.323 -4.977  1.868   1.00 51.22 ? 605 GLU A CG  1 
ATOM   460  C CD  . GLU A 1 58  ? -17.156 -3.793  2.355   1.00 52.76 ? 605 GLU A CD  1 
ATOM   461  O OE1 . GLU A 1 58  ? -16.707 -2.633  2.201   1.00 53.74 ? 605 GLU A OE1 1 
ATOM   462  O OE2 . GLU A 1 58  ? -18.264 -4.023  2.896   1.00 53.04 ? 605 GLU A OE2 1 
ATOM   463  N N   . GLY A 1 59  ? -12.754 -6.054  -0.579  1.00 50.61 ? 606 GLY A N   1 
ATOM   464  C CA  . GLY A 1 59  ? -11.681 -5.888  -1.556  1.00 50.84 ? 606 GLY A CA  1 
ATOM   465  C C   . GLY A 1 59  ? -11.475 -4.442  -1.966  1.00 51.25 ? 606 GLY A C   1 
ATOM   466  O O   . GLY A 1 59  ? -12.441 -3.722  -2.222  1.00 51.17 ? 606 GLY A O   1 
ATOM   467  N N   . ALA A 1 60  ? -10.212 -4.017  -2.010  1.00 51.53 ? 607 ALA A N   1 
ATOM   468  C CA  . ALA A 1 60  ? -9.855  -2.666  -2.437  1.00 51.77 ? 607 ALA A CA  1 
ATOM   469  C C   . ALA A 1 60  ? -8.859  -2.717  -3.589  1.00 52.03 ? 607 ALA A C   1 
ATOM   470  O O   . ALA A 1 60  ? -7.852  -3.428  -3.527  1.00 52.05 ? 607 ALA A O   1 
ATOM   471  C CB  . ALA A 1 60  ? -9.296  -1.858  -1.274  1.00 51.75 ? 607 ALA A CB  1 
ATOM   472  N N   . ARG A 1 61  ? -9.155  -1.950  -4.635  1.00 52.34 ? 608 ARG A N   1 
ATOM   473  C CA  . ARG A 1 61  ? -8.402  -1.986  -5.882  1.00 52.65 ? 608 ARG A CA  1 
ATOM   474  C C   . ARG A 1 61  ? -8.489  -0.618  -6.544  1.00 52.42 ? 608 ARG A C   1 
ATOM   475  O O   . ARG A 1 61  ? -9.576  -0.053  -6.677  1.00 52.23 ? 608 ARG A O   1 
ATOM   476  C CB  . ARG A 1 61  ? -9.003  -3.045  -6.810  1.00 52.97 ? 608 ARG A CB  1 
ATOM   477  C CG  . ARG A 1 61  ? -7.994  -3.901  -7.566  1.00 54.65 ? 608 ARG A CG  1 
ATOM   478  C CD  . ARG A 1 61  ? -8.545  -5.322  -7.792  1.00 57.52 ? 608 ARG A CD  1 
ATOM   479  N NE  . ARG A 1 61  ? -8.706  -6.079  -6.539  1.00 59.35 ? 608 ARG A NE  1 
ATOM   480  C CZ  . ARG A 1 61  ? -9.869  -6.313  -5.926  1.00 60.76 ? 608 ARG A CZ  1 
ATOM   481  N NH1 . ARG A 1 61  ? -11.010 -5.854  -6.432  1.00 61.04 ? 608 ARG A NH1 1 
ATOM   482  N NH2 . ARG A 1 61  ? -9.897  -7.011  -4.795  1.00 61.05 ? 608 ARG A NH2 1 
ATOM   483  N N   . GLY A 1 62  ? -7.343  -0.081  -6.952  1.00 52.27 ? 609 GLY A N   1 
ATOM   484  C CA  . GLY A 1 62  ? -7.321  1.204   -7.640  1.00 52.01 ? 609 GLY A CA  1 
ATOM   485  C C   . GLY A 1 62  ? -5.955  1.849   -7.726  1.00 51.80 ? 609 GLY A C   1 
ATOM   486  O O   . GLY A 1 62  ? -4.924  1.169   -7.707  1.00 51.78 ? 609 GLY A O   1 
ATOM   487  N N   . GLU A 1 63  ? -5.957  3.172   -7.826  1.00 51.47 ? 610 GLU A N   1 
ATOM   488  C CA  . GLU A 1 63  ? -4.730  3.943   -7.952  1.00 51.17 ? 610 GLU A CA  1 
ATOM   489  C C   . GLU A 1 63  ? -4.762  5.163   -7.047  1.00 50.88 ? 610 GLU A C   1 
ATOM   490  O O   . GLU A 1 63  ? -5.806  5.793   -6.887  1.00 50.94 ? 610 GLU A O   1 
ATOM   491  C CB  . GLU A 1 63  ? -4.522  4.373   -9.404  1.00 51.17 ? 610 GLU A CB  1 
ATOM   492  C CG  . GLU A 1 63  ? -4.142  3.225   -10.333 1.00 51.38 ? 610 GLU A CG  1 
ATOM   493  C CD  . GLU A 1 63  ? -4.040  3.635   -11.789 1.00 51.21 ? 610 GLU A CD  1 
ATOM   494  O OE1 . GLU A 1 63  ? -3.381  2.901   -12.553 1.00 51.29 ? 610 GLU A OE1 1 
ATOM   495  O OE2 . GLU A 1 63  ? -4.611  4.681   -12.171 1.00 51.11 ? 610 GLU A OE2 1 
ATOM   496  N N   . LEU A 1 64  ? -3.621  5.484   -6.450  1.00 50.45 ? 611 LEU A N   1 
ATOM   497  C CA  . LEU A 1 64  ? -3.499  6.684   -5.637  1.00 50.19 ? 611 LEU A CA  1 
ATOM   498  C C   . LEU A 1 64  ? -2.820  7.786   -6.441  1.00 50.16 ? 611 LEU A C   1 
ATOM   499  O O   . LEU A 1 64  ? -1.807  7.547   -7.102  1.00 50.25 ? 611 LEU A O   1 
ATOM   500  C CB  . LEU A 1 64  ? -2.704  6.396   -4.361  1.00 50.05 ? 611 LEU A CB  1 
ATOM   501  C CG  . LEU A 1 64  ? -3.224  5.346   -3.374  1.00 49.99 ? 611 LEU A CG  1 
ATOM   502  C CD1 . LEU A 1 64  ? -2.113  4.925   -2.432  1.00 49.29 ? 611 LEU A CD1 1 
ATOM   503  C CD2 . LEU A 1 64  ? -4.438  5.849   -2.587  1.00 49.92 ? 611 LEU A CD2 1 
ATOM   504  N N   . VAL A 1 65  ? -3.382  8.991   -6.389  1.00 49.96 ? 612 VAL A N   1 
ATOM   505  C CA  . VAL A 1 65  ? -2.791  10.126  -7.085  1.00 49.98 ? 612 VAL A CA  1 
ATOM   506  C C   . VAL A 1 65  ? -2.144  11.095  -6.089  1.00 50.04 ? 612 VAL A C   1 
ATOM   507  O O   . VAL A 1 65  ? -2.834  11.743  -5.298  1.00 49.96 ? 612 VAL A O   1 
ATOM   508  C CB  . VAL A 1 65  ? -3.820  10.857  -7.996  1.00 49.99 ? 612 VAL A CB  1 
ATOM   509  C CG1 . VAL A 1 65  ? -3.148  11.985  -8.777  1.00 50.16 ? 612 VAL A CG1 1 
ATOM   510  C CG2 . VAL A 1 65  ? -4.482  9.878   -8.960  1.00 49.71 ? 612 VAL A CG2 1 
ATOM   511  N N   . PHE A 1 66  ? -0.816  11.175  -6.136  1.00 50.06 ? 613 PHE A N   1 
ATOM   512  C CA  . PHE A 1 66  ? -0.055  12.074  -5.276  1.00 50.21 ? 613 PHE A CA  1 
ATOM   513  C C   . PHE A 1 66  ? 0.216   13.370  -6.030  1.00 50.57 ? 613 PHE A C   1 
ATOM   514  O O   . PHE A 1 66  ? 0.866   13.353  -7.075  1.00 50.54 ? 613 PHE A O   1 
ATOM   515  C CB  . PHE A 1 66  ? 1.290   11.447  -4.892  1.00 50.11 ? 613 PHE A CB  1 
ATOM   516  C CG  . PHE A 1 66  ? 1.195   10.287  -3.928  1.00 49.83 ? 613 PHE A CG  1 
ATOM   517  C CD1 . PHE A 1 66  ? 1.619   10.433  -2.610  1.00 49.52 ? 613 PHE A CD1 1 
ATOM   518  C CD2 . PHE A 1 66  ? 0.723   9.041   -4.347  1.00 49.47 ? 613 PHE A CD2 1 
ATOM   519  C CE1 . PHE A 1 66  ? 1.556   9.361   -1.714  1.00 49.51 ? 613 PHE A CE1 1 
ATOM   520  C CE2 . PHE A 1 66  ? 0.651   7.964   -3.457  1.00 49.27 ? 613 PHE A CE2 1 
ATOM   521  C CZ  . PHE A 1 66  ? 1.073   8.125   -2.142  1.00 49.26 ? 613 PHE A CZ  1 
ATOM   522  N N   . GLU A 1 67  ? -0.276  14.491  -5.506  1.00 50.96 ? 614 GLU A N   1 
ATOM   523  C CA  . GLU A 1 67  ? -0.047  15.791  -6.143  1.00 51.45 ? 614 GLU A CA  1 
ATOM   524  C C   . GLU A 1 67  ? 1.369   16.307  -5.854  1.00 51.55 ? 614 GLU A C   1 
ATOM   525  O O   . GLU A 1 67  ? 2.223   15.550  -5.383  1.00 51.59 ? 614 GLU A O   1 
ATOM   526  C CB  . GLU A 1 67  ? -1.117  16.814  -5.736  1.00 51.55 ? 614 GLU A CB  1 
ATOM   527  C CG  . GLU A 1 67  ? -2.553  16.458  -6.153  1.00 52.29 ? 614 GLU A CG  1 
ATOM   528  C CD  . GLU A 1 67  ? -2.777  16.424  -7.666  1.00 53.24 ? 614 GLU A CD  1 
ATOM   529  O OE1 . GLU A 1 67  ? -1.902  16.875  -8.436  1.00 53.61 ? 614 GLU A OE1 1 
ATOM   530  O OE2 . GLU A 1 67  ? -3.851  15.944  -8.088  1.00 53.93 ? 614 GLU A OE2 1 
ATOM   531  N N   . ASN A 1 68  ? 1.610   17.590  -6.124  1.00 51.54 ? 615 ASN A N   1 
ATOM   532  C CA  . ASN A 1 68  ? 2.965   18.147  -6.090  1.00 51.68 ? 615 ASN A CA  1 
ATOM   533  C C   . ASN A 1 68  ? 3.668   18.202  -4.724  1.00 51.79 ? 615 ASN A C   1 
ATOM   534  O O   . ASN A 1 68  ? 4.871   17.979  -4.641  1.00 51.80 ? 615 ASN A O   1 
ATOM   535  C CB  . ASN A 1 68  ? 3.013   19.518  -6.773  1.00 51.60 ? 615 ASN A CB  1 
ATOM   536  C CG  . ASN A 1 68  ? 4.426   19.944  -7.111  1.00 51.31 ? 615 ASN A CG  1 
ATOM   537  O OD1 . ASN A 1 68  ? 4.935   20.923  -6.573  1.00 51.30 ? 615 ASN A OD1 1 
ATOM   538  N ND2 . ASN A 1 68  ? 5.076   19.190  -7.987  1.00 50.94 ? 615 ASN A ND2 1 
ATOM   539  N N   . ASN A 1 69  ? 2.939   18.517  -3.663  1.00 52.05 ? 616 ASN A N   1 
ATOM   540  C CA  . ASN A 1 69  ? 3.539   18.508  -2.325  1.00 52.27 ? 616 ASN A CA  1 
ATOM   541  C C   . ASN A 1 69  ? 2.921   17.484  -1.373  1.00 52.19 ? 616 ASN A C   1 
ATOM   542  O O   . ASN A 1 69  ? 3.118   17.546  -0.155  1.00 52.16 ? 616 ASN A O   1 
ATOM   543  C CB  . ASN A 1 69  ? 3.553   19.915  -1.712  1.00 52.35 ? 616 ASN A CB  1 
ATOM   544  C CG  . ASN A 1 69  ? 4.758   20.729  -2.151  1.00 52.81 ? 616 ASN A CG  1 
ATOM   545  O OD1 . ASN A 1 69  ? 5.743   20.185  -2.662  1.00 53.37 ? 616 ASN A OD1 1 
ATOM   546  N ND2 . ASN A 1 69  ? 4.688   22.043  -1.952  1.00 53.15 ? 616 ASN A ND2 1 
ATOM   547  N N   . GLU A 1 70  ? 2.179   16.539  -1.944  1.00 52.11 ? 617 GLU A N   1 
ATOM   548  C CA  . GLU A 1 70  ? 1.579   15.462  -1.171  1.00 52.07 ? 617 GLU A CA  1 
ATOM   549  C C   . GLU A 1 70  ? 2.611   14.364  -0.959  1.00 51.89 ? 617 GLU A C   1 
ATOM   550  O O   . GLU A 1 70  ? 3.097   13.761  -1.917  1.00 51.77 ? 617 GLU A O   1 
ATOM   551  C CB  . GLU A 1 70  ? 0.337   14.912  -1.875  1.00 52.05 ? 617 GLU A CB  1 
ATOM   552  C CG  . GLU A 1 70  ? -0.813  15.910  -1.978  1.00 52.28 ? 617 GLU A CG  1 
ATOM   553  C CD  . GLU A 1 70  ? -2.062  15.319  -2.613  1.00 52.39 ? 617 GLU A CD  1 
ATOM   554  O OE1 . GLU A 1 70  ? -2.078  14.101  -2.903  1.00 52.58 ? 617 GLU A OE1 1 
ATOM   555  O OE2 . GLU A 1 70  ? -3.031  16.080  -2.823  1.00 52.76 ? 617 GLU A OE2 1 
ATOM   556  N N   . SER A 1 71  ? 2.961   14.136  0.304   1.00 51.80 ? 618 SER A N   1 
ATOM   557  C CA  . SER A 1 71  ? 3.911   13.089  0.666   1.00 51.73 ? 618 SER A CA  1 
ATOM   558  C C   . SER A 1 71  ? 3.212   11.895  1.319   1.00 51.59 ? 618 SER A C   1 
ATOM   559  O O   . SER A 1 71  ? 3.861   10.911  1.681   1.00 51.66 ? 618 SER A O   1 
ATOM   560  C CB  . SER A 1 71  ? 5.006   13.648  1.579   1.00 51.75 ? 618 SER A CB  1 
ATOM   561  O OG  . SER A 1 71  ? 4.468   14.067  2.820   1.00 51.98 ? 618 SER A OG  1 
ATOM   562  N N   . GLU A 1 72  ? 1.891   11.987  1.454   1.00 51.54 ? 619 GLU A N   1 
ATOM   563  C CA  . GLU A 1 72  ? 1.083   10.918  2.043   1.00 51.51 ? 619 GLU A CA  1 
ATOM   564  C C   . GLU A 1 72  ? -0.255  10.731  1.337   1.00 51.29 ? 619 GLU A C   1 
ATOM   565  O O   . GLU A 1 72  ? -0.923  11.708  0.979   1.00 51.24 ? 619 GLU A O   1 
ATOM   566  C CB  . GLU A 1 72  ? 0.822   11.200  3.524   1.00 51.66 ? 619 GLU A CB  1 
ATOM   567  C CG  . GLU A 1 72  ? 1.946   10.781  4.455   1.00 52.19 ? 619 GLU A CG  1 
ATOM   568  C CD  . GLU A 1 72  ? 1.785   11.345  5.853   1.00 52.92 ? 619 GLU A CD  1 
ATOM   569  O OE1 . GLU A 1 72  ? 2.586   10.966  6.735   1.00 53.45 ? 619 GLU A OE1 1 
ATOM   570  O OE2 . GLU A 1 72  ? 0.865   12.163  6.073   1.00 52.89 ? 619 GLU A OE2 1 
ATOM   571  N N   . LYS A 1 73  ? -0.628  9.470   1.139   1.00 50.95 ? 620 LYS A N   1 
ATOM   572  C CA  . LYS A 1 73  ? -1.982  9.095   0.733   1.00 50.92 ? 620 LYS A CA  1 
ATOM   573  C C   . LYS A 1 73  ? -2.405  7.829   1.483   1.00 50.95 ? 620 LYS A C   1 
ATOM   574  O O   . LYS A 1 73  ? -1.553  7.079   1.975   1.00 51.01 ? 620 LYS A O   1 
ATOM   575  C CB  . LYS A 1 73  ? -2.091  8.926   -0.789  1.00 50.90 ? 620 LYS A CB  1 
ATOM   576  C CG  . LYS A 1 73  ? -2.457  10.213  -1.549  1.00 51.04 ? 620 LYS A CG  1 
ATOM   577  C CD  . LYS A 1 73  ? -3.966  10.455  -1.539  1.00 51.83 ? 620 LYS A CD  1 
ATOM   578  C CE  . LYS A 1 73  ? -4.317  11.937  -1.537  1.00 52.50 ? 620 LYS A CE  1 
ATOM   579  N NZ  . LYS A 1 73  ? -4.274  12.545  -2.894  1.00 52.92 ? 620 LYS A NZ  1 
ATOM   580  N N   . PHE A 1 74  ? -3.714  7.601   1.581   1.00 50.88 ? 621 PHE A N   1 
ATOM   581  C CA  . PHE A 1 74  ? -4.259  6.517   2.402   1.00 50.84 ? 621 PHE A CA  1 
ATOM   582  C C   . PHE A 1 74  ? -5.176  5.583   1.625   1.00 50.87 ? 621 PHE A C   1 
ATOM   583  O O   . PHE A 1 74  ? -5.967  6.026   0.794   1.00 50.96 ? 621 PHE A O   1 
ATOM   584  C CB  . PHE A 1 74  ? -5.023  7.090   3.599   1.00 50.92 ? 621 PHE A CB  1 
ATOM   585  C CG  . PHE A 1 74  ? -4.149  7.781   4.607   1.00 51.10 ? 621 PHE A CG  1 
ATOM   586  C CD1 . PHE A 1 74  ? -3.651  7.083   5.706   1.00 51.07 ? 621 PHE A CD1 1 
ATOM   587  C CD2 . PHE A 1 74  ? -3.830  9.129   4.466   1.00 51.09 ? 621 PHE A CD2 1 
ATOM   588  C CE1 . PHE A 1 74  ? -2.843  7.712   6.648   1.00 51.07 ? 621 PHE A CE1 1 
ATOM   589  C CE2 . PHE A 1 74  ? -3.019  9.772   5.400   1.00 51.60 ? 621 PHE A CE2 1 
ATOM   590  C CZ  . PHE A 1 74  ? -2.525  9.058   6.497   1.00 51.50 ? 621 PHE A CZ  1 
ATOM   591  N N   . ILE A 1 75  ? -5.061  4.288   1.904   1.00 50.93 ? 622 ILE A N   1 
ATOM   592  C CA  . ILE A 1 75  ? -6.011  3.291   1.419   1.00 51.07 ? 622 ILE A CA  1 
ATOM   593  C C   . ILE A 1 75  ? -7.042  3.013   2.522   1.00 51.23 ? 622 ILE A C   1 
ATOM   594  O O   . ILE A 1 75  ? -6.671  2.663   3.646   1.00 51.30 ? 622 ILE A O   1 
ATOM   595  C CB  . ILE A 1 75  ? -5.298  1.968   1.017   1.00 51.16 ? 622 ILE A CB  1 
ATOM   596  C CG1 . ILE A 1 75  ? -4.193  2.238   -0.013  1.00 51.27 ? 622 ILE A CG1 1 
ATOM   597  C CG2 . ILE A 1 75  ? -6.305  0.937   0.488   1.00 51.04 ? 622 ILE A CG2 1 
ATOM   598  C CD1 . ILE A 1 75  ? -3.131  1.144   -0.108  1.00 50.99 ? 622 ILE A CD1 1 
ATOM   599  N N   . ASP A 1 76  ? -8.324  3.204   2.205   1.00 51.47 ? 623 ASP A N   1 
ATOM   600  C CA  . ASP A 1 76  ? -9.437  2.819   3.085   1.00 51.63 ? 623 ASP A CA  1 
ATOM   601  C C   . ASP A 1 76  ? -9.761  1.363   2.788   1.00 51.55 ? 623 ASP A C   1 
ATOM   602  O O   . ASP A 1 76  ? -9.661  0.949   1.633   1.00 51.63 ? 623 ASP A O   1 
ATOM   603  C CB  . ASP A 1 76  ? -10.670 3.685   2.800   1.00 51.70 ? 623 ASP A CB  1 
ATOM   604  C CG  . ASP A 1 76  ? -10.457 5.159   3.127   1.00 52.02 ? 623 ASP A CG  1 
ATOM   605  O OD1 . ASP A 1 76  ? -11.262 5.986   2.646   1.00 52.84 ? 623 ASP A OD1 1 
ATOM   606  O OD2 . ASP A 1 76  ? -9.504  5.498   3.861   1.00 52.35 ? 623 ASP A OD2 1 
ATOM   607  N N   . LEU A 1 77  ? -10.162 0.578   3.787   1.00 51.64 ? 624 LEU A N   1 
ATOM   608  C CA  . LEU A 1 77  ? -10.139 -0.882  3.562   1.00 51.56 ? 624 LEU A CA  1 
ATOM   609  C C   . LEU A 1 77  ? -11.300 -1.724  2.985   1.00 51.52 ? 624 LEU A C   1 
ATOM   610  O O   . LEU A 1 77  ? -11.136 -2.202  1.860   1.00 51.54 ? 624 LEU A O   1 
ATOM   611  C CB  . LEU A 1 77  ? -9.205  -1.620  4.533   1.00 51.55 ? 624 LEU A CB  1 
ATOM   612  C CG  . LEU A 1 77  ? -7.747  -1.434  4.044   1.00 51.03 ? 624 LEU A CG  1 
ATOM   613  C CD1 . LEU A 1 77  ? -6.718  -1.986  5.011   1.00 51.38 ? 624 LEU A CD1 1 
ATOM   614  C CD2 . LEU A 1 77  ? -7.508  -2.025  2.661   1.00 49.97 ? 624 LEU A CD2 1 
ATOM   615  N N   . PHE A 1 78  ? -12.452 -1.958  3.635   1.00 51.29 ? 625 PHE A N   1 
ATOM   616  C CA  . PHE A 1 78  ? -12.841 -1.684  5.011   1.00 50.98 ? 625 PHE A CA  1 
ATOM   617  C C   . PHE A 1 78  ? -13.038 -3.072  5.631   1.00 50.84 ? 625 PHE A C   1 
ATOM   618  O O   . PHE A 1 78  ? -13.155 -4.069  4.910   1.00 50.58 ? 625 PHE A O   1 
ATOM   619  C CB  . PHE A 1 78  ? -14.235 -1.025  5.053   1.00 50.95 ? 625 PHE A CB  1 
ATOM   620  C CG  . PHE A 1 78  ? -14.365 0.261   4.268   1.00 50.89 ? 625 PHE A CG  1 
ATOM   621  C CD1 . PHE A 1 78  ? -14.057 0.319   2.906   1.00 50.84 ? 625 PHE A CD1 1 
ATOM   622  C CD2 . PHE A 1 78  ? -14.860 1.404   4.888   1.00 50.51 ? 625 PHE A CD2 1 
ATOM   623  C CE1 . PHE A 1 78  ? -14.192 1.508   2.191   1.00 50.42 ? 625 PHE A CE1 1 
ATOM   624  C CE2 . PHE A 1 78  ? -15.004 2.599   4.182   1.00 50.57 ? 625 PHE A CE2 1 
ATOM   625  C CZ  . PHE A 1 78  ? -14.668 2.650   2.830   1.00 50.61 ? 625 PHE A CZ  1 
ATOM   626  N N   . ILE A 1 79  ? -13.127 -3.130  6.959   1.00 50.63 ? 626 ILE A N   1 
ATOM   627  C CA  . ILE A 1 79  ? -13.064 -4.396  7.688   1.00 50.55 ? 626 ILE A CA  1 
ATOM   628  C C   . ILE A 1 79  ? -14.396 -4.794  8.329   1.00 50.53 ? 626 ILE A C   1 
ATOM   629  O O   . ILE A 1 79  ? -14.978 -4.033  9.108   1.00 50.58 ? 626 ILE A O   1 
ATOM   630  C CB  . ILE A 1 79  ? -11.912 -4.357  8.714   1.00 50.69 ? 626 ILE A CB  1 
ATOM   631  C CG1 . ILE A 1 79  ? -10.584 -4.276  7.958   1.00 50.70 ? 626 ILE A CG1 1 
ATOM   632  C CG2 . ILE A 1 79  ? -11.936 -5.579  9.644   1.00 50.35 ? 626 ILE A CG2 1 
ATOM   633  C CD1 . ILE A 1 79  ? -9.592  -3.390  8.596   1.00 51.77 ? 626 ILE A CD1 1 
ATOM   634  N N   . LEU A 1 80  ? -14.849 -6.005  8.004   1.00 50.37 ? 627 LEU A N   1 
ATOM   635  C CA  . LEU A 1 80  ? -16.194 -6.477  8.352   1.00 50.30 ? 627 LEU A CA  1 
ATOM   636  C C   . LEU A 1 80  ? -16.307 -7.081  9.759   1.00 50.19 ? 627 LEU A C   1 
ATOM   637  O O   . LEU A 1 80  ? -15.556 -7.995  10.120  1.00 50.17 ? 627 LEU A O   1 
ATOM   638  C CB  . LEU A 1 80  ? -16.699 -7.468  7.291   1.00 50.20 ? 627 LEU A CB  1 
ATOM   639  C CG  . LEU A 1 80  ? -16.762 -6.962  5.839   1.00 50.48 ? 627 LEU A CG  1 
ATOM   640  C CD1 . LEU A 1 80  ? -16.980 -8.102  4.842   1.00 50.45 ? 627 LEU A CD1 1 
ATOM   641  C CD2 . LEU A 1 80  ? -17.827 -5.889  5.662   1.00 50.17 ? 627 LEU A CD2 1 
ATOM   642  N N   . GLU A 1 81  ? -17.250 -6.553  10.542  1.00 50.01 ? 628 GLU A N   1 
ATOM   643  C CA  . GLU A 1 81  ? -17.553 -7.069  11.885  1.00 49.73 ? 628 GLU A CA  1 
ATOM   644  C C   . GLU A 1 81  ? -18.409 -8.323  11.796  1.00 49.57 ? 628 GLU A C   1 
ATOM   645  O O   . GLU A 1 81  ? -19.481 -8.313  11.178  1.00 49.39 ? 628 GLU A O   1 
ATOM   646  C CB  . GLU A 1 81  ? -18.277 -6.013  12.735  1.00 49.71 ? 628 GLU A CB  1 
ATOM   647  C CG  . GLU A 1 81  ? -18.815 -6.529  14.072  1.00 49.31 ? 628 GLU A CG  1 
ATOM   648  C CD  . GLU A 1 81  ? -17.742 -6.644  15.143  1.00 49.50 ? 628 GLU A CD  1 
ATOM   649  O OE1 . GLU A 1 81  ? -17.274 -7.772  15.421  1.00 49.15 ? 628 GLU A OE1 1 
ATOM   650  O OE2 . GLU A 1 81  ? -17.361 -5.598  15.705  1.00 49.35 ? 628 GLU A OE2 1 
ATOM   651  N N   . GLU A 1 82  ? -17.928 -9.399  12.414  1.00 49.25 ? 629 GLU A N   1 
ATOM   652  C CA  . GLU A 1 82  ? -18.711 -10.623 12.518  1.00 49.17 ? 629 GLU A CA  1 
ATOM   653  C C   . GLU A 1 82  ? -18.682 -11.246 13.929  1.00 48.92 ? 629 GLU A C   1 
ATOM   654  O O   . GLU A 1 82  ? -18.816 -12.463 14.090  1.00 48.78 ? 629 GLU A O   1 
ATOM   655  C CB  . GLU A 1 82  ? -18.358 -11.619 11.395  1.00 49.17 ? 629 GLU A CB  1 
ATOM   656  C CG  . GLU A 1 82  ? -16.909 -12.077 11.324  1.00 49.28 ? 629 GLU A CG  1 
ATOM   657  C CD  . GLU A 1 82  ? -16.635 -13.004 10.141  1.00 49.35 ? 629 GLU A CD  1 
ATOM   658  O OE1 . GLU A 1 82  ? -17.598 -13.498 9.522   1.00 49.59 ? 629 GLU A OE1 1 
ATOM   659  O OE2 . GLU A 1 82  ? -15.450 -13.247 9.827   1.00 49.90 ? 629 GLU A OE2 1 
ATOM   660  N N   . SER A 1 83  ? -18.522 -10.379 14.934  1.00 48.69 ? 630 SER A N   1 
ATOM   661  C CA  . SER A 1 83  ? -18.637 -10.729 16.360  1.00 48.63 ? 630 SER A CA  1 
ATOM   662  C C   . SER A 1 83  ? -18.094 -12.116 16.734  1.00 48.62 ? 630 SER A C   1 
ATOM   663  O O   . SER A 1 83  ? -18.791 -12.916 17.376  1.00 48.64 ? 630 SER A O   1 
ATOM   664  C CB  . SER A 1 83  ? -20.090 -10.574 16.841  1.00 48.64 ? 630 SER A CB  1 
ATOM   665  O OG  . SER A 1 83  ? -20.371 -9.242  17.241  1.00 48.48 ? 630 SER A OG  1 
ATOM   666  N N   . SER A 1 84  ? -16.852 -12.385 16.336  1.00 48.36 ? 631 SER A N   1 
ATOM   667  C CA  . SER A 1 84  ? -16.205 -13.669 16.586  1.00 48.09 ? 631 SER A CA  1 
ATOM   668  C C   . SER A 1 84  ? -15.715 -13.747 18.024  1.00 48.03 ? 631 SER A C   1 
ATOM   669  O O   . SER A 1 84  ? -15.308 -12.738 18.595  1.00 48.06 ? 631 SER A O   1 
ATOM   670  C CB  . SER A 1 84  ? -15.023 -13.847 15.636  1.00 48.08 ? 631 SER A CB  1 
ATOM   671  O OG  . SER A 1 84  ? -15.289 -13.261 14.375  1.00 47.76 ? 631 SER A OG  1 
ATOM   672  N N   . TYR A 1 85  ? -15.761 -14.940 18.609  1.00 48.10 ? 632 TYR A N   1 
ATOM   673  C CA  . TYR A 1 85  ? -15.193 -15.165 19.946  1.00 48.17 ? 632 TYR A CA  1 
ATOM   674  C C   . TYR A 1 85  ? -13.672 -15.157 19.851  1.00 47.92 ? 632 TYR A C   1 
ATOM   675  O O   . TYR A 1 85  ? -12.971 -14.708 20.764  1.00 47.62 ? 632 TYR A O   1 
ATOM   676  C CB  . TYR A 1 85  ? -15.623 -16.519 20.520  1.00 48.56 ? 632 TYR A CB  1 
ATOM   677  C CG  . TYR A 1 85  ? -17.077 -16.912 20.309  1.00 49.18 ? 632 TYR A CG  1 
ATOM   678  C CD1 . TYR A 1 85  ? -18.103 -16.300 21.034  1.00 49.42 ? 632 TYR A CD1 1 
ATOM   679  C CD2 . TYR A 1 85  ? -17.418 -17.927 19.411  1.00 49.84 ? 632 TYR A CD2 1 
ATOM   680  C CE1 . TYR A 1 85  ? -19.435 -16.672 20.852  1.00 50.01 ? 632 TYR A CE1 1 
ATOM   681  C CE2 . TYR A 1 85  ? -18.743 -18.310 19.222  1.00 50.15 ? 632 TYR A CE2 1 
ATOM   682  C CZ  . TYR A 1 85  ? -19.745 -17.680 19.946  1.00 50.02 ? 632 TYR A CZ  1 
ATOM   683  O OH  . TYR A 1 85  ? -21.056 -18.050 19.760  1.00 49.57 ? 632 TYR A OH  1 
ATOM   684  N N   . GLU A 1 86  ? -13.192 -15.667 18.719  1.00 47.63 ? 633 GLU A N   1 
ATOM   685  C CA  . GLU A 1 86  ? -11.788 -15.910 18.470  1.00 47.37 ? 633 GLU A CA  1 
ATOM   686  C C   . GLU A 1 86  ? -11.552 -15.807 16.969  1.00 46.87 ? 633 GLU A C   1 
ATOM   687  O O   . GLU A 1 86  ? -12.239 -16.460 16.173  1.00 47.05 ? 633 GLU A O   1 
ATOM   688  C CB  . GLU A 1 86  ? -11.430 -17.315 18.946  1.00 47.48 ? 633 GLU A CB  1 
ATOM   689  C CG  . GLU A 1 86  ? -10.000 -17.501 19.394  1.00 48.54 ? 633 GLU A CG  1 
ATOM   690  C CD  . GLU A 1 86  ? -9.748  -18.910 19.905  1.00 50.87 ? 633 GLU A CD  1 
ATOM   691  O OE1 . GLU A 1 86  ? -10.605 -19.441 20.656  1.00 51.28 ? 633 GLU A OE1 1 
ATOM   692  O OE2 . GLU A 1 86  ? -8.696  -19.491 19.548  1.00 51.62 ? 633 GLU A OE2 1 
ATOM   693  N N   . LYS A 1 87  ? -10.609 -14.962 16.575  1.00 45.94 ? 634 LYS A N   1 
ATOM   694  C CA  . LYS A 1 87  ? -10.092 -15.019 15.216  1.00 45.29 ? 634 LYS A CA  1 
ATOM   695  C C   . LYS A 1 87  ? -8.722  -14.409 15.059  1.00 44.71 ? 634 LYS A C   1 
ATOM   696  O O   . LYS A 1 87  ? -8.375  -13.420 15.708  1.00 44.51 ? 634 LYS A O   1 
ATOM   697  C CB  . LYS A 1 87  ? -11.085 -14.482 14.168  1.00 45.45 ? 634 LYS A CB  1 
ATOM   698  C CG  . LYS A 1 87  ? -11.207 -12.980 14.020  1.00 44.62 ? 634 LYS A CG  1 
ATOM   699  C CD  . LYS A 1 87  ? -11.288 -12.660 12.533  1.00 43.45 ? 634 LYS A CD  1 
ATOM   700  C CE  . LYS A 1 87  ? -12.357 -11.639 12.202  1.00 43.05 ? 634 LYS A CE  1 
ATOM   701  N NZ  . LYS A 1 87  ? -13.611 -12.257 11.672  1.00 41.01 ? 634 LYS A NZ  1 
ATOM   702  N N   . ASP A 1 88  ? -7.946  -15.057 14.202  1.00 43.99 ? 635 ASP A N   1 
ATOM   703  C CA  . ASP A 1 88  ? -6.594  -14.672 13.877  1.00 43.46 ? 635 ASP A CA  1 
ATOM   704  C C   . ASP A 1 88  ? -6.479  -14.964 12.389  1.00 43.14 ? 635 ASP A C   1 
ATOM   705  O O   . ASP A 1 88  ? -6.289  -16.105 11.958  1.00 43.02 ? 635 ASP A O   1 
ATOM   706  C CB  . ASP A 1 88  ? -5.605  -15.491 14.705  1.00 43.33 ? 635 ASP A CB  1 
ATOM   707  C CG  . ASP A 1 88  ? -4.162  -15.241 14.328  1.00 43.35 ? 635 ASP A CG  1 
ATOM   708  O OD1 . ASP A 1 88  ? -3.868  -14.319 13.529  1.00 41.68 ? 635 ASP A OD1 1 
ATOM   709  O OD2 . ASP A 1 88  ? -3.313  -15.994 14.844  1.00 44.57 ? 635 ASP A OD2 1 
ATOM   710  N N   . VAL A 1 89  ? -6.617  -13.909 11.605  1.00 42.71 ? 636 VAL A N   1 
ATOM   711  C CA  . VAL A 1 89  ? -6.841  -14.045 10.184  1.00 42.57 ? 636 VAL A CA  1 
ATOM   712  C C   . VAL A 1 89  ? -6.123  -12.858 9.525   1.00 42.42 ? 636 VAL A C   1 
ATOM   713  O O   . VAL A 1 89  ? -5.938  -11.822 10.167  1.00 42.67 ? 636 VAL A O   1 
ATOM   714  C CB  . VAL A 1 89  ? -8.380  -14.122 9.939   1.00 42.62 ? 636 VAL A CB  1 
ATOM   715  C CG1 . VAL A 1 89  ? -8.962  -12.822 9.418   1.00 42.69 ? 636 VAL A CG1 1 
ATOM   716  C CG2 . VAL A 1 89  ? -8.757  -15.333 9.095   1.00 42.73 ? 636 VAL A CG2 1 
ATOM   717  N N   . SER A 1 90  ? -5.668  -13.007 8.281   1.00 42.07 ? 637 SER A N   1 
ATOM   718  C CA  . SER A 1 90  ? -4.889  -11.931 7.650   1.00 41.52 ? 637 SER A CA  1 
ATOM   719  C C   . SER A 1 90  ? -4.935  -11.891 6.129   1.00 41.41 ? 637 SER A C   1 
ATOM   720  O O   . SER A 1 90  ? -5.121  -12.917 5.472   1.00 41.30 ? 637 SER A O   1 
ATOM   721  C CB  . SER A 1 90  ? -3.433  -11.972 8.108   1.00 41.59 ? 637 SER A CB  1 
ATOM   722  O OG  . SER A 1 90  ? -2.657  -12.775 7.251   1.00 41.42 ? 637 SER A OG  1 
ATOM   723  N N   . PHE A 1 91  ? -4.749  -10.687 5.588   1.00 41.20 ? 638 PHE A N   1 
ATOM   724  C CA  . PHE A 1 91  ? -4.746  -10.450 4.144   1.00 40.96 ? 638 PHE A CA  1 
ATOM   725  C C   . PHE A 1 91  ? -3.617  -9.497  3.709   1.00 41.03 ? 638 PHE A C   1 
ATOM   726  O O   . PHE A 1 91  ? -2.982  -8.838  4.541   1.00 40.78 ? 638 PHE A O   1 
ATOM   727  C CB  . PHE A 1 91  ? -6.130  -9.956  3.667   1.00 40.71 ? 638 PHE A CB  1 
ATOM   728  C CG  . PHE A 1 91  ? -6.499  -8.567  4.142   1.00 40.06 ? 638 PHE A CG  1 
ATOM   729  C CD1 . PHE A 1 91  ? -7.005  -8.358  5.424   1.00 39.98 ? 638 PHE A CD1 1 
ATOM   730  C CD2 . PHE A 1 91  ? -6.367  -7.471  3.292   1.00 39.59 ? 638 PHE A CD2 1 
ATOM   731  C CE1 . PHE A 1 91  ? -7.356  -7.079  5.860   1.00 39.34 ? 638 PHE A CE1 1 
ATOM   732  C CE2 . PHE A 1 91  ? -6.713  -6.186  3.717   1.00 39.12 ? 638 PHE A CE2 1 
ATOM   733  C CZ  . PHE A 1 91  ? -7.206  -5.988  5.002   1.00 39.72 ? 638 PHE A CZ  1 
ATOM   734  N N   . LYS A 1 92  ? -3.374  -9.441  2.402   1.00 41.15 ? 639 LYS A N   1 
ATOM   735  C CA  . LYS A 1 92  ? -2.282  -8.652  1.851   1.00 41.36 ? 639 LYS A CA  1 
ATOM   736  C C   . LYS A 1 92  ? -2.824  -7.450  1.102   1.00 41.51 ? 639 LYS A C   1 
ATOM   737  O O   . LYS A 1 92  ? -3.931  -7.495  0.560   1.00 41.58 ? 639 LYS A O   1 
ATOM   738  C CB  . LYS A 1 92  ? -1.434  -9.488  0.886   1.00 41.33 ? 639 LYS A CB  1 
ATOM   739  C CG  . LYS A 1 92  ? -0.910  -10.814 1.430   1.00 41.46 ? 639 LYS A CG  1 
ATOM   740  C CD  . LYS A 1 92  ? -0.383  -11.692 0.292   1.00 41.51 ? 639 LYS A CD  1 
ATOM   741  C CE  . LYS A 1 92  ? 0.267   -12.965 0.819   1.00 42.09 ? 639 LYS A CE  1 
ATOM   742  N NZ  . LYS A 1 92  ? 0.545   -13.947 -0.258  1.00 41.79 ? 639 LYS A NZ  1 
ATOM   743  N N   . VAL A 1 93  ? -2.041  -6.376  1.085   1.00 41.51 ? 640 VAL A N   1 
ATOM   744  C CA  . VAL A 1 93  ? -2.272  -5.272  0.164   1.00 41.61 ? 640 VAL A CA  1 
ATOM   745  C C   . VAL A 1 93  ? -0.943  -4.851  -0.468  1.00 41.96 ? 640 VAL A C   1 
ATOM   746  O O   . VAL A 1 93  ? 0.048   -4.612  0.229   1.00 41.89 ? 640 VAL A O   1 
ATOM   747  C CB  . VAL A 1 93  ? -3.096  -4.097  0.799   1.00 41.70 ? 640 VAL A CB  1 
ATOM   748  C CG1 . VAL A 1 93  ? -2.943  -4.046  2.313   1.00 41.91 ? 640 VAL A CG1 1 
ATOM   749  C CG2 . VAL A 1 93  ? -2.794  -2.751  0.135   1.00 40.78 ? 640 VAL A CG2 1 
ATOM   750  N N   . HIS A 1 94  ? -0.939  -4.813  -1.801  1.00 42.09 ? 641 HIS A N   1 
ATOM   751  C CA  . HIS A 1 94  ? 0.256   -4.582  -2.589  1.00 42.22 ? 641 HIS A CA  1 
ATOM   752  C C   . HIS A 1 94  ? 0.180   -3.226  -3.271  1.00 42.76 ? 641 HIS A C   1 
ATOM   753  O O   . HIS A 1 94  ? -0.913  -2.708  -3.523  1.00 42.64 ? 641 HIS A O   1 
ATOM   754  C CB  . HIS A 1 94  ? 0.398   -5.655  -3.679  1.00 42.08 ? 641 HIS A CB  1 
ATOM   755  C CG  . HIS A 1 94  ? 0.277   -7.064  -3.186  1.00 41.22 ? 641 HIS A CG  1 
ATOM   756  N ND1 . HIS A 1 94  ? 1.256   -7.680  -2.436  1.00 41.32 ? 641 HIS A ND1 1 
ATOM   757  C CD2 . HIS A 1 94  ? -0.693  -7.990  -3.371  1.00 40.58 ? 641 HIS A CD2 1 
ATOM   758  C CE1 . HIS A 1 94  ? 0.886   -8.918  -2.162  1.00 40.62 ? 641 HIS A CE1 1 
ATOM   759  N NE2 . HIS A 1 94  ? -0.293  -9.132  -2.718  1.00 40.57 ? 641 HIS A NE2 1 
ATOM   760  N N   . ILE A 1 95  ? 1.344   -2.657  -3.571  1.00 43.25 ? 642 ILE A N   1 
ATOM   761  C CA  . ILE A 1 95  ? 1.439   -1.532  -4.495  1.00 43.90 ? 642 ILE A CA  1 
ATOM   762  C C   . ILE A 1 95  ? 2.269   -1.931  -5.720  1.00 44.71 ? 642 ILE A C   1 
ATOM   763  O O   . ILE A 1 95  ? 3.232   -2.698  -5.605  1.00 44.69 ? 642 ILE A O   1 
ATOM   764  C CB  . ILE A 1 95  ? 1.996   -0.238  -3.836  1.00 43.78 ? 642 ILE A CB  1 
ATOM   765  C CG1 . ILE A 1 95  ? 3.314   -0.503  -3.100  1.00 43.43 ? 642 ILE A CG1 1 
ATOM   766  C CG2 . ILE A 1 95  ? 0.957   0.378   -2.901  1.00 43.63 ? 642 ILE A CG2 1 
ATOM   767  C CD1 . ILE A 1 95  ? 3.983   0.746   -2.549  1.00 43.75 ? 642 ILE A CD1 1 
ATOM   768  N N   . GLY A 1 96  ? 1.871   -1.429  -6.889  1.00 45.49 ? 643 GLY A N   1 
ATOM   769  C CA  . GLY A 1 96  ? 2.579   -1.708  -8.136  1.00 46.52 ? 643 GLY A CA  1 
ATOM   770  C C   . GLY A 1 96  ? 3.632   -0.652  -8.418  1.00 47.38 ? 643 GLY A C   1 
ATOM   771  O O   . GLY A 1 96  ? 3.997   0.120   -7.522  1.00 47.35 ? 643 GLY A O   1 
ATOM   772  N N   . GLU A 1 97  ? 4.123   -0.620  -9.659  1.00 48.11 ? 644 GLU A N   1 
ATOM   773  C CA  . GLU A 1 97  ? 5.095   0.391   -10.080 1.00 49.05 ? 644 GLU A CA  1 
ATOM   774  C C   . GLU A 1 97  ? 4.459   1.779   -10.080 1.00 49.10 ? 644 GLU A C   1 
ATOM   775  O O   . GLU A 1 97  ? 3.449   1.991   -10.748 1.00 49.01 ? 644 GLU A O   1 
ATOM   776  C CB  . GLU A 1 97  ? 5.652   0.087   -11.481 1.00 49.38 ? 644 GLU A CB  1 
ATOM   777  C CG  . GLU A 1 97  ? 7.011   -0.616  -11.504 1.00 51.02 ? 644 GLU A CG  1 
ATOM   778  C CD  . GLU A 1 97  ? 6.902   -2.118  -11.741 1.00 53.39 ? 644 GLU A CD  1 
ATOM   779  O OE1 . GLU A 1 97  ? 7.775   -2.674  -12.448 1.00 54.45 ? 644 GLU A OE1 1 
ATOM   780  O OE2 . GLU A 1 97  ? 5.948   -2.745  -11.230 1.00 54.62 ? 644 GLU A OE2 1 
ATOM   781  N N   . PRO A 1 98  ? 5.035   2.725   -9.318  1.00 49.30 ? 645 PRO A N   1 
ATOM   782  C CA  . PRO A 1 98  ? 4.555   4.090   -9.459  1.00 49.68 ? 645 PRO A CA  1 
ATOM   783  C C   . PRO A 1 98  ? 4.897   4.612   -10.849 1.00 50.20 ? 645 PRO A C   1 
ATOM   784  O O   . PRO A 1 98  ? 5.927   4.231   -11.413 1.00 50.24 ? 645 PRO A O   1 
ATOM   785  C CB  . PRO A 1 98  ? 5.328   4.860   -8.381  1.00 49.46 ? 645 PRO A CB  1 
ATOM   786  C CG  . PRO A 1 98  ? 6.497   4.039   -8.073  1.00 49.37 ? 645 PRO A CG  1 
ATOM   787  C CD  . PRO A 1 98  ? 6.102   2.616   -8.308  1.00 49.32 ? 645 PRO A CD  1 
ATOM   788  N N   . ARG A 1 99  ? 4.022   5.444   -11.406 1.00 50.70 ? 646 ARG A N   1 
ATOM   789  C CA  . ARG A 1 99  ? 4.268   6.046   -12.712 1.00 51.19 ? 646 ARG A CA  1 
ATOM   790  C C   . ARG A 1 99  ? 3.947   7.539   -12.673 1.00 51.37 ? 646 ARG A C   1 
ATOM   791  O O   . ARG A 1 99  ? 3.003   7.977   -12.002 1.00 51.29 ? 646 ARG A O   1 
ATOM   792  C CB  . ARG A 1 99  ? 3.490   5.319   -13.823 1.00 50.89 ? 646 ARG A CB  1 
ATOM   793  C CG  . ARG A 1 99  ? 2.279   6.066   -14.360 1.00 51.54 ? 646 ARG A CG  1 
ATOM   794  C CD  . ARG A 1 99  ? 1.368   5.182   -15.185 1.00 51.70 ? 646 ARG A CD  1 
ATOM   795  N NE  . ARG A 1 99  ? 0.610   4.281   -14.324 1.00 53.73 ? 646 ARG A NE  1 
ATOM   796  C CZ  . ARG A 1 99  ? -0.461  3.589   -14.698 1.00 54.41 ? 646 ARG A CZ  1 
ATOM   797  N NH1 . ARG A 1 99  ? -0.932  3.682   -15.938 1.00 55.13 ? 646 ARG A NH1 1 
ATOM   798  N NH2 . ARG A 1 99  ? -1.063  2.801   -13.818 1.00 54.57 ? 646 ARG A NH2 1 
ATOM   799  N N   . LEU A 1 100 ? 4.760   8.309   -13.387 1.00 51.73 ? 647 LEU A N   1 
ATOM   800  C CA  . LEU A 1 100 ? 4.562   9.743   -13.528 1.00 52.00 ? 647 LEU A CA  1 
ATOM   801  C C   . LEU A 1 100 ? 3.272   10.002  -14.306 1.00 52.25 ? 647 LEU A C   1 
ATOM   802  O O   . LEU A 1 100 ? 2.895   9.202   -15.166 1.00 52.21 ? 647 LEU A O   1 
ATOM   803  C CB  . LEU A 1 100 ? 5.768   10.341  -14.253 1.00 51.92 ? 647 LEU A CB  1 
ATOM   804  C CG  . LEU A 1 100 ? 6.362   11.692  -13.837 1.00 51.86 ? 647 LEU A CG  1 
ATOM   805  C CD1 . LEU A 1 100 ? 6.474   11.869  -12.327 1.00 51.27 ? 647 LEU A CD1 1 
ATOM   806  C CD2 . LEU A 1 100 ? 7.726   11.849  -14.486 1.00 52.01 ? 647 LEU A CD2 1 
ATOM   807  N N   . ALA A 1 101 ? 2.588   11.099  -13.988 1.00 52.74 ? 648 ALA A N   1 
ATOM   808  C CA  . ALA A 1 101 ? 1.348   11.462  -14.682 1.00 53.35 ? 648 ALA A CA  1 
ATOM   809  C C   . ALA A 1 101 ? 1.599   11.716  -16.173 1.00 53.76 ? 648 ALA A C   1 
ATOM   810  O O   . ALA A 1 101 ? 2.554   12.410  -16.525 1.00 53.76 ? 648 ALA A O   1 
ATOM   811  C CB  . ALA A 1 101 ? 0.706   12.675  -14.036 1.00 53.35 ? 648 ALA A CB  1 
ATOM   812  N N   . PRO A 1 102 ? 0.745   11.146  -17.048 1.00 54.20 ? 649 PRO A N   1 
ATOM   813  C CA  . PRO A 1 102 ? 0.892   11.192  -18.506 1.00 54.58 ? 649 PRO A CA  1 
ATOM   814  C C   . PRO A 1 102 ? 1.277   12.554  -19.095 1.00 55.03 ? 649 PRO A C   1 
ATOM   815  O O   . PRO A 1 102 ? 2.063   12.608  -20.042 1.00 55.04 ? 649 PRO A O   1 
ATOM   816  C CB  . PRO A 1 102 ? -0.497  10.789  -19.003 1.00 54.49 ? 649 PRO A CB  1 
ATOM   817  C CG  . PRO A 1 102 ? -0.995  9.867   -17.965 1.00 54.42 ? 649 PRO A CG  1 
ATOM   818  C CD  . PRO A 1 102 ? -0.458  10.385  -16.654 1.00 54.29 ? 649 PRO A CD  1 
ATOM   819  N N   . ASP A 1 103 ? 0.746   13.635  -18.531 1.00 55.54 ? 650 ASP A N   1 
ATOM   820  C CA  . ASP A 1 103 ? 0.878   14.957  -19.143 1.00 56.13 ? 650 ASP A CA  1 
ATOM   821  C C   . ASP A 1 103 ? 2.220   15.674  -18.928 1.00 56.28 ? 650 ASP A C   1 
ATOM   822  O O   . ASP A 1 103 ? 2.659   16.418  -19.809 1.00 56.44 ? 650 ASP A O   1 
ATOM   823  C CB  . ASP A 1 103 ? -0.291  15.869  -18.738 1.00 56.24 ? 650 ASP A CB  1 
ATOM   824  C CG  . ASP A 1 103 ? -0.330  16.154  -17.241 1.00 56.84 ? 650 ASP A CG  1 
ATOM   825  O OD1 . ASP A 1 103 ? -0.147  15.215  -16.435 1.00 57.42 ? 650 ASP A OD1 1 
ATOM   826  O OD2 . ASP A 1 103 ? -0.556  17.326  -16.873 1.00 57.51 ? 650 ASP A OD2 1 
ATOM   827  N N   . ASP A 1 104 ? 2.874   15.463  -17.785 1.00 56.34 ? 651 ASP A N   1 
ATOM   828  C CA  . ASP A 1 104 ? 4.048   16.286  -17.450 1.00 56.34 ? 651 ASP A CA  1 
ATOM   829  C C   . ASP A 1 104 ? 5.351   15.896  -18.160 1.00 56.13 ? 651 ASP A C   1 
ATOM   830  O O   . ASP A 1 104 ? 5.518   14.761  -18.610 1.00 56.11 ? 651 ASP A O   1 
ATOM   831  C CB  . ASP A 1 104 ? 4.230   16.471  -15.928 1.00 56.45 ? 651 ASP A CB  1 
ATOM   832  C CG  . ASP A 1 104 ? 4.648   15.204  -15.218 1.00 56.59 ? 651 ASP A CG  1 
ATOM   833  O OD1 . ASP A 1 104 ? 5.773   14.711  -15.462 1.00 56.75 ? 651 ASP A OD1 1 
ATOM   834  O OD2 . ASP A 1 104 ? 3.856   14.723  -14.379 1.00 57.04 ? 651 ASP A OD2 1 
ATOM   835  N N   . GLY A 1 105 ? 6.259   16.872  -18.231 1.00 55.95 ? 652 GLY A N   1 
ATOM   836  C CA  . GLY A 1 105 ? 7.458   16.848  -19.071 1.00 55.57 ? 652 GLY A CA  1 
ATOM   837  C C   . GLY A 1 105 ? 8.168   15.533  -19.308 1.00 55.36 ? 652 GLY A C   1 
ATOM   838  O O   . GLY A 1 105 ? 8.530   15.221  -20.447 1.00 55.38 ? 652 GLY A O   1 
ATOM   839  N N   . LEU A 1 106 ? 8.370   14.762  -18.242 1.00 55.02 ? 653 LEU A N   1 
ATOM   840  C CA  . LEU A 1 106 ? 9.217   13.570  -18.313 1.00 54.68 ? 653 LEU A CA  1 
ATOM   841  C C   . LEU A 1 106 ? 8.499   12.252  -18.597 1.00 54.39 ? 653 LEU A C   1 
ATOM   842  O O   . LEU A 1 106 ? 9.155   11.276  -18.962 1.00 54.34 ? 653 LEU A O   1 
ATOM   843  C CB  . LEU A 1 106 ? 10.068  13.419  -17.041 1.00 54.80 ? 653 LEU A CB  1 
ATOM   844  C CG  . LEU A 1 106 ? 11.287  14.309  -16.768 1.00 54.66 ? 653 LEU A CG  1 
ATOM   845  C CD1 . LEU A 1 106 ? 12.108  14.566  -18.032 1.00 54.38 ? 653 LEU A CD1 1 
ATOM   846  C CD2 . LEU A 1 106 ? 10.878  15.615  -16.086 1.00 55.06 ? 653 LEU A CD2 1 
ATOM   847  N N   . ALA A 1 107 ? 7.175   12.216  -18.422 1.00 54.09 ? 654 ALA A N   1 
ATOM   848  C CA  . ALA A 1 107 ? 6.385   10.980  -18.583 1.00 53.82 ? 654 ALA A CA  1 
ATOM   849  C C   . ALA A 1 107 ? 6.909   10.117  -19.735 1.00 53.69 ? 654 ALA A C   1 
ATOM   850  O O   . ALA A 1 107 ? 7.193   8.932   -19.556 1.00 53.77 ? 654 ALA A O   1 
ATOM   851  C CB  . ALA A 1 107 ? 4.916   11.306  -18.764 1.00 53.80 ? 654 ALA A CB  1 
ATOM   852  N N   . ALA A 1 108 ? 7.009   10.730  -20.912 1.00 53.49 ? 655 ALA A N   1 
ATOM   853  C CA  . ALA A 1 108 ? 7.940   10.331  -21.956 1.00 53.34 ? 655 ALA A CA  1 
ATOM   854  C C   . ALA A 1 108 ? 9.042   11.411  -21.893 1.00 53.33 ? 655 ALA A C   1 
ATOM   855  O O   . ALA A 1 108 ? 8.706   12.604  -21.860 1.00 53.24 ? 655 ALA A O   1 
ATOM   856  C CB  . ALA A 1 108 ? 7.243   10.346  -23.300 1.00 53.51 ? 655 ALA A CB  1 
ATOM   857  N N   . LYS A 1 109 ? 10.335  11.073  -21.895 1.00 53.00 ? 656 LYS A N   1 
ATOM   858  C CA  . LYS A 1 109 ? 10.942  9.826   -22.370 1.00 52.79 ? 656 LYS A CA  1 
ATOM   859  C C   . LYS A 1 109 ? 10.933  8.590   -21.463 1.00 52.36 ? 656 LYS A C   1 
ATOM   860  O O   . LYS A 1 109 ? 11.290  7.503   -21.924 1.00 52.23 ? 656 LYS A O   1 
ATOM   861  C CB  . LYS A 1 109 ? 12.411  10.114  -22.711 1.00 52.85 ? 656 LYS A CB  1 
ATOM   862  C CG  . LYS A 1 109 ? 12.699  10.480  -24.146 1.00 53.30 ? 656 LYS A CG  1 
ATOM   863  C CD  . LYS A 1 109 ? 14.195  10.380  -24.409 1.00 53.98 ? 656 LYS A CD  1 
ATOM   864  C CE  . LYS A 1 109 ? 14.478  9.970   -25.843 1.00 54.62 ? 656 LYS A CE  1 
ATOM   865  N NZ  . LYS A 1 109 ? 15.852  9.407   -25.977 1.00 55.48 ? 656 LYS A NZ  1 
ATOM   866  N N   . ILE A 1 110 ? 10.553  8.739   -20.195 1.00 52.02 ? 657 ILE A N   1 
ATOM   867  C CA  . ILE A 1 110 ? 10.690  7.631   -19.232 1.00 51.58 ? 657 ILE A CA  1 
ATOM   868  C C   . ILE A 1 110 ? 10.040  6.323   -19.692 1.00 51.68 ? 657 ILE A C   1 
ATOM   869  O O   . ILE A 1 110 ? 10.701  5.289   -19.693 1.00 51.47 ? 657 ILE A O   1 
ATOM   870  C CB  . ILE A 1 110 ? 10.239  8.006   -17.799 1.00 51.34 ? 657 ILE A CB  1 
ATOM   871  C CG1 . ILE A 1 110 ? 11.237  8.974   -17.169 1.00 50.60 ? 657 ILE A CG1 1 
ATOM   872  C CG2 . ILE A 1 110 ? 10.115  6.756   -16.923 1.00 51.01 ? 657 ILE A CG2 1 
ATOM   873  C CD1 . ILE A 1 110 ? 10.694  9.729   -15.968 1.00 50.15 ? 657 ILE A CD1 1 
ATOM   874  N N   . LYS A 1 111 ? 8.771   6.363   -20.095 1.00 51.95 ? 658 LYS A N   1 
ATOM   875  C CA  . LYS A 1 111 ? 8.081   5.128   -20.493 1.00 52.55 ? 658 LYS A CA  1 
ATOM   876  C C   . LYS A 1 111 ? 8.714   4.478   -21.728 1.00 52.54 ? 658 LYS A C   1 
ATOM   877  O O   . LYS A 1 111 ? 8.724   3.250   -21.847 1.00 52.56 ? 658 LYS A O   1 
ATOM   878  C CB  . LYS A 1 111 ? 6.556   5.319   -20.644 1.00 52.67 ? 658 LYS A CB  1 
ATOM   879  C CG  . LYS A 1 111 ? 6.111   6.449   -21.578 1.00 54.03 ? 658 LYS A CG  1 
ATOM   880  C CD  . LYS A 1 111 ? 5.727   5.955   -22.982 1.00 55.64 ? 658 LYS A CD  1 
ATOM   881  C CE  . LYS A 1 111 ? 4.205   5.855   -23.166 1.00 56.44 ? 658 LYS A CE  1 
ATOM   882  N NZ  . LYS A 1 111 ? 3.543   4.896   -22.224 1.00 56.47 ? 658 LYS A NZ  1 
ATOM   883  N N   . GLU A 1 112 ? 9.271   5.306   -22.615 1.00 52.53 ? 659 GLU A N   1 
ATOM   884  C CA  . GLU A 1 112 ? 9.982   4.830   -23.802 1.00 52.58 ? 659 GLU A CA  1 
ATOM   885  C C   . GLU A 1 112 ? 11.337  4.222   -23.441 1.00 52.39 ? 659 GLU A C   1 
ATOM   886  O O   . GLU A 1 112 ? 11.692  3.143   -23.916 1.00 52.44 ? 659 GLU A O   1 
ATOM   887  C CB  . GLU A 1 112 ? 10.192  5.975   -24.790 1.00 52.73 ? 659 GLU A CB  1 
ATOM   888  C CG  . GLU A 1 112 ? 10.708  5.533   -26.151 1.00 53.86 ? 659 GLU A CG  1 
ATOM   889  C CD  . GLU A 1 112 ? 11.497  6.616   -26.851 1.00 55.39 ? 659 GLU A CD  1 
ATOM   890  O OE1 . GLU A 1 112 ? 11.096  7.006   -27.970 1.00 55.86 ? 659 GLU A OE1 1 
ATOM   891  O OE2 . GLU A 1 112 ? 12.514  7.082   -26.285 1.00 56.12 ? 659 GLU A OE2 1 
ATOM   892  N N   . VAL A 1 113 ? 12.088  4.937   -22.608 1.00 52.13 ? 660 VAL A N   1 
ATOM   893  C CA  . VAL A 1 113 ? 13.408  4.505   -22.166 1.00 52.01 ? 660 VAL A CA  1 
ATOM   894  C C   . VAL A 1 113 ? 13.348  3.209   -21.358 1.00 51.89 ? 660 VAL A C   1 
ATOM   895  O O   . VAL A 1 113 ? 14.135  2.293   -21.600 1.00 52.02 ? 660 VAL A O   1 
ATOM   896  C CB  . VAL A 1 113 ? 14.116  5.626   -21.359 1.00 52.03 ? 660 VAL A CB  1 
ATOM   897  C CG1 . VAL A 1 113 ? 15.259  5.075   -20.521 1.00 52.31 ? 660 VAL A CG1 1 
ATOM   898  C CG2 . VAL A 1 113 ? 14.610  6.722   -22.298 1.00 52.04 ? 660 VAL A CG2 1 
ATOM   899  N N   . GLU A 1 114 ? 12.402  3.125   -20.423 1.00 51.74 ? 661 GLU A N   1 
ATOM   900  C CA  . GLU A 1 114 ? 12.315  1.973   -19.527 1.00 51.58 ? 661 GLU A CA  1 
ATOM   901  C C   . GLU A 1 114 ? 11.812  0.691   -20.198 1.00 51.73 ? 661 GLU A C   1 
ATOM   902  O O   . GLU A 1 114 ? 11.648  -0.334  -19.531 1.00 51.99 ? 661 GLU A O   1 
ATOM   903  C CB  . GLU A 1 114 ? 11.527  2.298   -18.247 1.00 51.34 ? 661 GLU A CB  1 
ATOM   904  C CG  . GLU A 1 114 ? 10.036  2.490   -18.411 1.00 51.34 ? 661 GLU A CG  1 
ATOM   905  C CD  . GLU A 1 114 ? 9.369   3.027   -17.154 1.00 51.34 ? 661 GLU A CD  1 
ATOM   906  O OE1 . GLU A 1 114 ? 9.910   2.830   -16.044 1.00 50.57 ? 661 GLU A OE1 1 
ATOM   907  O OE2 . GLU A 1 114 ? 8.293   3.646   -17.275 1.00 51.53 ? 661 GLU A OE2 1 
ATOM   908  N N   . LYS A 1 115 ? 11.579  0.739   -21.508 1.00 51.68 ? 662 LYS A N   1 
ATOM   909  C CA  . LYS A 1 115 ? 11.301  -0.486  -22.261 1.00 51.68 ? 662 LYS A CA  1 
ATOM   910  C C   . LYS A 1 115 ? 12.107  -0.629  -23.555 1.00 51.30 ? 662 LYS A C   1 
ATOM   911  O O   . LYS A 1 115 ? 11.664  -1.262  -24.515 1.00 51.32 ? 662 LYS A O   1 
ATOM   912  C CB  . LYS A 1 115 ? 9.789   -0.727  -22.465 1.00 51.70 ? 662 LYS A CB  1 
ATOM   913  C CG  . LYS A 1 115 ? 9.017   0.297   -23.293 1.00 51.96 ? 662 LYS A CG  1 
ATOM   914  C CD  . LYS A 1 115 ? 7.536   -0.118  -23.366 1.00 52.35 ? 662 LYS A CD  1 
ATOM   915  C CE  . LYS A 1 115 ? 6.654   0.904   -24.084 1.00 53.09 ? 662 LYS A CE  1 
ATOM   916  N NZ  . LYS A 1 115 ? 7.024   1.069   -25.523 1.00 53.53 ? 662 LYS A NZ  1 
ATOM   917  N N   . LYS A 1 116 ? 13.306  -0.047  -23.559 1.00 50.92 ? 663 LYS A N   1 
ATOM   918  C CA  . LYS A 1 116 ? 14.305  -0.359  -24.580 1.00 50.37 ? 663 LYS A CA  1 
ATOM   919  C C   . LYS A 1 116 ? 15.321  -1.359  -23.999 1.00 49.86 ? 663 LYS A C   1 
ATOM   920  O O   . LYS A 1 116 ? 15.352  -1.563  -22.782 1.00 49.76 ? 663 LYS A O   1 
ATOM   921  C CB  . LYS A 1 116 ? 14.966  0.916   -25.126 1.00 50.46 ? 663 LYS A CB  1 
ATOM   922  C CG  . LYS A 1 116 ? 16.142  1.447   -24.334 1.00 50.50 ? 663 LYS A CG  1 
ATOM   923  C CD  . LYS A 1 116 ? 17.103  2.239   -25.227 1.00 50.13 ? 663 LYS A CD  1 
ATOM   924  C CE  . LYS A 1 116 ? 16.565  3.622   -25.580 1.00 49.96 ? 663 LYS A CE  1 
ATOM   925  N NZ  . LYS A 1 116 ? 17.648  4.510   -26.102 1.00 49.04 ? 663 LYS A NZ  1 
ATOM   926  N N   . PRO A 1 117 ? 16.139  -2.005  -24.860 1.00 49.38 ? 664 PRO A N   1 
ATOM   927  C CA  . PRO A 1 117 ? 17.066  -3.029  -24.356 1.00 48.82 ? 664 PRO A CA  1 
ATOM   928  C C   . PRO A 1 117 ? 18.153  -2.425  -23.461 1.00 48.24 ? 664 PRO A C   1 
ATOM   929  O O   . PRO A 1 117 ? 18.680  -1.353  -23.774 1.00 48.13 ? 664 PRO A O   1 
ATOM   930  C CB  . PRO A 1 117 ? 17.686  -3.602  -25.637 1.00 48.92 ? 664 PRO A CB  1 
ATOM   931  C CG  . PRO A 1 117 ? 16.792  -3.155  -26.752 1.00 49.11 ? 664 PRO A CG  1 
ATOM   932  C CD  . PRO A 1 117 ? 16.266  -1.835  -26.319 1.00 49.26 ? 664 PRO A CD  1 
ATOM   933  N N   . VAL A 1 118 ? 18.478  -3.105  -22.361 1.00 47.49 ? 665 VAL A N   1 
ATOM   934  C CA  . VAL A 1 118 ? 19.435  -2.580  -21.370 1.00 46.87 ? 665 VAL A CA  1 
ATOM   935  C C   . VAL A 1 118 ? 20.816  -2.210  -21.933 1.00 46.47 ? 665 VAL A C   1 
ATOM   936  O O   . VAL A 1 118 ? 21.376  -1.179  -21.563 1.00 46.24 ? 665 VAL A O   1 
ATOM   937  C CB  . VAL A 1 118 ? 19.579  -3.497  -20.126 1.00 46.86 ? 665 VAL A CB  1 
ATOM   938  C CG1 . VAL A 1 118 ? 18.281  -3.503  -19.333 1.00 47.35 ? 665 VAL A CG1 1 
ATOM   939  C CG2 . VAL A 1 118 ? 19.999  -4.919  -20.511 1.00 46.53 ? 665 VAL A CG2 1 
ATOM   940  N N   . GLN A 1 119 ? 21.354  -3.033  -22.834 1.00 45.85 ? 666 GLN A N   1 
ATOM   941  C CA  . GLN A 1 119 ? 22.656  -2.759  -23.447 1.00 45.24 ? 666 GLN A CA  1 
ATOM   942  C C   . GLN A 1 119 ? 22.606  -1.600  -24.450 1.00 44.59 ? 666 GLN A C   1 
ATOM   943  O O   . GLN A 1 119 ? 23.614  -1.257  -25.068 1.00 44.44 ? 666 GLN A O   1 
ATOM   944  C CB  . GLN A 1 119 ? 23.260  -4.026  -24.087 1.00 45.52 ? 666 GLN A CB  1 
ATOM   945  C CG  . GLN A 1 119 ? 22.359  -4.759  -25.081 1.00 45.89 ? 666 GLN A CG  1 
ATOM   946  C CD  . GLN A 1 119 ? 21.423  -5.740  -24.398 1.00 46.79 ? 666 GLN A CD  1 
ATOM   947  O OE1 . GLN A 1 119 ? 21.859  -6.749  -23.840 1.00 47.16 ? 666 GLN A OE1 1 
ATOM   948  N NE2 . GLN A 1 119 ? 20.129  -5.449  -24.437 1.00 46.72 ? 666 GLN A NE2 1 
ATOM   949  N N   . ASP A 1 120 ? 21.425  -1.007  -24.602 1.00 43.91 ? 667 ASP A N   1 
ATOM   950  C CA  . ASP A 1 120 ? 21.236  0.162   -25.459 1.00 43.20 ? 667 ASP A CA  1 
ATOM   951  C C   . ASP A 1 120 ? 21.030  1.427   -24.648 1.00 42.56 ? 667 ASP A C   1 
ATOM   952  O O   . ASP A 1 120 ? 21.001  2.524   -25.201 1.00 42.66 ? 667 ASP A O   1 
ATOM   953  C CB  . ASP A 1 120 ? 20.039  -0.034  -26.389 1.00 43.33 ? 667 ASP A CB  1 
ATOM   954  C CG  . ASP A 1 120 ? 20.350  -0.936  -27.552 1.00 43.50 ? 667 ASP A CG  1 
ATOM   955  O OD1 . ASP A 1 120 ? 19.479  -1.756  -27.900 1.00 44.37 ? 667 ASP A OD1 1 
ATOM   956  O OD2 . ASP A 1 120 ? 21.462  -0.830  -28.112 1.00 43.42 ? 667 ASP A OD2 1 
ATOM   957  N N   . LEU A 1 121 ? 20.872  1.275   -23.339 1.00 41.84 ? 668 LEU A N   1 
ATOM   958  C CA  . LEU A 1 121 ? 20.703  2.424   -22.467 1.00 41.13 ? 668 LEU A CA  1 
ATOM   959  C C   . LEU A 1 121 ? 21.880  3.385   -22.612 1.00 40.83 ? 668 LEU A C   1 
ATOM   960  O O   . LEU A 1 121 ? 23.042  2.983   -22.594 1.00 40.56 ? 668 LEU A O   1 
ATOM   961  C CB  . LEU A 1 121 ? 20.507  1.996   -21.011 1.00 40.98 ? 668 LEU A CB  1 
ATOM   962  C CG  . LEU A 1 121 ? 19.227  1.237   -20.647 1.00 40.52 ? 668 LEU A CG  1 
ATOM   963  C CD1 . LEU A 1 121 ? 19.234  0.892   -19.166 1.00 39.69 ? 668 LEU A CD1 1 
ATOM   964  C CD2 . LEU A 1 121 ? 17.983  2.033   -21.003 1.00 40.72 ? 668 LEU A CD2 1 
ATOM   965  N N   . THR A 1 122 ? 21.548  4.654   -22.794 1.00 40.59 ? 669 THR A N   1 
ATOM   966  C CA  . THR A 1 122 ? 22.529  5.706   -22.989 1.00 40.57 ? 669 THR A CA  1 
ATOM   967  C C   . THR A 1 122 ? 22.843  6.369   -21.644 1.00 40.57 ? 669 THR A C   1 
ATOM   968  O O   . THR A 1 122 ? 22.044  6.288   -20.702 1.00 40.46 ? 669 THR A O   1 
ATOM   969  C CB  . THR A 1 122 ? 22.008  6.714   -24.037 1.00 40.45 ? 669 THR A CB  1 
ATOM   970  O OG1 . THR A 1 122 ? 23.059  7.051   -24.936 1.00 40.72 ? 669 THR A OG1 1 
ATOM   971  C CG2 . THR A 1 122 ? 21.433  7.969   -23.403 1.00 40.56 ? 669 THR A CG2 1 
ATOM   972  N N   . GLU A 1 123 ? 24.006  7.008   -21.543 1.00 40.52 ? 670 GLU A N   1 
ATOM   973  C CA  . GLU A 1 123 ? 24.421  7.623   -20.279 1.00 40.56 ? 670 GLU A CA  1 
ATOM   974  C C   . GLU A 1 123 ? 23.315  8.479   -19.654 1.00 40.78 ? 670 GLU A C   1 
ATOM   975  O O   . GLU A 1 123 ? 23.071  8.389   -18.446 1.00 40.84 ? 670 GLU A O   1 
ATOM   976  C CB  . GLU A 1 123 ? 25.715  8.427   -20.436 1.00 40.24 ? 670 GLU A CB  1 
ATOM   977  C CG  . GLU A 1 123 ? 26.262  8.963   -19.121 1.00 40.24 ? 670 GLU A CG  1 
ATOM   978  C CD  . GLU A 1 123 ? 27.674  9.530   -19.223 1.00 40.71 ? 670 GLU A CD  1 
ATOM   979  O OE1 . GLU A 1 123 ? 27.991  10.231  -20.213 1.00 39.99 ? 670 GLU A OE1 1 
ATOM   980  O OE2 . GLU A 1 123 ? 28.468  9.274   -18.287 1.00 41.44 ? 670 GLU A OE2 1 
ATOM   981  N N   . LEU A 1 124 ? 22.640  9.287   -20.473 1.00 40.81 ? 671 LEU A N   1 
ATOM   982  C CA  . LEU A 1 124 ? 21.607  10.179  -19.953 1.00 41.23 ? 671 LEU A CA  1 
ATOM   983  C C   . LEU A 1 124 ? 20.274  9.497   -19.640 1.00 40.92 ? 671 LEU A C   1 
ATOM   984  O O   . LEU A 1 124 ? 19.579  9.894   -18.702 1.00 40.88 ? 671 LEU A O   1 
ATOM   985  C CB  . LEU A 1 124 ? 21.448  11.474  -20.784 1.00 41.40 ? 671 LEU A CB  1 
ATOM   986  C CG  . LEU A 1 124 ? 21.882  11.705  -22.247 1.00 43.50 ? 671 LEU A CG  1 
ATOM   987  C CD1 . LEU A 1 124 ? 21.771  13.202  -22.579 1.00 43.22 ? 671 LEU A CD1 1 
ATOM   988  C CD2 . LEU A 1 124 ? 23.309  11.222  -22.596 1.00 44.38 ? 671 LEU A CD2 1 
ATOM   989  N N   . ASP A 1 125 ? 19.914  8.460   -20.390 1.00 40.64 ? 672 ASP A N   1 
ATOM   990  C CA  . ASP A 1 125 ? 18.646  7.793   -20.101 1.00 40.40 ? 672 ASP A CA  1 
ATOM   991  C C   . ASP A 1 125 ? 18.724  6.847   -18.904 1.00 39.86 ? 672 ASP A C   1 
ATOM   992  O O   . ASP A 1 125 ? 17.701  6.530   -18.291 1.00 39.86 ? 672 ASP A O   1 
ATOM   993  C CB  . ASP A 1 125 ? 17.987  7.167   -21.347 1.00 40.78 ? 672 ASP A CB  1 
ATOM   994  C CG  . ASP A 1 125 ? 18.838  6.118   -22.013 1.00 41.27 ? 672 ASP A CG  1 
ATOM   995  O OD1 . ASP A 1 125 ? 18.790  6.026   -23.264 1.00 38.59 ? 672 ASP A OD1 1 
ATOM   996  O OD2 . ASP A 1 125 ? 19.533  5.376   -21.283 1.00 43.75 ? 672 ASP A OD2 1 
ATOM   997  N N   . ARG A 1 126 ? 19.933  6.435   -18.536 1.00 39.23 ? 673 ARG A N   1 
ATOM   998  C CA  . ARG A 1 126 ? 20.105  5.811   -17.225 1.00 38.92 ? 673 ARG A CA  1 
ATOM   999  C C   . ARG A 1 126 ? 20.132  6.835   -16.090 1.00 38.64 ? 673 ARG A C   1 
ATOM   1000 O O   . ARG A 1 126 ? 19.890  6.488   -14.938 1.00 38.69 ? 673 ARG A O   1 
ATOM   1001 C CB  . ARG A 1 126 ? 21.279  4.831   -17.172 1.00 38.63 ? 673 ARG A CB  1 
ATOM   1002 C CG  . ARG A 1 126 ? 22.433  5.195   -18.021 1.00 39.27 ? 673 ARG A CG  1 
ATOM   1003 C CD  . ARG A 1 126 ? 23.149  3.968   -18.475 1.00 37.41 ? 673 ARG A CD  1 
ATOM   1004 N NE  . ARG A 1 126 ? 24.581  4.167   -18.322 1.00 36.73 ? 673 ARG A NE  1 
ATOM   1005 C CZ  . ARG A 1 126 ? 25.446  4.280   -19.318 1.00 36.52 ? 673 ARG A CZ  1 
ATOM   1006 N NH1 . ARG A 1 126 ? 26.729  4.455   -19.043 1.00 35.84 ? 673 ARG A NH1 1 
ATOM   1007 N NH2 . ARG A 1 126 ? 25.037  4.202   -20.578 1.00 36.65 ? 673 ARG A NH2 1 
ATOM   1008 N N   . ILE A 1 127 ? 20.400  8.099   -16.411 1.00 38.46 ? 674 ILE A N   1 
ATOM   1009 C CA  . ILE A 1 127 ? 20.171  9.175   -15.442 1.00 38.25 ? 674 ILE A CA  1 
ATOM   1010 C C   . ILE A 1 127 ? 18.658  9.365   -15.271 1.00 38.23 ? 674 ILE A C   1 
ATOM   1011 O O   . ILE A 1 127 ? 18.166  9.509   -14.150 1.00 38.58 ? 674 ILE A O   1 
ATOM   1012 C CB  . ILE A 1 127 ? 20.896  10.503  -15.826 1.00 38.15 ? 674 ILE A CB  1 
ATOM   1013 C CG1 . ILE A 1 127 ? 22.415  10.315  -15.777 1.00 38.15 ? 674 ILE A CG1 1 
ATOM   1014 C CG2 . ILE A 1 127 ? 20.493  11.647  -14.897 1.00 37.61 ? 674 ILE A CG2 1 
ATOM   1015 C CD1 . ILE A 1 127 ? 23.209  11.379  -16.554 1.00 38.34 ? 674 ILE A CD1 1 
ATOM   1016 N N   . LEU A 1 128 ? 17.924  9.331   -16.378 1.00 38.18 ? 675 LEU A N   1 
ATOM   1017 C CA  . LEU A 1 128 ? 16.465  9.371   -16.334 1.00 38.24 ? 675 LEU A CA  1 
ATOM   1018 C C   . LEU A 1 128 ? 15.881  8.241   -15.495 1.00 38.16 ? 675 LEU A C   1 
ATOM   1019 O O   . LEU A 1 128 ? 15.051  8.484   -14.624 1.00 38.39 ? 675 LEU A O   1 
ATOM   1020 C CB  . LEU A 1 128 ? 15.881  9.337   -17.742 1.00 38.32 ? 675 LEU A CB  1 
ATOM   1021 C CG  . LEU A 1 128 ? 15.248  10.639  -18.239 1.00 39.49 ? 675 LEU A CG  1 
ATOM   1022 C CD1 . LEU A 1 128 ? 16.276  11.765  -18.462 1.00 39.20 ? 675 LEU A CD1 1 
ATOM   1023 C CD2 . LEU A 1 128 ? 14.436  10.370  -19.508 1.00 40.71 ? 675 LEU A CD2 1 
ATOM   1024 N N   . LEU A 1 129 ? 16.323  7.011   -15.758 1.00 37.97 ? 676 LEU A N   1 
ATOM   1025 C CA  . LEU A 1 129 ? 15.908  5.844   -14.977 1.00 37.64 ? 676 LEU A CA  1 
ATOM   1026 C C   . LEU A 1 129 ? 16.220  5.985   -13.491 1.00 37.68 ? 676 LEU A C   1 
ATOM   1027 O O   . LEU A 1 129 ? 15.412  5.586   -12.651 1.00 37.32 ? 676 LEU A O   1 
ATOM   1028 C CB  . LEU A 1 129 ? 16.559  4.575   -15.525 1.00 37.54 ? 676 LEU A CB  1 
ATOM   1029 C CG  . LEU A 1 129 ? 15.765  3.565   -16.361 1.00 37.49 ? 676 LEU A CG  1 
ATOM   1030 C CD1 . LEU A 1 129 ? 14.462  4.117   -16.932 1.00 37.78 ? 676 LEU A CD1 1 
ATOM   1031 C CD2 . LEU A 1 129 ? 16.646  3.002   -17.465 1.00 37.36 ? 676 LEU A CD2 1 
ATOM   1032 N N   . LEU A 1 130 ? 17.386  6.558   -13.175 1.00 37.85 ? 677 LEU A N   1 
ATOM   1033 C CA  . LEU A 1 130 ? 17.785  6.802   -11.783 1.00 38.05 ? 677 LEU A CA  1 
ATOM   1034 C C   . LEU A 1 130 ? 16.873  7.797   -11.082 1.00 38.41 ? 677 LEU A C   1 
ATOM   1035 O O   . LEU A 1 130 ? 16.681  7.714   -9.877  1.00 38.28 ? 677 LEU A O   1 
ATOM   1036 C CB  . LEU A 1 130 ? 19.227  7.296   -11.698 1.00 37.90 ? 677 LEU A CB  1 
ATOM   1037 C CG  . LEU A 1 130 ? 20.364  6.274   -11.730 1.00 37.65 ? 677 LEU A CG  1 
ATOM   1038 C CD1 . LEU A 1 130 ? 21.656  6.964   -12.117 1.00 36.26 ? 677 LEU A CD1 1 
ATOM   1039 C CD2 . LEU A 1 130 ? 20.516  5.535   -10.408 1.00 36.69 ? 677 LEU A CD2 1 
ATOM   1040 N N   . SER A 1 131 ? 16.311  8.729   -11.843 1.00 39.38 ? 678 SER A N   1 
ATOM   1041 C CA  . SER A 1 131 ? 15.517  9.820   -11.276 1.00 40.36 ? 678 SER A CA  1 
ATOM   1042 C C   . SER A 1 131 ? 14.046  9.450   -11.110 1.00 41.05 ? 678 SER A C   1 
ATOM   1043 O O   . SER A 1 131 ? 13.324  10.078  -10.339 1.00 41.23 ? 678 SER A O   1 
ATOM   1044 C CB  . SER A 1 131 ? 15.628  11.053  -12.167 1.00 40.16 ? 678 SER A CB  1 
ATOM   1045 O OG  . SER A 1 131 ? 14.755  10.931  -13.277 1.00 40.11 ? 678 SER A OG  1 
ATOM   1046 N N   . LYS A 1 132 ? 13.625  8.443   -11.868 1.00 42.02 ? 679 LYS A N   1 
ATOM   1047 C CA  . LYS A 1 132 ? 12.269  7.902   -11.893 1.00 43.14 ? 679 LYS A CA  1 
ATOM   1048 C C   . LYS A 1 132 ? 11.614  7.764   -10.513 1.00 43.54 ? 679 LYS A C   1 
ATOM   1049 O O   . LYS A 1 132 ? 12.297  7.459   -9.530  1.00 43.72 ? 679 LYS A O   1 
ATOM   1050 C CB  . LYS A 1 132 ? 12.355  6.511   -12.528 1.00 43.29 ? 679 LYS A CB  1 
ATOM   1051 C CG  . LYS A 1 132 ? 11.073  5.944   -13.097 1.00 44.17 ? 679 LYS A CG  1 
ATOM   1052 C CD  . LYS A 1 132 ? 11.353  4.674   -13.899 1.00 44.04 ? 679 LYS A CD  1 
ATOM   1053 C CE  . LYS A 1 132 ? 11.647  3.472   -13.002 1.00 45.59 ? 679 LYS A CE  1 
ATOM   1054 N NZ  . LYS A 1 132 ? 11.495  2.188   -13.749 1.00 45.62 ? 679 LYS A NZ  1 
ATOM   1055 N N   . PRO A 1 133 ? 10.286  7.990   -10.430 1.00 44.04 ? 680 PRO A N   1 
ATOM   1056 C CA  . PRO A 1 133 ? 9.551   7.541   -9.242  1.00 44.21 ? 680 PRO A CA  1 
ATOM   1057 C C   . PRO A 1 133 ? 9.701   6.033   -9.073  1.00 44.47 ? 680 PRO A C   1 
ATOM   1058 O O   . PRO A 1 133 ? 9.559   5.280   -10.044 1.00 44.85 ? 680 PRO A O   1 
ATOM   1059 C CB  . PRO A 1 133 ? 8.093   7.895   -9.566  1.00 44.23 ? 680 PRO A CB  1 
ATOM   1060 C CG  . PRO A 1 133 ? 8.060   8.108   -11.057 1.00 44.18 ? 680 PRO A CG  1 
ATOM   1061 C CD  . PRO A 1 133 ? 9.400   8.674   -11.390 1.00 43.93 ? 680 PRO A CD  1 
ATOM   1062 N N   . ARG A 1 134 ? 9.997   5.608   -7.849  1.00 44.64 ? 681 ARG A N   1 
ATOM   1063 C CA  . ARG A 1 134 ? 10.314  4.212   -7.545  1.00 44.78 ? 681 ARG A CA  1 
ATOM   1064 C C   . ARG A 1 134 ? 9.590   3.723   -6.307  1.00 44.37 ? 681 ARG A C   1 
ATOM   1065 O O   . ARG A 1 134 ? 9.134   4.515   -5.483  1.00 44.15 ? 681 ARG A O   1 
ATOM   1066 C CB  . ARG A 1 134 ? 11.813  4.072   -7.276  1.00 45.09 ? 681 ARG A CB  1 
ATOM   1067 C CG  . ARG A 1 134 ? 12.630  3.487   -8.399  1.00 46.56 ? 681 ARG A CG  1 
ATOM   1068 C CD  . ARG A 1 134 ? 14.112  3.779   -8.173  1.00 48.70 ? 681 ARG A CD  1 
ATOM   1069 N NE  . ARG A 1 134 ? 14.576  3.383   -6.840  1.00 49.25 ? 681 ARG A NE  1 
ATOM   1070 C CZ  . ARG A 1 134 ? 15.049  4.212   -5.909  1.00 49.83 ? 681 ARG A CZ  1 
ATOM   1071 N NH1 . ARG A 1 134 ? 15.139  5.521   -6.133  1.00 48.75 ? 681 ARG A NH1 1 
ATOM   1072 N NH2 . ARG A 1 134 ? 15.445  3.721   -4.738  1.00 50.12 ? 681 ARG A NH2 1 
ATOM   1073 N N   . ASN A 1 135 ? 9.522   2.404   -6.174  1.00 44.17 ? 682 ASN A N   1 
ATOM   1074 C CA  . ASN A 1 135 ? 9.060   1.772   -4.946  1.00 43.89 ? 682 ASN A CA  1 
ATOM   1075 C C   . ASN A 1 135 ? 10.180  1.711   -3.924  1.00 43.70 ? 682 ASN A C   1 
ATOM   1076 O O   . ASN A 1 135 ? 11.352  1.632   -4.295  1.00 43.60 ? 682 ASN A O   1 
ATOM   1077 C CB  . ASN A 1 135 ? 8.595   0.344   -5.234  1.00 43.74 ? 682 ASN A CB  1 
ATOM   1078 C CG  . ASN A 1 135 ? 7.180   0.277   -5.774  1.00 43.70 ? 682 ASN A CG  1 
ATOM   1079 O OD1 . ASN A 1 135 ? 6.909   -0.482  -6.702  1.00 43.56 ? 682 ASN A OD1 1 
ATOM   1080 N ND2 . ASN A 1 135 ? 6.266   1.055   -5.189  1.00 43.09 ? 682 ASN A ND2 1 
ATOM   1081 N N   . GLY A 1 136 ? 9.821   1.747   -2.642  1.00 43.64 ? 683 GLY A N   1 
ATOM   1082 C CA  . GLY A 1 136 ? 10.734  1.333   -1.576  1.00 43.59 ? 683 GLY A CA  1 
ATOM   1083 C C   . GLY A 1 136 ? 10.724  -0.185  -1.559  1.00 43.72 ? 683 GLY A C   1 
ATOM   1084 O O   . GLY A 1 136 ? 10.170  -0.806  -2.471  1.00 43.99 ? 683 GLY A O   1 
ATOM   1085 N N   . GLU A 1 137 ? 11.308  -0.803  -0.536  1.00 43.71 ? 684 GLU A N   1 
ATOM   1086 C CA  . GLU A 1 137 ? 11.266  -2.268  -0.457  1.00 43.71 ? 684 GLU A CA  1 
ATOM   1087 C C   . GLU A 1 137 ? 10.012  -2.798  0.214   1.00 42.95 ? 684 GLU A C   1 
ATOM   1088 O O   . GLU A 1 137 ? 9.701   -3.987  0.088   1.00 42.90 ? 684 GLU A O   1 
ATOM   1089 C CB  . GLU A 1 137 ? 12.525  -2.860  0.180   1.00 44.28 ? 684 GLU A CB  1 
ATOM   1090 C CG  . GLU A 1 137 ? 13.042  -2.120  1.403   1.00 46.96 ? 684 GLU A CG  1 
ATOM   1091 C CD  . GLU A 1 137 ? 14.563  -2.121  1.468   1.00 50.37 ? 684 GLU A CD  1 
ATOM   1092 O OE1 . GLU A 1 137 ? 15.216  -2.064  0.394   1.00 51.53 ? 684 GLU A OE1 1 
ATOM   1093 O OE2 . GLU A 1 137 ? 15.104  -2.177  2.593   1.00 51.82 ? 684 GLU A OE2 1 
ATOM   1094 N N   . LEU A 1 138 ? 9.287   -1.914  0.903   1.00 42.08 ? 685 LEU A N   1 
ATOM   1095 C CA  . LEU A 1 138 ? 8.019   -2.274  1.541   1.00 41.06 ? 685 LEU A CA  1 
ATOM   1096 C C   . LEU A 1 138 ? 6.843   -2.102  0.579   1.00 40.54 ? 685 LEU A C   1 
ATOM   1097 O O   . LEU A 1 138 ? 6.094   -1.126  0.655   1.00 40.39 ? 685 LEU A O   1 
ATOM   1098 C CB  . LEU A 1 138 ? 7.816   -1.476  2.837   1.00 40.83 ? 685 LEU A CB  1 
ATOM   1099 C CG  . LEU A 1 138 ? 8.184   -2.099  4.195   1.00 41.21 ? 685 LEU A CG  1 
ATOM   1100 C CD1 . LEU A 1 138 ? 9.316   -3.122  4.127   1.00 41.23 ? 685 LEU A CD1 1 
ATOM   1101 C CD2 . LEU A 1 138 ? 8.553   -1.009  5.175   1.00 40.80 ? 685 LEU A CD2 1 
ATOM   1102 N N   . THR A 1 139 ? 6.686   -3.061  -0.326  1.00 40.07 ? 686 THR A N   1 
ATOM   1103 C CA  . THR A 1 139 ? 5.610   -3.006  -1.318  1.00 39.85 ? 686 THR A CA  1 
ATOM   1104 C C   . THR A 1 139 ? 4.466   -3.988  -1.033  1.00 39.66 ? 686 THR A C   1 
ATOM   1105 O O   . THR A 1 139 ? 3.532   -4.121  -1.831  1.00 39.69 ? 686 THR A O   1 
ATOM   1106 C CB  . THR A 1 139 ? 6.148   -3.197  -2.749  1.00 39.97 ? 686 THR A CB  1 
ATOM   1107 O OG1 . THR A 1 139 ? 6.840   -4.445  -2.837  1.00 40.29 ? 686 THR A OG1 1 
ATOM   1108 C CG2 . THR A 1 139 ? 7.118   -2.068  -3.108  1.00 39.86 ? 686 THR A CG2 1 
ATOM   1109 N N   . THR A 1 140 ? 4.544   -4.669  0.109   1.00 39.34 ? 687 THR A N   1 
ATOM   1110 C CA  . THR A 1 140 ? 3.443   -5.493  0.596   1.00 39.01 ? 687 THR A CA  1 
ATOM   1111 C C   . THR A 1 140 ? 3.244   -5.246  2.089   1.00 38.85 ? 687 THR A C   1 
ATOM   1112 O O   . THR A 1 140 ? 4.206   -5.257  2.866   1.00 38.96 ? 687 THR A O   1 
ATOM   1113 C CB  . THR A 1 140 ? 3.651   -7.008  0.298   1.00 39.19 ? 687 THR A CB  1 
ATOM   1114 O OG1 . THR A 1 140 ? 3.660   -7.223  -1.120  1.00 39.41 ? 687 THR A OG1 1 
ATOM   1115 C CG2 . THR A 1 140 ? 2.528   -7.860  0.913   1.00 38.70 ? 687 THR A CG2 1 
ATOM   1116 N N   . ALA A 1 141 ? 1.992   -4.986  2.466   1.00 38.29 ? 688 ALA A N   1 
ATOM   1117 C CA  . ALA A 1 141 ? 1.586   -4.880  3.856   1.00 37.72 ? 688 ALA A CA  1 
ATOM   1118 C C   . ALA A 1 141 ? 0.726   -6.089  4.201   1.00 37.54 ? 688 ALA A C   1 
ATOM   1119 O O   . ALA A 1 141 ? -0.099  -6.529  3.387   1.00 37.75 ? 688 ALA A O   1 
ATOM   1120 C CB  . ALA A 1 141 ? 0.806   -3.604  4.080   1.00 37.56 ? 688 ALA A CB  1 
ATOM   1121 N N   . TYR A 1 142 ? 0.927   -6.631  5.398   1.00 36.84 ? 689 TYR A N   1 
ATOM   1122 C CA  . TYR A 1 142 ? 0.113   -7.730  5.877   1.00 36.63 ? 689 TYR A CA  1 
ATOM   1123 C C   . TYR A 1 142 ? -0.762  -7.230  7.012   1.00 36.75 ? 689 TYR A C   1 
ATOM   1124 O O   . TYR A 1 142 ? -0.259  -6.663  7.991   1.00 36.56 ? 689 TYR A O   1 
ATOM   1125 C CB  . TYR A 1 142 ? 0.984   -8.894  6.340   1.00 36.44 ? 689 TYR A CB  1 
ATOM   1126 C CG  . TYR A 1 142 ? 1.856   -9.490  5.252   1.00 36.09 ? 689 TYR A CG  1 
ATOM   1127 C CD1 . TYR A 1 142 ? 3.173   -9.059  5.066   1.00 35.31 ? 689 TYR A CD1 1 
ATOM   1128 C CD2 . TYR A 1 142 ? 1.370   -10.503 4.416   1.00 35.96 ? 689 TYR A CD2 1 
ATOM   1129 C CE1 . TYR A 1 142 ? 3.975   -9.614  4.072   1.00 35.04 ? 689 TYR A CE1 1 
ATOM   1130 C CE2 . TYR A 1 142 ? 2.170   -11.075 3.429   1.00 35.39 ? 689 TYR A CE2 1 
ATOM   1131 C CZ  . TYR A 1 142 ? 3.468   -10.617 3.258   1.00 35.72 ? 689 TYR A CZ  1 
ATOM   1132 O OH  . TYR A 1 142 ? 4.253   -11.168 2.269   1.00 36.20 ? 689 TYR A OH  1 
ATOM   1133 N N   . VAL A 1 143 ? -2.070  -7.422  6.866   1.00 36.72 ? 690 VAL A N   1 
ATOM   1134 C CA  . VAL A 1 143 ? -3.023  -6.938  7.854   1.00 36.91 ? 690 VAL A CA  1 
ATOM   1135 C C   . VAL A 1 143 ? -3.678  -8.102  8.609   1.00 37.50 ? 690 VAL A C   1 
ATOM   1136 O O   . VAL A 1 143 ? -4.506  -8.838  8.059   1.00 37.42 ? 690 VAL A O   1 
ATOM   1137 C CB  . VAL A 1 143 ? -4.086  -5.987  7.233   1.00 36.89 ? 690 VAL A CB  1 
ATOM   1138 C CG1 . VAL A 1 143 ? -5.068  -5.508  8.299   1.00 36.11 ? 690 VAL A CG1 1 
ATOM   1139 C CG2 . VAL A 1 143 ? -3.424  -4.789  6.567   1.00 36.44 ? 690 VAL A CG2 1 
ATOM   1140 N N   . ARG A 1 144 ? -3.285  -8.252  9.869   1.00 37.95 ? 691 ARG A N   1 
ATOM   1141 C CA  . ARG A 1 144 ? -3.816  -9.273  10.754  1.00 38.60 ? 691 ARG A CA  1 
ATOM   1142 C C   . ARG A 1 144 ? -5.067  -8.733  11.424  1.00 39.28 ? 691 ARG A C   1 
ATOM   1143 O O   . ARG A 1 144 ? -5.058  -7.606  11.917  1.00 39.18 ? 691 ARG A O   1 
ATOM   1144 C CB  . ARG A 1 144 ? -2.773  -9.621  11.814  1.00 38.43 ? 691 ARG A CB  1 
ATOM   1145 C CG  . ARG A 1 144 ? -3.166  -10.749 12.741  1.00 38.04 ? 691 ARG A CG  1 
ATOM   1146 C CD  . ARG A 1 144 ? -2.084  -10.980 13.777  1.00 36.83 ? 691 ARG A CD  1 
ATOM   1147 N NE  . ARG A 1 144 ? -2.305  -12.221 14.509  1.00 36.41 ? 691 ARG A NE  1 
ATOM   1148 C CZ  . ARG A 1 144 ? -1.707  -12.550 15.650  1.00 35.35 ? 691 ARG A CZ  1 
ATOM   1149 N NH1 . ARG A 1 144 ? -0.831  -11.728 16.223  1.00 33.69 ? 691 ARG A NH1 1 
ATOM   1150 N NH2 . ARG A 1 144 ? -1.992  -13.711 16.220  1.00 34.22 ? 691 ARG A NH2 1 
ATOM   1151 N N   . ILE A 1 145 ? -6.136  -9.534  11.419  1.00 40.11 ? 692 ILE A N   1 
ATOM   1152 C CA  . ILE A 1 145 ? -7.403  -9.165  12.049  1.00 41.20 ? 692 ILE A CA  1 
ATOM   1153 C C   . ILE A 1 145 ? -7.721  -10.091 13.228  1.00 42.15 ? 692 ILE A C   1 
ATOM   1154 O O   . ILE A 1 145 ? -7.658  -11.320 13.120  1.00 41.83 ? 692 ILE A O   1 
ATOM   1155 C CB  . ILE A 1 145 ? -8.599  -9.138  11.057  1.00 41.24 ? 692 ILE A CB  1 
ATOM   1156 C CG1 . ILE A 1 145 ? -8.180  -8.601  9.680   1.00 41.46 ? 692 ILE A CG1 1 
ATOM   1157 C CG2 . ILE A 1 145 ? -9.735  -8.299  11.631  1.00 40.99 ? 692 ILE A CG2 1 
ATOM   1158 C CD1 . ILE A 1 145 ? -9.241  -8.780  8.581   1.00 41.16 ? 692 ILE A CD1 1 
ATOM   1159 N N   . ARG A 1 146 ? -8.062  -9.478  14.356  1.00 43.36 ? 693 ARG A N   1 
ATOM   1160 C CA  . ARG A 1 146 ? -8.315  -10.202 15.594  1.00 44.63 ? 693 ARG A CA  1 
ATOM   1161 C C   . ARG A 1 146 ? -9.747  -9.973  16.067  1.00 45.69 ? 693 ARG A C   1 
ATOM   1162 O O   . ARG A 1 146 ? -10.447 -9.109  15.526  1.00 45.90 ? 693 ARG A O   1 
ATOM   1163 C CB  . ARG A 1 146 ? -7.325  -9.766  16.686  1.00 44.23 ? 693 ARG A CB  1 
ATOM   1164 C CG  . ARG A 1 146 ? -5.847  -9.811  16.297  1.00 43.84 ? 693 ARG A CG  1 
ATOM   1165 C CD  . ARG A 1 146 ? -5.360  -11.209 15.883  1.00 43.41 ? 693 ARG A CD  1 
ATOM   1166 N NE  . ARG A 1 146 ? -5.581  -12.229 16.911  1.00 42.45 ? 693 ARG A NE  1 
ATOM   1167 C CZ  . ARG A 1 146 ? -4.815  -12.411 17.984  1.00 41.63 ? 693 ARG A CZ  1 
ATOM   1168 N NH1 . ARG A 1 146 ? -3.757  -11.642 18.200  1.00 40.97 ? 693 ARG A NH1 1 
ATOM   1169 N NH2 . ARG A 1 146 ? -5.115  -13.367 18.849  1.00 41.23 ? 693 ARG A NH2 1 
ATOM   1170 N N   . GLU A 1 147 ? -10.194 -10.781 17.010  1.00 47.04 ? 694 GLU A N   1 
ATOM   1171 C CA  . GLU A 1 147 ? -11.400 -10.535 17.768  1.00 48.50 ? 694 GLU A CA  1 
ATOM   1172 C C   . GLU A 1 147 ? -11.458 -9.160  18.361  1.00 49.60 ? 694 GLU A C   1 
ATOM   1173 O O   . GLU A 1 147 ? -10.459 -8.653  18.794  1.00 49.73 ? 694 GLU A O   1 
ATOM   1174 C CB  . GLU A 1 147 ? -11.491 -11.532 18.908  1.00 48.33 ? 694 GLU A CB  1 
ATOM   1175 C CG  . GLU A 1 147 ? -10.707 -12.758 18.699  1.00 48.63 ? 694 GLU A CG  1 
ATOM   1176 C CD  . GLU A 1 147 ? -9.409  -12.727 19.400  1.00 48.46 ? 694 GLU A CD  1 
ATOM   1177 O OE1 . GLU A 1 147 ? -9.228  -11.913 20.289  1.00 48.00 ? 694 GLU A OE1 1 
ATOM   1178 O OE2 . GLU A 1 147 ? -8.554  -13.528 19.058  1.00 49.63 ? 694 GLU A OE2 1 
ATOM   1179 N N   . SER A 1 148 ? -12.647 -8.583  18.434  1.00 51.12 ? 695 SER A N   1 
ATOM   1180 C CA  . SER A 1 148 ? -12.861 -7.387  19.219  1.00 52.63 ? 695 SER A CA  1 
ATOM   1181 C C   . SER A 1 148 ? -12.465 -7.553  20.648  1.00 53.79 ? 695 SER A C   1 
ATOM   1182 O O   . SER A 1 148 ? -12.834 -8.500  21.294  1.00 54.07 ? 695 SER A O   1 
ATOM   1183 C CB  . SER A 1 148 ? -14.306 -6.970  19.192  1.00 52.70 ? 695 SER A CB  1 
ATOM   1184 O OG  . SER A 1 148 ? -14.539 -6.064  20.242  1.00 52.79 ? 695 SER A OG  1 
ATOM   1185 N N   . GLN A 1 149 ? -11.626 -6.693  21.163  1.00 55.11 ? 696 GLN A N   1 
ATOM   1186 C CA  . GLN A 1 149 ? -10.785 -7.193  22.211  1.00 56.19 ? 696 GLN A CA  1 
ATOM   1187 C C   . GLN A 1 149 ? -11.516 -7.228  23.495  1.00 56.87 ? 696 GLN A C   1 
ATOM   1188 O O   . GLN A 1 149 ? -11.015 -7.687  24.493  1.00 56.81 ? 696 GLN A O   1 
ATOM   1189 C CB  . GLN A 1 149 ? -9.513  -6.410  22.371  1.00 56.26 ? 696 GLN A CB  1 
ATOM   1190 C CG  . GLN A 1 149 ? -8.513  -7.188  23.145  1.00 56.63 ? 696 GLN A CG  1 
ATOM   1191 C CD  . GLN A 1 149 ? -8.441  -8.614  22.698  1.00 57.48 ? 696 GLN A CD  1 
ATOM   1192 O OE1 . GLN A 1 149 ? -8.722  -8.933  21.557  1.00 57.83 ? 696 GLN A OE1 1 
ATOM   1193 N NE2 . GLN A 1 149 ? -8.066  -9.485  23.597  1.00 57.75 ? 696 GLN A NE2 1 
ATOM   1194 N N   . GLU A 1 150 ? -12.721 -6.731  23.501  1.00 57.37 ? 697 GLU A N   1 
ATOM   1195 C CA  . GLU A 1 150 ? -13.448 -6.912  24.694  1.00 57.68 ? 697 GLU A CA  1 
ATOM   1196 C C   . GLU A 1 150 ? -14.903 -7.032  24.476  1.00 57.64 ? 697 GLU A C   1 
ATOM   1197 O O   . GLU A 1 150 ? -15.692 -6.848  25.365  1.00 57.71 ? 697 GLU A O   1 
ATOM   1198 C CB  . GLU A 1 150 ? -13.053 -5.870  25.687  1.00 57.97 ? 697 GLU A CB  1 
ATOM   1199 C CG  . GLU A 1 150 ? -11.614 -6.048  26.086  1.00 59.49 ? 697 GLU A CG  1 
ATOM   1200 C CD  . GLU A 1 150 ? -11.278 -5.383  27.387  1.00 61.17 ? 697 GLU A CD  1 
ATOM   1201 O OE1 . GLU A 1 150 ? -12.071 -4.556  27.857  1.00 61.20 ? 697 GLU A OE1 1 
ATOM   1202 O OE2 . GLU A 1 150 ? -10.227 -5.705  27.950  1.00 62.14 ? 697 GLU A OE2 1 
ATOM   1203 N N   . PHE A 1 151 ? -15.252 -7.440  23.284  1.00 57.47 ? 698 PHE A N   1 
ATOM   1204 C CA  . PHE A 1 151 ? -16.204 -8.489  23.168  1.00 56.99 ? 698 PHE A CA  1 
ATOM   1205 C C   . PHE A 1 151 ? -15.798 -9.652  24.038  1.00 57.17 ? 698 PHE A C   1 
ATOM   1206 O O   . PHE A 1 151 ? -16.596 -10.500 24.325  1.00 57.15 ? 698 PHE A O   1 
ATOM   1207 C CB  . PHE A 1 151 ? -16.332 -8.903  21.728  1.00 56.72 ? 698 PHE A CB  1 
ATOM   1208 C CG  . PHE A 1 151 ? -17.504 -9.753  21.452  1.00 56.00 ? 698 PHE A CG  1 
ATOM   1209 C CD1 . PHE A 1 151 ? -18.759 -9.292  21.659  1.00 55.67 ? 698 PHE A CD1 1 
ATOM   1210 C CD2 . PHE A 1 151 ? -17.346 -11.013 20.971  1.00 55.51 ? 698 PHE A CD2 1 
ATOM   1211 C CE1 . PHE A 1 151 ? -19.817 -10.082 21.400  1.00 55.86 ? 698 PHE A CE1 1 
ATOM   1212 C CE2 . PHE A 1 151 ? -18.397 -11.792 20.717  1.00 55.43 ? 698 PHE A CE2 1 
ATOM   1213 C CZ  . PHE A 1 151 ? -19.630 -11.329 20.931  1.00 55.74 ? 698 PHE A CZ  1 
ATOM   1214 N N   . LYS A 1 152 ? -14.551 -9.713  24.466  1.00 57.23 ? 699 LYS A N   1 
ATOM   1215 C CA  . LYS A 1 152 ? -13.996 -11.032 24.749  1.00 57.08 ? 699 LYS A CA  1 
ATOM   1216 C C   . LYS A 1 152 ? -13.457 -11.109 26.174  1.00 57.11 ? 699 LYS A C   1 
ATOM   1217 O O   . LYS A 1 152 ? -13.349 -12.191 26.749  1.00 57.85 ? 699 LYS A O   1 
ATOM   1218 C CB  . LYS A 1 152 ? -12.890 -11.374 23.750  1.00 56.96 ? 699 LYS A CB  1 
ATOM   1219 C CG  . LYS A 1 152 ? -12.162 -12.673 24.051  1.00 56.99 ? 699 LYS A CG  1 
ATOM   1220 C CD  . LYS A 1 152 ? -10.697 -12.591 23.651  1.00 55.90 ? 699 LYS A CD  1 
ATOM   1221 C CE  . LYS A 1 152 ? -9.818  -13.375 24.612  1.00 55.22 ? 699 LYS A CE  1 
ATOM   1222 N NZ  . LYS A 1 152 ? -9.445  -14.708 24.061  1.00 54.93 ? 699 LYS A NZ  1 
ATOM   1223 N N   . ALA A 1 153 ? -13.121 -9.953  26.738  1.00 56.50 ? 700 ALA A N   1 
ATOM   1224 C CA  . ALA A 1 153 ? -13.553 -9.603  28.085  1.00 56.06 ? 700 ALA A CA  1 
ATOM   1225 C C   . ALA A 1 153 ? -14.893 -10.250 28.419  1.00 55.40 ? 700 ALA A C   1 
ATOM   1226 O O   . ALA A 1 153 ? -15.019 -10.957 29.420  1.00 55.52 ? 700 ALA A O   1 
ATOM   1227 C CB  . ALA A 1 153 ? -13.639 -8.092  28.239  1.00 56.27 ? 700 ALA A CB  1 
ATOM   1228 N N   . THR A 1 154 ? -15.890 -10.003 27.577  1.00 54.59 ? 701 THR A N   1 
ATOM   1229 C CA  . THR A 1 154 ? -17.282 -10.014 28.012  1.00 53.72 ? 701 THR A CA  1 
ATOM   1230 C C   . THR A 1 154 ? -17.887 -11.409 27.894  1.00 53.06 ? 701 THR A C   1 
ATOM   1231 O O   . THR A 1 154 ? -18.671 -11.830 28.745  1.00 53.16 ? 701 THR A O   1 
ATOM   1232 C CB  . THR A 1 154 ? -18.136 -9.024  27.198  1.00 53.68 ? 701 THR A CB  1 
ATOM   1233 O OG1 . THR A 1 154 ? -17.951 -7.698  27.706  1.00 53.33 ? 701 THR A OG1 1 
ATOM   1234 C CG2 . THR A 1 154 ? -19.608 -9.396  27.284  1.00 53.56 ? 701 THR A CG2 1 
ATOM   1235 N N   . VAL A 1 155 ? -17.516 -12.122 26.836  1.00 52.18 ? 702 VAL A N   1 
ATOM   1236 C CA  . VAL A 1 155 ? -17.778 -13.553 26.746  1.00 51.46 ? 702 VAL A CA  1 
ATOM   1237 C C   . VAL A 1 155 ? -17.103 -14.309 27.885  1.00 51.23 ? 702 VAL A C   1 
ATOM   1238 O O   . VAL A 1 155 ? -17.691 -15.214 28.477  1.00 51.06 ? 702 VAL A O   1 
ATOM   1239 C CB  . VAL A 1 155 ? -17.297 -14.131 25.403  1.00 51.41 ? 702 VAL A CB  1 
ATOM   1240 C CG1 . VAL A 1 155 ? -17.618 -15.616 25.319  1.00 51.05 ? 702 VAL A CG1 1 
ATOM   1241 C CG2 . VAL A 1 155 ? -17.929 -13.376 24.243  1.00 51.04 ? 702 VAL A CG2 1 
ATOM   1242 N N   . ASP A 1 156 ? -15.864 -13.933 28.187  1.00 51.01 ? 703 ASP A N   1 
ATOM   1243 C CA  . ASP A 1 156 ? -15.063 -14.646 29.192  1.00 50.81 ? 703 ASP A CA  1 
ATOM   1244 C C   . ASP A 1 156 ? -15.608 -14.512 30.609  1.00 50.66 ? 703 ASP A C   1 
ATOM   1245 O O   . ASP A 1 156 ? -15.578 -15.476 31.384  1.00 50.60 ? 703 ASP A O   1 
ATOM   1246 C CB  . ASP A 1 156 ? -13.592 -14.226 29.140  1.00 50.81 ? 703 ASP A CB  1 
ATOM   1247 C CG  . ASP A 1 156 ? -12.805 -14.976 28.075  1.00 50.81 ? 703 ASP A CG  1 
ATOM   1248 O OD1 . ASP A 1 156 ? -13.157 -16.130 27.751  1.00 50.32 ? 703 ASP A OD1 1 
ATOM   1249 O OD2 . ASP A 1 156 ? -11.816 -14.411 27.569  1.00 51.01 ? 703 ASP A OD2 1 
ATOM   1250 N N   . LYS A 1 157 ? -16.112 -13.325 30.941  1.00 50.47 ? 704 LYS A N   1 
ATOM   1251 C CA  . LYS A 1 157 ? -16.743 -13.091 32.236  1.00 50.46 ? 704 LYS A CA  1 
ATOM   1252 C C   . LYS A 1 157 ? -18.032 -13.919 32.334  1.00 50.25 ? 704 LYS A C   1 
ATOM   1253 O O   . LYS A 1 157 ? -18.364 -14.456 33.397  1.00 50.26 ? 704 LYS A O   1 
ATOM   1254 C CB  . LYS A 1 157 ? -17.045 -11.598 32.431  1.00 50.53 ? 704 LYS A CB  1 
ATOM   1255 C CG  . LYS A 1 157 ? -16.651 -11.020 33.808  1.00 51.45 ? 704 LYS A CG  1 
ATOM   1256 C CD  . LYS A 1 157 ? -17.074 -11.905 35.006  1.00 52.66 ? 704 LYS A CD  1 
ATOM   1257 C CE  . LYS A 1 157 ? -18.563 -11.789 35.341  1.00 53.09 ? 704 LYS A CE  1 
ATOM   1258 N NZ  . LYS A 1 157 ? -18.871 -10.627 36.220  1.00 53.25 ? 704 LYS A NZ  1 
ATOM   1259 N N   . LEU A 1 158 ? -18.732 -14.017 31.205  1.00 49.94 ? 705 LEU A N   1 
ATOM   1260 C CA  . LEU A 1 158 ? -19.959 -14.800 31.064  1.00 49.61 ? 705 LEU A CA  1 
ATOM   1261 C C   . LEU A 1 158 ? -19.689 -16.302 31.209  1.00 49.34 ? 705 LEU A C   1 
ATOM   1262 O O   . LEU A 1 158 ? -20.468 -17.021 31.831  1.00 49.18 ? 705 LEU A O   1 
ATOM   1263 C CB  . LEU A 1 158 ? -20.572 -14.518 29.691  1.00 49.52 ? 705 LEU A CB  1 
ATOM   1264 C CG  . LEU A 1 158 ? -22.049 -14.756 29.418  1.00 49.81 ? 705 LEU A CG  1 
ATOM   1265 C CD1 . LEU A 1 158 ? -22.816 -13.453 29.586  1.00 49.88 ? 705 LEU A CD1 1 
ATOM   1266 C CD2 . LEU A 1 158 ? -22.223 -15.291 28.008  1.00 49.50 ? 705 LEU A CD2 1 
ATOM   1267 N N   . VAL A 1 159 ? -18.579 -16.760 30.627  1.00 49.30 ? 706 VAL A N   1 
ATOM   1268 C CA  . VAL A 1 159 ? -18.181 -18.170 30.657  1.00 49.05 ? 706 VAL A CA  1 
ATOM   1269 C C   . VAL A 1 159 ? -17.895 -18.630 32.085  1.00 49.23 ? 706 VAL A C   1 
ATOM   1270 O O   . VAL A 1 159 ? -18.396 -19.674 32.519  1.00 49.23 ? 706 VAL A O   1 
ATOM   1271 C CB  . VAL A 1 159 ? -16.970 -18.443 29.714  1.00 49.01 ? 706 VAL A CB  1 
ATOM   1272 C CG1 . VAL A 1 159 ? -16.321 -19.796 30.005  1.00 48.39 ? 706 VAL A CG1 1 
ATOM   1273 C CG2 . VAL A 1 159 ? -17.407 -18.369 28.252  1.00 48.61 ? 706 VAL A CG2 1 
ATOM   1274 N N   . ALA A 1 160 ? -17.117 -17.830 32.814  1.00 49.39 ? 707 ALA A N   1 
ATOM   1275 C CA  . ALA A 1 160 ? -16.754 -18.124 34.205  1.00 49.55 ? 707 ALA A CA  1 
ATOM   1276 C C   . ALA A 1 160 ? -17.965 -18.173 35.147  1.00 49.73 ? 707 ALA A C   1 
ATOM   1277 O O   . ALA A 1 160 ? -17.940 -18.881 36.156  1.00 49.69 ? 707 ALA A O   1 
ATOM   1278 C CB  . ALA A 1 160 ? -15.714 -17.125 34.711  1.00 49.44 ? 707 ALA A CB  1 
ATOM   1279 N N   . LYS A 1 161 ? -19.016 -17.425 34.806  1.00 49.94 ? 708 LYS A N   1 
ATOM   1280 C CA  . LYS A 1 161 ? -20.247 -17.399 35.593  1.00 50.40 ? 708 LYS A CA  1 
ATOM   1281 C C   . LYS A 1 161 ? -20.967 -18.747 35.602  1.00 50.46 ? 708 LYS A C   1 
ATOM   1282 O O   . LYS A 1 161 ? -20.979 -19.456 34.592  1.00 50.60 ? 708 LYS A O   1 
ATOM   1283 C CB  . LYS A 1 161 ? -21.186 -16.307 35.087  1.00 50.50 ? 708 LYS A CB  1 
ATOM   1284 C CG  . LYS A 1 161 ? -20.988 -14.975 35.776  1.00 51.70 ? 708 LYS A CG  1 
ATOM   1285 C CD  . LYS A 1 161 ? -22.337 -14.344 36.103  1.00 53.90 ? 708 LYS A CD  1 
ATOM   1286 C CE  . LYS A 1 161 ? -22.267 -13.438 37.329  1.00 54.64 ? 708 LYS A CE  1 
ATOM   1287 N NZ  . LYS A 1 161 ? -21.525 -12.170 37.051  1.00 55.40 ? 708 LYS A NZ  1 
ATOM   1288 N N   . ALA A 1 162 ? -21.562 -19.088 36.745  1.00 50.42 ? 709 ALA A N   1 
ATOM   1289 C CA  . ALA A 1 162 ? -22.262 -20.362 36.918  1.00 50.39 ? 709 ALA A CA  1 
ATOM   1290 C C   . ALA A 1 162 ? -23.757 -20.229 36.645  1.00 50.37 ? 709 ALA A C   1 
ATOM   1291 O O   . ALA A 1 162 ? -24.512 -19.730 37.482  1.00 50.38 ? 709 ALA A O   1 
ATOM   1292 C CB  . ALA A 1 162 ? -22.018 -20.920 38.318  1.00 50.28 ? 709 ALA A CB  1 
HETATM 1293 O O   . HOH B 2 .   ? 1.783   2.039   6.219   1.00 45.18 ? 1   HOH A O   1 
HETATM 1294 O O   . HOH B 2 .   ? -12.571 -1.897  -0.309  1.00 70.97 ? 4   HOH A O   1 
HETATM 1295 O O   . HOH B 2 .   ? 24.580  7.688   -16.277 1.00 34.24 ? 5   HOH A O   1 
HETATM 1296 O O   . HOH B 2 .   ? 24.837  8.990   -23.702 1.00 60.35 ? 6   HOH A O   1 
HETATM 1297 O O   . HOH B 2 .   ? 14.669  6.982   -8.493  1.00 47.72 ? 7   HOH A O   1 
HETATM 1298 O O   . HOH B 2 .   ? 15.545  0.075   -20.355 1.00 47.32 ? 8   HOH A O   1 
HETATM 1299 O O   . HOH B 2 .   ? 8.437   7.844   -23.155 1.00 59.98 ? 9   HOH A O   1 
HETATM 1300 O O   . HOH B 2 .   ? 10.199  0.749   2.847   1.00 50.32 ? 10  HOH A O   1 
HETATM 1301 O O   . HOH B 2 .   ? -0.190  -10.727 8.901   1.00 40.71 ? 11  HOH A O   1 
HETATM 1302 O O   . HOH B 2 .   ? 0.005   3.331   8.400   1.00 37.37 ? 13  HOH A O   1 
HETATM 1303 O O   . HOH B 2 .   ? -2.565  -14.000 10.948  1.00 41.44 ? 14  HOH A O   1 
HETATM 1304 O O   . HOH B 2 .   ? -6.771  9.119   8.073   1.00 53.53 ? 15  HOH A O   1 
HETATM 1305 O O   . HOH B 2 .   ? -15.695 -17.122 16.833  1.00 54.75 ? 16  HOH A O   1 
HETATM 1306 O O   . HOH B 2 .   ? -8.136  -1.691  15.729  1.00 67.48 ? 17  HOH A O   1 
HETATM 1307 O O   . HOH B 2 .   ? 14.397  12.282  -9.383  1.00 58.92 ? 19  HOH A O   1 
HETATM 1308 O O   . HOH B 2 .   ? -11.641 -2.320  24.023  1.00 50.30 ? 20  HOH A O   1 
HETATM 1309 O O   . HOH B 2 .   ? 0.163   -8.425  10.072  1.00 35.56 ? 21  HOH A O   1 
HETATM 1310 O O   . HOH B 2 .   ? 19.664  8.195   -6.868  1.00 62.43 ? 22  HOH A O   1 
HETATM 1311 O O   . HOH B 2 .   ? 10.500  20.317  -10.662 1.00 62.70 ? 23  HOH A O   1 
HETATM 1312 O O   . HOH B 2 .   ? -15.319 -3.367  11.802  1.00 58.81 ? 24  HOH A O   1 
HETATM 1313 O O   . HOH B 2 .   ? 26.742  4.489   -22.731 1.00 38.89 ? 25  HOH A O   1 
HETATM 1314 O O   . HOH B 2 .   ? 5.212   -6.426  -3.336  1.00 38.44 ? 26  HOH A O   1 
HETATM 1315 O O   . HOH B 2 .   ? -7.352  3.586   10.336  1.00 62.30 ? 27  HOH A O   1 
# 
